data_6VBN
#
_entry.id   6VBN
#
_cell.length_a   78.475
_cell.length_b   143.044
_cell.length_c   147.236
_cell.angle_alpha   90.000
_cell.angle_beta   90.000
_cell.angle_gamma   90.000
#
_symmetry.space_group_name_H-M   'P 21 21 21'
#
loop_
_entity.id
_entity.type
_entity.pdbx_description
1 polymer 'Tryptophan 2,3-dioxygenase'
2 non-polymer 'PROTOPORPHYRIN IX CONTAINING FE'
3 non-polymer 1,5-anhydro-2,3-dideoxy-3-[(5S)-5H-imidazo[5,1-a]isoindol-5-yl]-D-threo-pentitol
4 water water
#
_entity_poly.entity_id   1
_entity_poly.type   'polypeptide(L)'
_entity_poly.pdbx_seq_one_letter_code
;MGSLPVEGSEEDKSQTGVNRASKGGLIYGNYLHLEKVLNAQELQSETKGNKIHDEHLFIITHQAYELWFKQILWELDSVR
EIFQNGHVRDERNMLKVVSRMHRVSVILKLLVQQFSILETMTALDFNDFREYLSPASGFQSLQFRLLENKIGVLQNMRVP
YNRRHYRDNFKGEENELLLKSEQEKTLLELVEAWLERTPGLEPHGFNFWGKLEKNITRGLEEEFIRIQAKEESEEKEEQV
AEFQKQKEVLLSLFDEKRHEHLLSKGERRLSYRALQGALMIYFYREEPRFQVPFQLLTSLMDIDSLMTKWRYNHVCMVHR
MLGSKAGTGGSSGYHYLRSTVSDRYKVFVDLFNLSTYLIPRHWIPKMNPTIHKFGNSDYKDDDDK
;
_entity_poly.pdbx_strand_id   A,B,C,D
#
# COMPACT_ATOMS: atom_id res chain seq x y z
N LEU A 26 -31.68 -2.01 19.89
CA LEU A 26 -30.63 -2.63 19.06
C LEU A 26 -29.25 -2.40 19.65
N ILE A 27 -28.44 -3.46 19.74
CA ILE A 27 -27.11 -3.35 20.32
C ILE A 27 -26.06 -3.87 19.31
N TYR A 28 -24.93 -3.13 19.19
CA TYR A 28 -23.77 -3.40 18.33
C TYR A 28 -23.50 -4.90 18.13
N GLY A 29 -23.23 -5.61 19.22
CA GLY A 29 -22.93 -7.04 19.21
C GLY A 29 -24.02 -7.93 18.65
N ASN A 30 -25.28 -7.59 18.95
CA ASN A 30 -26.46 -8.31 18.49
C ASN A 30 -26.72 -8.05 17.01
N TYR A 31 -26.59 -6.77 16.58
CA TYR A 31 -26.76 -6.36 15.19
C TYR A 31 -25.77 -7.09 14.27
N LEU A 32 -24.50 -7.14 14.69
CA LEU A 32 -23.39 -7.77 13.96
C LEU A 32 -23.27 -9.26 14.25
N HIS A 33 -24.17 -9.82 15.07
CA HIS A 33 -24.24 -11.22 15.45
C HIS A 33 -22.89 -11.76 15.89
N LEU A 34 -22.26 -11.00 16.81
CA LEU A 34 -20.94 -11.33 17.33
C LEU A 34 -20.96 -12.60 18.21
N GLU A 35 -22.17 -13.04 18.66
CA GLU A 35 -22.36 -14.28 19.39
C GLU A 35 -22.07 -15.51 18.49
N LYS A 36 -22.17 -15.33 17.17
CA LYS A 36 -21.89 -16.34 16.16
C LYS A 36 -20.44 -16.16 15.70
N VAL A 37 -20.10 -14.92 15.25
CA VAL A 37 -18.80 -14.54 14.68
C VAL A 37 -17.64 -14.76 15.65
N LEU A 38 -17.77 -14.28 16.89
CA LEU A 38 -16.68 -14.37 17.84
C LEU A 38 -16.73 -15.65 18.70
N ASN A 39 -17.55 -16.63 18.28
CA ASN A 39 -17.67 -17.94 18.92
C ASN A 39 -17.53 -19.05 17.85
N ALA A 40 -16.73 -18.78 16.80
CA ALA A 40 -16.49 -19.69 15.67
C ALA A 40 -15.00 -20.04 15.53
N GLN A 41 -14.21 -19.74 16.58
CA GLN A 41 -12.78 -19.99 16.58
C GLN A 41 -12.44 -21.24 17.39
N GLU A 42 -12.36 -22.41 16.71
CA GLU A 42 -12.05 -23.70 17.31
C GLU A 42 -10.73 -24.24 16.78
N LEU A 43 -9.67 -24.08 17.59
CA LEU A 43 -8.32 -24.57 17.27
C LEU A 43 -8.28 -26.10 17.38
N GLN A 44 -7.95 -26.79 16.26
CA GLN A 44 -7.85 -28.26 16.22
C GLN A 44 -6.68 -28.80 17.04
N SER A 45 -5.59 -28.03 17.16
CA SER A 45 -4.43 -28.42 17.95
C SER A 45 -4.81 -28.42 19.44
N GLU A 46 -5.61 -27.42 19.85
CA GLU A 46 -6.13 -27.24 21.22
C GLU A 46 -7.13 -28.37 21.56
N THR A 47 -7.97 -28.78 20.58
CA THR A 47 -8.94 -29.87 20.69
C THR A 47 -8.21 -31.21 20.90
N LYS A 48 -7.10 -31.42 20.17
CA LYS A 48 -6.24 -32.61 20.23
C LYS A 48 -5.08 -32.47 21.26
N GLY A 49 -5.28 -31.60 22.26
CA GLY A 49 -4.31 -31.36 23.32
C GLY A 49 -3.30 -30.26 23.08
N ASN A 50 -2.22 -30.59 22.30
CA ASN A 50 -1.10 -29.72 21.92
C ASN A 50 -1.52 -28.43 21.21
N LYS A 51 -1.96 -27.39 21.97
CA LYS A 51 -2.39 -26.10 21.43
C LYS A 51 -1.22 -25.33 20.80
N ILE A 52 -1.36 -25.01 19.50
CA ILE A 52 -0.39 -24.22 18.73
C ILE A 52 -0.97 -22.81 18.59
N HIS A 53 -0.23 -21.80 19.07
CA HIS A 53 -0.63 -20.38 19.09
C HIS A 53 -0.95 -19.80 17.72
N ASP A 54 -0.08 -20.04 16.74
CA ASP A 54 -0.23 -19.51 15.40
C ASP A 54 -1.46 -20.05 14.65
N GLU A 55 -2.09 -21.15 15.13
CA GLU A 55 -3.28 -21.74 14.49
C GLU A 55 -4.46 -20.77 14.49
N HIS A 56 -4.59 -19.95 15.55
CA HIS A 56 -5.64 -18.94 15.70
C HIS A 56 -5.52 -17.90 14.56
N LEU A 57 -4.28 -17.51 14.19
CA LEU A 57 -4.05 -16.57 13.09
C LEU A 57 -4.57 -17.18 11.78
N PHE A 58 -4.28 -18.48 11.54
CA PHE A 58 -4.72 -19.22 10.37
C PHE A 58 -6.25 -19.27 10.29
N ILE A 59 -6.95 -19.42 11.44
CA ILE A 59 -8.40 -19.46 11.48
C ILE A 59 -8.98 -18.10 11.10
N ILE A 60 -8.60 -17.04 11.86
CA ILE A 60 -9.04 -15.65 11.65
C ILE A 60 -8.84 -15.19 10.20
N THR A 61 -7.62 -15.40 9.63
CA THR A 61 -7.29 -15.03 8.26
C THR A 61 -8.29 -15.57 7.26
N HIS A 62 -8.57 -16.87 7.30
CA HIS A 62 -9.52 -17.50 6.40
C HIS A 62 -10.93 -17.00 6.63
N GLN A 63 -11.32 -16.80 7.90
CA GLN A 63 -12.66 -16.30 8.24
C GLN A 63 -12.85 -14.90 7.67
N ALA A 64 -11.80 -14.04 7.74
CA ALA A 64 -11.80 -12.69 7.17
C ALA A 64 -11.96 -12.81 5.66
N TYR A 65 -11.17 -13.71 4.99
CA TYR A 65 -11.24 -13.95 3.55
C TYR A 65 -12.64 -14.38 3.16
N GLU A 66 -13.25 -15.32 3.91
CA GLU A 66 -14.59 -15.81 3.59
C GLU A 66 -15.65 -14.73 3.73
N LEU A 67 -15.53 -13.85 4.74
CA LEU A 67 -16.46 -12.74 4.91
C LEU A 67 -16.38 -11.82 3.69
N TRP A 68 -15.15 -11.58 3.18
CA TRP A 68 -14.95 -10.74 2.00
C TRP A 68 -15.42 -11.41 0.72
N PHE A 69 -15.30 -12.76 0.61
CA PHE A 69 -15.83 -13.49 -0.55
C PHE A 69 -17.37 -13.38 -0.58
N LYS A 70 -18.01 -13.43 0.63
CA LYS A 70 -19.45 -13.32 0.76
C LYS A 70 -19.89 -11.95 0.21
N GLN A 71 -19.18 -10.88 0.62
CA GLN A 71 -19.44 -9.52 0.15
C GLN A 71 -19.22 -9.38 -1.36
N ILE A 72 -18.12 -10.02 -1.90
CA ILE A 72 -17.83 -9.97 -3.34
C ILE A 72 -19.00 -10.60 -4.11
N LEU A 73 -19.50 -11.78 -3.64
CA LEU A 73 -20.62 -12.50 -4.25
C LEU A 73 -21.91 -11.67 -4.18
N TRP A 74 -22.13 -10.99 -3.04
CA TRP A 74 -23.28 -10.10 -2.82
C TRP A 74 -23.33 -9.00 -3.90
N GLU A 75 -22.17 -8.39 -4.19
CA GLU A 75 -22.05 -7.34 -5.20
C GLU A 75 -22.20 -7.94 -6.59
N LEU A 76 -21.50 -9.05 -6.85
CA LEU A 76 -21.48 -9.75 -8.13
C LEU A 76 -22.86 -10.21 -8.57
N ASP A 77 -23.64 -10.82 -7.66
CA ASP A 77 -25.00 -11.28 -7.97
C ASP A 77 -25.95 -10.12 -8.24
N SER A 78 -25.78 -9.00 -7.53
CA SER A 78 -26.61 -7.80 -7.75
C SER A 78 -26.30 -7.17 -9.13
N VAL A 79 -25.03 -7.21 -9.54
CA VAL A 79 -24.58 -6.69 -10.83
C VAL A 79 -25.13 -7.58 -11.95
N ARG A 80 -25.05 -8.92 -11.75
CA ARG A 80 -25.54 -9.93 -12.70
C ARG A 80 -27.04 -9.76 -12.96
N GLU A 81 -27.85 -9.50 -11.90
CA GLU A 81 -29.29 -9.35 -12.04
C GLU A 81 -29.65 -8.05 -12.76
N ILE A 82 -28.86 -6.95 -12.62
CA ILE A 82 -29.09 -5.68 -13.34
C ILE A 82 -28.99 -5.94 -14.85
N PHE A 83 -28.02 -6.78 -15.26
CA PHE A 83 -27.81 -7.18 -16.65
C PHE A 83 -28.98 -8.02 -17.14
N GLN A 84 -29.39 -9.05 -16.35
CA GLN A 84 -30.47 -9.99 -16.65
C GLN A 84 -31.83 -9.31 -16.90
N ASN A 85 -32.05 -8.12 -16.33
CA ASN A 85 -33.25 -7.30 -16.51
C ASN A 85 -33.25 -6.60 -17.89
N GLY A 86 -32.08 -6.54 -18.51
CA GLY A 86 -31.88 -5.94 -19.83
C GLY A 86 -31.88 -4.43 -19.84
N HIS A 87 -31.81 -3.79 -18.67
CA HIS A 87 -31.82 -2.34 -18.61
C HIS A 87 -30.47 -1.74 -18.14
N VAL A 88 -29.34 -2.38 -18.51
CA VAL A 88 -27.99 -1.88 -18.16
C VAL A 88 -27.61 -0.65 -18.94
N ARG A 89 -28.15 -0.49 -20.16
CA ARG A 89 -27.81 0.66 -20.99
C ARG A 89 -28.43 1.95 -20.44
N ASP A 90 -29.35 1.83 -19.45
CA ASP A 90 -29.97 2.97 -18.77
C ASP A 90 -28.95 3.52 -17.76
N GLU A 91 -28.39 4.70 -18.06
CA GLU A 91 -27.34 5.41 -17.32
C GLU A 91 -27.39 5.24 -15.78
N ARG A 92 -28.58 5.27 -15.15
CA ARG A 92 -28.71 5.09 -13.70
C ARG A 92 -28.30 3.68 -13.21
N ASN A 93 -28.68 2.64 -13.98
CA ASN A 93 -28.34 1.24 -13.72
C ASN A 93 -26.88 0.99 -14.05
N MET A 94 -26.38 1.65 -15.11
CA MET A 94 -25.00 1.54 -15.55
C MET A 94 -24.02 1.98 -14.46
N LEU A 95 -24.36 3.07 -13.74
CA LEU A 95 -23.57 3.61 -12.64
C LEU A 95 -23.50 2.66 -11.48
N LYS A 96 -24.66 2.03 -11.13
CA LYS A 96 -24.75 1.01 -10.07
C LYS A 96 -23.76 -0.11 -10.41
N VAL A 97 -23.75 -0.59 -11.68
CA VAL A 97 -22.83 -1.63 -12.12
C VAL A 97 -21.37 -1.19 -11.95
N VAL A 98 -20.96 -0.11 -12.63
CA VAL A 98 -19.60 0.42 -12.57
C VAL A 98 -19.09 0.58 -11.13
N SER A 99 -19.91 1.21 -10.25
CA SER A 99 -19.55 1.47 -8.84
C SER A 99 -19.34 0.18 -8.02
N ARG A 100 -20.27 -0.79 -8.17
CA ARG A 100 -20.21 -2.06 -7.45
C ARG A 100 -19.05 -2.92 -7.98
N MET A 101 -18.73 -2.79 -9.29
CA MET A 101 -17.62 -3.49 -9.92
C MET A 101 -16.32 -2.91 -9.43
N HIS A 102 -16.31 -1.60 -9.18
CA HIS A 102 -15.15 -0.92 -8.65
C HIS A 102 -14.95 -1.37 -7.20
N ARG A 103 -16.04 -1.49 -6.42
CA ARG A 103 -16.01 -1.95 -5.02
C ARG A 103 -15.33 -3.33 -4.92
N VAL A 104 -15.68 -4.27 -5.83
CA VAL A 104 -15.10 -5.62 -5.88
C VAL A 104 -13.60 -5.52 -6.09
N SER A 105 -13.21 -4.59 -6.98
CA SER A 105 -11.83 -4.29 -7.29
C SER A 105 -11.10 -3.83 -6.01
N VAL A 106 -11.74 -2.93 -5.22
CA VAL A 106 -11.24 -2.40 -3.95
C VAL A 106 -11.09 -3.50 -2.87
N ILE A 107 -12.11 -4.40 -2.76
CA ILE A 107 -12.09 -5.53 -1.82
C ILE A 107 -10.93 -6.46 -2.18
N LEU A 108 -10.82 -6.84 -3.47
CA LEU A 108 -9.74 -7.71 -3.96
C LEU A 108 -8.35 -7.11 -3.70
N LYS A 109 -8.21 -5.80 -3.88
CA LYS A 109 -6.98 -5.06 -3.64
C LYS A 109 -6.53 -5.28 -2.20
N LEU A 110 -7.50 -5.21 -1.25
CA LEU A 110 -7.26 -5.45 0.18
C LEU A 110 -6.93 -6.93 0.49
N LEU A 111 -7.62 -7.89 -0.12
CA LEU A 111 -7.34 -9.33 0.09
C LEU A 111 -5.91 -9.69 -0.34
N VAL A 112 -5.41 -9.03 -1.40
CA VAL A 112 -4.04 -9.28 -1.87
C VAL A 112 -3.07 -8.84 -0.76
N GLN A 113 -3.34 -7.66 -0.15
CA GLN A 113 -2.57 -7.09 0.95
C GLN A 113 -2.74 -7.90 2.23
N GLN A 114 -3.84 -8.67 2.38
CA GLN A 114 -4.11 -9.50 3.55
C GLN A 114 -3.13 -10.67 3.69
N PHE A 115 -2.41 -11.02 2.60
CA PHE A 115 -1.39 -12.07 2.64
C PHE A 115 -0.23 -11.70 3.53
N SER A 116 0.06 -10.39 3.63
CA SER A 116 1.11 -9.82 4.48
C SER A 116 0.93 -10.21 5.97
N ILE A 117 -0.32 -10.52 6.41
CA ILE A 117 -0.64 -10.95 7.78
C ILE A 117 -0.06 -12.35 7.97
N LEU A 118 -0.30 -13.24 6.99
CA LEU A 118 0.17 -14.62 7.05
C LEU A 118 1.68 -14.75 6.79
N GLU A 119 2.34 -13.66 6.34
CA GLU A 119 3.79 -13.59 6.14
C GLU A 119 4.49 -13.56 7.52
N THR A 120 3.75 -13.15 8.58
CA THR A 120 4.25 -13.08 9.95
C THR A 120 4.34 -14.47 10.58
N MET A 121 3.67 -15.46 9.97
CA MET A 121 3.71 -16.84 10.45
C MET A 121 4.89 -17.53 9.79
N THR A 122 5.74 -18.17 10.60
CA THR A 122 6.93 -18.88 10.11
C THR A 122 6.54 -20.24 9.56
N ALA A 123 7.37 -20.79 8.64
CA ALA A 123 7.16 -22.11 8.04
C ALA A 123 7.13 -23.20 9.13
N LEU A 124 8.02 -23.06 10.15
CA LEU A 124 8.18 -23.96 11.29
C LEU A 124 6.91 -24.02 12.17
N ASP A 125 6.40 -22.83 12.59
CA ASP A 125 5.21 -22.69 13.41
C ASP A 125 3.96 -23.15 12.70
N PHE A 126 3.97 -23.09 11.37
CA PHE A 126 2.84 -23.52 10.55
C PHE A 126 2.75 -25.04 10.52
N ASN A 127 3.91 -25.72 10.41
CA ASN A 127 3.97 -27.18 10.38
C ASN A 127 3.60 -27.86 11.71
N ASP A 128 3.67 -27.09 12.83
CA ASP A 128 3.30 -27.56 14.16
C ASP A 128 1.80 -27.87 14.24
N PHE A 129 0.96 -27.20 13.42
CA PHE A 129 -0.49 -27.43 13.38
C PHE A 129 -1.01 -28.00 12.05
N ARG A 130 -0.18 -27.96 10.97
CA ARG A 130 -0.49 -28.47 9.62
C ARG A 130 -1.18 -29.84 9.64
N GLU A 131 -0.60 -30.75 10.46
CA GLU A 131 -1.03 -32.13 10.71
C GLU A 131 -2.50 -32.25 11.14
N TYR A 132 -2.97 -31.29 11.99
CA TYR A 132 -4.31 -31.21 12.57
C TYR A 132 -5.40 -30.75 11.56
N LEU A 133 -4.98 -30.16 10.42
CA LEU A 133 -5.89 -29.64 9.36
C LEU A 133 -6.40 -30.73 8.41
N SER A 134 -5.54 -31.73 8.06
CA SER A 134 -5.85 -32.86 7.17
C SER A 134 -7.14 -33.61 7.58
N PRO A 135 -8.02 -34.00 6.63
CA PRO A 135 -7.91 -33.93 5.16
C PRO A 135 -8.57 -32.72 4.49
N ALA A 136 -8.94 -31.66 5.28
CA ALA A 136 -9.58 -30.44 4.77
C ALA A 136 -8.70 -29.74 3.72
N SER A 137 -9.31 -29.37 2.56
CA SER A 137 -8.62 -28.76 1.42
C SER A 137 -9.14 -27.36 1.06
N GLY A 138 -8.31 -26.56 0.37
CA GLY A 138 -8.68 -25.24 -0.12
C GLY A 138 -9.71 -25.33 -1.23
N PHE A 139 -9.82 -26.52 -1.82
CA PHE A 139 -10.75 -26.93 -2.87
C PHE A 139 -12.17 -27.11 -2.33
N GLN A 140 -12.33 -27.01 -0.99
CA GLN A 140 -13.61 -27.12 -0.27
C GLN A 140 -14.16 -25.73 0.12
N SER A 141 -13.56 -24.64 -0.46
CA SER A 141 -14.00 -23.26 -0.28
C SER A 141 -15.06 -23.00 -1.33
N LEU A 142 -16.32 -23.24 -0.93
CA LEU A 142 -17.49 -23.07 -1.79
C LEU A 142 -17.56 -21.68 -2.37
N GLN A 143 -17.39 -20.65 -1.53
CA GLN A 143 -17.47 -19.26 -1.94
C GLN A 143 -16.49 -18.91 -3.04
N PHE A 144 -15.24 -19.39 -2.96
CA PHE A 144 -14.22 -19.13 -3.98
C PHE A 144 -14.58 -19.72 -5.33
N ARG A 145 -15.13 -20.94 -5.30
CA ARG A 145 -15.57 -21.71 -6.46
C ARG A 145 -16.75 -21.01 -7.12
N LEU A 146 -17.73 -20.55 -6.32
CA LEU A 146 -18.92 -19.84 -6.79
C LEU A 146 -18.48 -18.53 -7.45
N LEU A 147 -17.55 -17.82 -6.80
CA LEU A 147 -16.97 -16.57 -7.26
C LEU A 147 -16.31 -16.74 -8.64
N GLU A 148 -15.53 -17.84 -8.82
CA GLU A 148 -14.88 -18.16 -10.09
C GLU A 148 -15.93 -18.44 -11.16
N ASN A 149 -16.93 -19.31 -10.86
CA ASN A 149 -17.99 -19.71 -11.78
C ASN A 149 -18.88 -18.56 -12.21
N LYS A 150 -19.27 -17.68 -11.27
CA LYS A 150 -20.13 -16.54 -11.56
C LYS A 150 -19.46 -15.48 -12.44
N ILE A 151 -18.13 -15.28 -12.32
CA ILE A 151 -17.36 -14.34 -13.15
C ILE A 151 -17.35 -14.93 -14.56
N GLY A 152 -17.10 -16.23 -14.65
CA GLY A 152 -17.08 -16.94 -15.92
C GLY A 152 -15.86 -17.79 -16.16
N VAL A 153 -15.29 -18.39 -15.11
CA VAL A 153 -14.16 -19.30 -15.28
C VAL A 153 -14.80 -20.59 -15.84
N LEU A 154 -14.25 -21.09 -16.98
CA LEU A 154 -14.83 -22.26 -17.64
C LEU A 154 -14.18 -23.58 -17.25
N GLN A 155 -15.04 -24.57 -16.97
CA GLN A 155 -14.74 -25.93 -16.50
C GLN A 155 -13.95 -26.77 -17.49
N ASN A 156 -14.33 -26.74 -18.78
CA ASN A 156 -13.65 -27.49 -19.85
C ASN A 156 -12.18 -27.08 -20.06
N MET A 157 -11.88 -25.79 -19.79
CA MET A 157 -10.52 -25.22 -19.89
C MET A 157 -10.04 -24.81 -18.47
N ARG A 158 -10.28 -25.71 -17.50
CA ARG A 158 -9.89 -25.61 -16.09
C ARG A 158 -8.94 -26.79 -15.81
N VAL A 159 -7.71 -26.49 -15.36
CA VAL A 159 -6.65 -27.47 -15.08
C VAL A 159 -7.05 -28.43 -13.94
N PRO A 160 -7.08 -29.77 -14.19
CA PRO A 160 -7.50 -30.71 -13.13
C PRO A 160 -6.37 -31.14 -12.20
N TYR A 161 -6.64 -31.10 -10.89
CA TYR A 161 -5.68 -31.47 -9.85
C TYR A 161 -5.84 -32.92 -9.44
N ASN A 162 -4.75 -33.70 -9.60
CA ASN A 162 -4.61 -35.13 -9.29
C ASN A 162 -5.72 -35.98 -9.97
N ARG A 163 -6.02 -35.65 -11.26
CA ARG A 163 -7.05 -36.31 -12.09
C ARG A 163 -8.42 -36.33 -11.35
N ARG A 164 -8.82 -35.16 -10.83
CA ARG A 164 -10.04 -34.98 -10.05
C ARG A 164 -10.59 -33.57 -10.27
N HIS A 165 -11.86 -33.49 -10.71
CA HIS A 165 -12.56 -32.23 -10.97
C HIS A 165 -12.93 -31.52 -9.66
N TYR A 166 -12.93 -30.18 -9.67
CA TYR A 166 -13.19 -29.32 -8.52
C TYR A 166 -14.49 -29.67 -7.76
N ARG A 167 -15.55 -30.05 -8.50
CA ARG A 167 -16.89 -30.36 -7.98
C ARG A 167 -16.98 -31.66 -7.17
N ASP A 168 -15.97 -32.55 -7.28
CA ASP A 168 -15.89 -33.83 -6.56
C ASP A 168 -15.65 -33.60 -5.06
N ASN A 169 -15.04 -32.44 -4.73
CA ASN A 169 -14.71 -31.99 -3.36
C ASN A 169 -15.95 -31.45 -2.62
N PHE A 170 -17.12 -31.37 -3.31
CA PHE A 170 -18.39 -30.89 -2.78
C PHE A 170 -19.48 -31.94 -2.93
N LYS A 171 -20.42 -31.98 -1.98
CA LYS A 171 -21.54 -32.92 -1.95
C LYS A 171 -22.78 -32.25 -1.34
N GLY A 172 -23.96 -32.79 -1.65
CA GLY A 172 -25.24 -32.33 -1.13
C GLY A 172 -25.72 -31.02 -1.71
N GLU A 173 -26.26 -30.16 -0.80
CA GLU A 173 -26.82 -28.83 -1.09
C GLU A 173 -25.79 -27.94 -1.74
N GLU A 174 -24.52 -28.03 -1.30
CA GLU A 174 -23.38 -27.27 -1.83
C GLU A 174 -23.14 -27.59 -3.30
N ASN A 175 -23.13 -28.90 -3.64
CA ASN A 175 -22.96 -29.39 -5.01
C ASN A 175 -24.11 -28.94 -5.91
N GLU A 176 -25.32 -28.81 -5.35
CA GLU A 176 -26.53 -28.36 -6.05
C GLU A 176 -26.44 -26.86 -6.38
N LEU A 177 -25.96 -26.05 -5.40
CA LEU A 177 -25.76 -24.61 -5.50
C LEU A 177 -24.61 -24.26 -6.45
N LEU A 178 -23.58 -25.11 -6.48
CA LEU A 178 -22.42 -24.95 -7.34
C LEU A 178 -22.76 -25.26 -8.81
N LEU A 179 -23.77 -26.12 -9.03
CA LEU A 179 -24.24 -26.50 -10.37
C LEU A 179 -25.00 -25.32 -10.99
N LYS A 180 -25.79 -24.61 -10.16
CA LYS A 180 -26.55 -23.42 -10.54
C LYS A 180 -25.62 -22.36 -11.10
N SER A 181 -24.46 -22.09 -10.42
CA SER A 181 -23.46 -21.11 -10.83
C SER A 181 -22.83 -21.39 -12.21
N GLU A 182 -22.79 -22.67 -12.60
CA GLU A 182 -22.28 -23.14 -13.89
C GLU A 182 -23.34 -22.90 -14.98
N GLN A 183 -24.59 -23.29 -14.68
CA GLN A 183 -25.74 -23.20 -15.55
C GLN A 183 -26.18 -21.76 -15.84
N GLU A 184 -26.45 -20.98 -14.75
CA GLU A 184 -26.89 -19.58 -14.82
C GLU A 184 -25.95 -18.71 -15.63
N LYS A 185 -26.48 -17.58 -16.16
CA LYS A 185 -25.69 -16.64 -16.96
C LYS A 185 -24.56 -16.04 -16.14
N THR A 186 -23.32 -16.23 -16.60
CA THR A 186 -22.10 -15.69 -15.96
C THR A 186 -21.96 -14.21 -16.31
N LEU A 187 -21.10 -13.49 -15.56
CA LEU A 187 -20.83 -12.08 -15.78
C LEU A 187 -20.29 -11.87 -17.22
N LEU A 188 -19.41 -12.77 -17.68
CA LEU A 188 -18.84 -12.72 -19.04
C LEU A 188 -19.95 -12.83 -20.10
N GLU A 189 -20.85 -13.85 -19.96
CA GLU A 189 -21.98 -14.10 -20.85
C GLU A 189 -22.86 -12.83 -20.97
N LEU A 190 -23.13 -12.17 -19.81
CA LEU A 190 -23.94 -10.97 -19.69
C LEU A 190 -23.28 -9.72 -20.29
N VAL A 191 -21.95 -9.59 -20.10
CA VAL A 191 -21.14 -8.47 -20.63
C VAL A 191 -21.04 -8.62 -22.14
N GLU A 192 -20.87 -9.87 -22.64
CA GLU A 192 -20.81 -10.22 -24.06
C GLU A 192 -22.09 -9.73 -24.74
N ALA A 193 -23.26 -10.10 -24.17
CA ALA A 193 -24.60 -9.73 -24.62
C ALA A 193 -24.75 -8.23 -24.78
N TRP A 194 -24.31 -7.47 -23.76
CA TRP A 194 -24.33 -6.00 -23.70
C TRP A 194 -23.39 -5.42 -24.76
N LEU A 195 -22.21 -6.03 -24.94
CA LEU A 195 -21.20 -5.59 -25.92
C LEU A 195 -21.65 -5.76 -27.36
N GLU A 196 -22.46 -6.82 -27.61
CA GLU A 196 -23.01 -7.14 -28.92
C GLU A 196 -23.99 -6.06 -29.39
N ARG A 197 -24.74 -5.49 -28.43
CA ARG A 197 -25.78 -4.47 -28.66
C ARG A 197 -25.26 -3.02 -28.67
N THR A 198 -23.95 -2.83 -28.92
CA THR A 198 -23.34 -1.52 -28.95
C THR A 198 -23.74 -0.74 -30.21
N PRO A 199 -24.23 0.51 -30.03
CA PRO A 199 -24.62 1.34 -31.19
C PRO A 199 -23.39 1.83 -32.00
N GLY A 200 -23.49 1.73 -33.33
CA GLY A 200 -22.44 2.14 -34.25
C GLY A 200 -21.88 1.00 -35.08
N LEU A 201 -22.12 -0.25 -34.65
CA LEU A 201 -21.66 -1.48 -35.30
C LEU A 201 -22.49 -1.82 -36.54
N GLU A 202 -23.70 -1.19 -36.66
CA GLU A 202 -24.68 -1.36 -37.75
C GLU A 202 -24.05 -1.06 -39.12
N PRO A 203 -24.03 -2.04 -40.07
CA PRO A 203 -23.39 -1.80 -41.38
C PRO A 203 -24.07 -0.75 -42.25
N HIS A 204 -25.38 -0.55 -42.05
CA HIS A 204 -26.17 0.44 -42.78
C HIS A 204 -26.23 1.78 -42.04
N GLY A 205 -25.93 1.74 -40.74
CA GLY A 205 -25.91 2.91 -39.88
C GLY A 205 -24.59 3.65 -39.93
N PHE A 206 -23.82 3.60 -38.82
CA PHE A 206 -22.51 4.26 -38.74
C PHE A 206 -21.43 3.42 -39.46
N ASN A 207 -21.55 2.07 -39.38
CA ASN A 207 -20.62 1.07 -39.94
C ASN A 207 -19.19 1.34 -39.49
N PHE A 208 -18.92 1.02 -38.22
CA PHE A 208 -17.63 1.20 -37.59
C PHE A 208 -16.58 0.24 -38.17
N TRP A 209 -16.89 -1.08 -38.20
CA TRP A 209 -16.02 -2.16 -38.66
C TRP A 209 -15.60 -2.02 -40.12
N GLY A 210 -16.51 -1.49 -40.93
CA GLY A 210 -16.26 -1.23 -42.34
C GLY A 210 -15.26 -0.10 -42.45
N LYS A 211 -15.66 1.09 -41.93
CA LYS A 211 -14.84 2.32 -41.90
C LYS A 211 -13.44 2.04 -41.36
N LEU A 212 -13.34 1.23 -40.27
CA LEU A 212 -12.11 0.84 -39.60
C LEU A 212 -11.22 0.00 -40.52
N GLU A 213 -11.80 -1.02 -41.20
CA GLU A 213 -11.08 -1.90 -42.12
C GLU A 213 -10.41 -1.13 -43.26
N LYS A 214 -11.18 -0.21 -43.90
CA LYS A 214 -10.71 0.64 -45.00
C LYS A 214 -9.58 1.54 -44.55
N ASN A 215 -9.79 2.24 -43.42
CA ASN A 215 -8.84 3.16 -42.81
C ASN A 215 -7.51 2.50 -42.41
N ILE A 216 -7.55 1.26 -41.87
CA ILE A 216 -6.34 0.52 -41.48
C ILE A 216 -5.55 0.13 -42.73
N THR A 217 -6.26 -0.25 -43.82
CA THR A 217 -5.63 -0.63 -45.10
C THR A 217 -4.89 0.58 -45.71
N ARG A 218 -5.60 1.71 -45.88
CA ARG A 218 -5.07 2.97 -46.40
C ARG A 218 -3.94 3.53 -45.52
N GLY A 219 -4.12 3.41 -44.21
CA GLY A 219 -3.17 3.86 -43.21
C GLY A 219 -1.84 3.14 -43.32
N LEU A 220 -1.91 1.79 -43.45
CA LEU A 220 -0.71 0.94 -43.59
C LEU A 220 0.02 1.25 -44.90
N GLU A 221 -0.75 1.54 -45.98
CA GLU A 221 -0.21 1.91 -47.30
C GLU A 221 0.66 3.16 -47.16
N GLU A 222 0.11 4.24 -46.55
CA GLU A 222 0.81 5.51 -46.32
C GLU A 222 2.05 5.32 -45.43
N GLU A 223 1.93 4.49 -44.38
CA GLU A 223 3.03 4.19 -43.46
C GLU A 223 4.13 3.41 -44.19
N PHE A 224 3.73 2.63 -45.22
CA PHE A 224 4.67 1.86 -46.02
C PHE A 224 5.52 2.80 -46.92
N ILE A 225 4.85 3.78 -47.60
CA ILE A 225 5.51 4.80 -48.44
C ILE A 225 6.59 5.52 -47.61
N ARG A 226 6.20 5.94 -46.38
CA ARG A 226 7.00 6.61 -45.37
C ARG A 226 8.28 5.82 -44.98
N ILE A 227 8.16 4.50 -44.71
CA ILE A 227 9.33 3.67 -44.36
C ILE A 227 10.20 3.40 -45.59
N GLN A 228 9.57 3.17 -46.75
CA GLN A 228 10.28 2.85 -47.99
C GLN A 228 11.12 3.99 -48.55
N ALA A 229 10.62 5.24 -48.43
CA ALA A 229 11.33 6.42 -48.91
C ALA A 229 12.58 6.77 -48.06
N LYS A 230 12.71 6.16 -46.86
CA LYS A 230 13.85 6.35 -45.94
C LYS A 230 15.16 5.77 -46.51
N GLU A 231 16.29 6.21 -45.95
CA GLU A 231 17.63 5.77 -46.36
C GLU A 231 17.93 4.35 -45.92
N GLU A 232 18.43 3.55 -46.87
CA GLU A 232 18.79 2.14 -46.69
C GLU A 232 19.87 2.02 -45.63
N SER A 233 19.48 1.52 -44.45
CA SER A 233 20.32 1.34 -43.27
C SER A 233 19.83 0.11 -42.46
N GLU A 234 20.40 -0.13 -41.26
CA GLU A 234 19.98 -1.23 -40.38
C GLU A 234 18.82 -0.78 -39.48
N GLU A 235 18.57 0.53 -39.47
CA GLU A 235 17.45 1.14 -38.75
C GLU A 235 16.20 0.98 -39.62
N LYS A 236 16.34 1.12 -40.97
CA LYS A 236 15.25 0.97 -41.96
C LYS A 236 14.76 -0.48 -41.99
N GLU A 237 15.69 -1.47 -41.96
CA GLU A 237 15.36 -2.91 -41.98
C GLU A 237 14.67 -3.36 -40.68
N GLU A 238 14.88 -2.62 -39.57
CA GLU A 238 14.26 -2.87 -38.26
C GLU A 238 12.80 -2.38 -38.34
N GLN A 239 12.60 -1.19 -38.94
CA GLN A 239 11.29 -0.56 -39.14
C GLN A 239 10.43 -1.35 -40.12
N VAL A 240 11.09 -1.99 -41.11
CA VAL A 240 10.45 -2.85 -42.12
C VAL A 240 9.89 -4.11 -41.41
N ALA A 241 10.76 -4.89 -40.73
CA ALA A 241 10.39 -6.11 -39.98
C ALA A 241 9.27 -5.84 -38.96
N GLU A 242 9.26 -4.62 -38.37
CA GLU A 242 8.23 -4.24 -37.42
C GLU A 242 6.92 -3.91 -38.12
N PHE A 243 7.00 -3.19 -39.27
CA PHE A 243 5.82 -2.86 -40.06
C PHE A 243 5.13 -4.12 -40.55
N GLN A 244 5.90 -5.08 -41.05
CA GLN A 244 5.41 -6.37 -41.56
C GLN A 244 4.69 -7.15 -40.45
N LYS A 245 5.25 -7.12 -39.23
CA LYS A 245 4.67 -7.80 -38.06
C LYS A 245 3.36 -7.12 -37.60
N GLN A 246 3.36 -5.76 -37.56
CA GLN A 246 2.18 -4.99 -37.15
C GLN A 246 1.08 -5.07 -38.17
N LYS A 247 1.44 -5.08 -39.49
CA LYS A 247 0.49 -5.22 -40.61
C LYS A 247 -0.29 -6.54 -40.47
N GLU A 248 0.44 -7.61 -40.14
CA GLU A 248 -0.09 -8.96 -39.92
C GLU A 248 -1.12 -8.95 -38.78
N VAL A 249 -0.77 -8.33 -37.63
CA VAL A 249 -1.61 -8.27 -36.44
C VAL A 249 -2.90 -7.49 -36.65
N LEU A 250 -2.78 -6.31 -37.25
CA LEU A 250 -3.91 -5.43 -37.49
C LEU A 250 -4.87 -6.03 -38.48
N LEU A 251 -4.36 -6.62 -39.58
CA LEU A 251 -5.21 -7.18 -40.61
C LEU A 251 -5.87 -8.49 -40.19
N SER A 252 -5.26 -9.21 -39.24
CA SER A 252 -5.80 -10.47 -38.69
C SER A 252 -7.06 -10.29 -37.81
N LEU A 253 -7.39 -9.03 -37.46
CA LEU A 253 -8.53 -8.63 -36.64
C LEU A 253 -9.84 -8.78 -37.41
N PHE A 254 -9.78 -8.51 -38.71
CA PHE A 254 -10.92 -8.58 -39.60
C PHE A 254 -11.23 -10.01 -40.06
N ASP A 255 -10.36 -10.97 -39.65
CA ASP A 255 -10.50 -12.40 -39.89
C ASP A 255 -11.41 -12.99 -38.78
N GLU A 256 -12.71 -13.18 -39.12
CA GLU A 256 -13.69 -13.76 -38.23
C GLU A 256 -13.50 -15.25 -38.01
N LYS A 257 -13.01 -16.01 -39.02
CA LYS A 257 -12.78 -17.45 -38.81
C LYS A 257 -11.66 -17.68 -37.83
N ARG A 258 -10.58 -16.84 -37.87
CA ARG A 258 -9.46 -16.96 -36.94
C ARG A 258 -10.00 -16.82 -35.53
N HIS A 259 -10.88 -15.82 -35.30
CA HIS A 259 -11.53 -15.53 -34.02
C HIS A 259 -12.32 -16.74 -33.54
N GLU A 260 -13.17 -17.32 -34.43
CA GLU A 260 -14.00 -18.50 -34.20
C GLU A 260 -13.16 -19.72 -33.78
N HIS A 261 -11.96 -19.85 -34.38
CA HIS A 261 -11.03 -20.94 -34.11
C HIS A 261 -10.35 -20.74 -32.76
N LEU A 262 -10.03 -19.47 -32.43
CA LEU A 262 -9.40 -19.14 -31.16
C LEU A 262 -10.38 -19.28 -29.98
N LEU A 263 -11.69 -19.06 -30.23
CA LEU A 263 -12.75 -19.20 -29.26
C LEU A 263 -12.93 -20.66 -28.81
N SER A 264 -12.89 -21.59 -29.79
CA SER A 264 -13.03 -23.04 -29.57
C SER A 264 -11.83 -23.58 -28.78
N LYS A 265 -10.62 -23.03 -29.03
CA LYS A 265 -9.38 -23.38 -28.34
C LYS A 265 -9.38 -22.84 -26.90
N GLY A 266 -10.14 -21.76 -26.68
CA GLY A 266 -10.26 -21.09 -25.40
C GLY A 266 -9.36 -19.87 -25.29
N GLU A 267 -8.54 -19.61 -26.32
CA GLU A 267 -7.60 -18.48 -26.38
C GLU A 267 -8.31 -17.09 -26.41
N ARG A 268 -9.61 -17.06 -26.72
CA ARG A 268 -10.47 -15.89 -26.73
C ARG A 268 -11.81 -16.30 -26.09
N ARG A 269 -12.51 -15.37 -25.45
CA ARG A 269 -13.76 -15.69 -24.73
C ARG A 269 -15.00 -15.01 -25.30
N LEU A 270 -14.87 -13.73 -25.72
CA LEU A 270 -15.95 -12.93 -26.28
C LEU A 270 -16.22 -13.29 -27.73
N SER A 271 -17.49 -13.19 -28.15
CA SER A 271 -17.95 -13.40 -29.52
C SER A 271 -17.36 -12.30 -30.43
N TYR A 272 -17.32 -12.53 -31.74
CA TYR A 272 -16.76 -11.56 -32.68
C TYR A 272 -17.46 -10.18 -32.62
N ARG A 273 -18.82 -10.15 -32.51
CA ARG A 273 -19.57 -8.89 -32.41
C ARG A 273 -19.30 -8.16 -31.08
N ALA A 274 -19.10 -8.92 -29.98
CA ALA A 274 -18.77 -8.38 -28.66
C ALA A 274 -17.41 -7.68 -28.73
N LEU A 275 -16.44 -8.32 -29.41
CA LEU A 275 -15.08 -7.79 -29.62
C LEU A 275 -15.11 -6.45 -30.38
N GLN A 276 -16.06 -6.31 -31.33
CA GLN A 276 -16.25 -5.09 -32.12
C GLN A 276 -16.75 -3.95 -31.23
N GLY A 277 -17.72 -4.26 -30.36
CA GLY A 277 -18.29 -3.31 -29.40
C GLY A 277 -17.24 -2.84 -28.43
N ALA A 278 -16.43 -3.78 -27.89
CA ALA A 278 -15.32 -3.50 -26.97
C ALA A 278 -14.31 -2.56 -27.60
N LEU A 279 -13.95 -2.79 -28.88
CA LEU A 279 -13.00 -1.93 -29.61
C LEU A 279 -13.53 -0.55 -29.86
N MET A 280 -14.85 -0.45 -30.02
CA MET A 280 -15.50 0.83 -30.25
C MET A 280 -15.42 1.71 -29.00
N ILE A 281 -15.74 1.13 -27.83
CA ILE A 281 -15.67 1.79 -26.53
C ILE A 281 -14.21 2.18 -26.27
N TYR A 282 -13.28 1.25 -26.52
CA TYR A 282 -11.84 1.43 -26.33
C TYR A 282 -11.27 2.62 -27.13
N PHE A 283 -11.72 2.81 -28.39
CA PHE A 283 -11.23 3.90 -29.23
C PHE A 283 -11.92 5.23 -28.89
N TYR A 284 -13.24 5.18 -28.67
CA TYR A 284 -14.06 6.35 -28.35
C TYR A 284 -14.23 6.57 -26.82
N ARG A 285 -13.25 6.14 -25.99
CA ARG A 285 -13.23 6.25 -24.51
C ARG A 285 -13.35 7.71 -24.02
N GLU A 286 -12.81 8.66 -24.81
CA GLU A 286 -12.84 10.10 -24.53
C GLU A 286 -14.22 10.72 -24.86
N GLU A 287 -15.05 10.00 -25.63
CA GLU A 287 -16.40 10.48 -25.99
C GLU A 287 -17.35 10.40 -24.82
N PRO A 288 -18.29 11.37 -24.68
CA PRO A 288 -19.24 11.35 -23.57
C PRO A 288 -20.11 10.10 -23.46
N ARG A 289 -20.52 9.55 -24.60
CA ARG A 289 -21.37 8.37 -24.64
C ARG A 289 -20.61 7.09 -24.22
N PHE A 290 -19.27 7.10 -24.36
CA PHE A 290 -18.44 5.92 -24.09
C PHE A 290 -17.53 6.03 -22.85
N GLN A 291 -17.70 7.06 -22.00
CA GLN A 291 -16.88 7.23 -20.78
C GLN A 291 -17.18 6.16 -19.72
N VAL A 292 -18.47 6.03 -19.35
CA VAL A 292 -18.96 5.09 -18.34
C VAL A 292 -18.84 3.64 -18.86
N PRO A 293 -19.22 3.28 -20.12
CA PRO A 293 -19.00 1.90 -20.58
C PRO A 293 -17.54 1.47 -20.50
N PHE A 294 -16.61 2.42 -20.75
CA PHE A 294 -15.17 2.19 -20.66
C PHE A 294 -14.74 1.91 -19.21
N GLN A 295 -15.27 2.71 -18.26
CA GLN A 295 -15.01 2.57 -16.83
C GLN A 295 -15.37 1.13 -16.42
N LEU A 296 -16.53 0.58 -16.92
CA LEU A 296 -16.93 -0.79 -16.65
C LEU A 296 -15.88 -1.77 -17.17
N LEU A 297 -15.44 -1.58 -18.45
CA LEU A 297 -14.43 -2.44 -19.07
C LEU A 297 -13.16 -2.44 -18.26
N THR A 298 -12.77 -1.25 -17.76
CA THR A 298 -11.60 -1.06 -16.90
C THR A 298 -11.76 -1.88 -15.62
N SER A 299 -12.92 -1.76 -14.94
CA SER A 299 -13.27 -2.49 -13.70
C SER A 299 -13.14 -4.00 -13.83
N LEU A 300 -13.62 -4.56 -14.97
CA LEU A 300 -13.58 -5.99 -15.29
C LEU A 300 -12.15 -6.42 -15.45
N MET A 301 -11.34 -5.60 -16.11
CA MET A 301 -9.93 -5.90 -16.31
C MET A 301 -9.22 -5.86 -14.96
N ASP A 302 -9.57 -4.90 -14.09
CA ASP A 302 -9.00 -4.76 -12.75
C ASP A 302 -9.28 -6.02 -11.94
N ILE A 303 -10.54 -6.50 -11.98
CA ILE A 303 -11.00 -7.71 -11.29
C ILE A 303 -10.17 -8.91 -11.71
N ASP A 304 -9.91 -9.05 -13.02
CA ASP A 304 -9.10 -10.13 -13.58
C ASP A 304 -7.66 -10.07 -13.18
N SER A 305 -7.10 -8.85 -13.13
CA SER A 305 -5.71 -8.59 -12.75
C SER A 305 -5.52 -8.96 -11.28
N LEU A 306 -6.43 -8.47 -10.41
CA LEU A 306 -6.41 -8.72 -8.97
C LEU A 306 -6.69 -10.16 -8.60
N MET A 307 -7.51 -10.85 -9.39
CA MET A 307 -7.80 -12.26 -9.16
C MET A 307 -6.54 -13.05 -9.42
N THR A 308 -5.71 -12.57 -10.40
CA THR A 308 -4.44 -13.17 -10.75
C THR A 308 -3.41 -12.87 -9.64
N LYS A 309 -3.29 -11.60 -9.23
CA LYS A 309 -2.39 -11.18 -8.13
C LYS A 309 -2.71 -11.94 -6.85
N TRP A 310 -4.00 -12.25 -6.58
CA TRP A 310 -4.41 -13.05 -5.42
C TRP A 310 -3.87 -14.46 -5.56
N ARG A 311 -4.02 -15.09 -6.75
CA ARG A 311 -3.56 -16.45 -7.06
C ARG A 311 -2.03 -16.54 -6.95
N TYR A 312 -1.33 -15.51 -7.46
CA TYR A 312 0.13 -15.39 -7.43
C TYR A 312 0.62 -15.27 -5.99
N ASN A 313 0.04 -14.35 -5.20
CA ASN A 313 0.40 -14.16 -3.78
C ASN A 313 0.10 -15.39 -2.92
N HIS A 314 -0.87 -16.21 -3.35
CA HIS A 314 -1.26 -17.45 -2.69
C HIS A 314 -0.27 -18.57 -3.02
N VAL A 315 0.16 -18.67 -4.30
CA VAL A 315 1.14 -19.67 -4.74
C VAL A 315 2.53 -19.37 -4.11
N CYS A 316 2.80 -18.10 -3.81
CA CYS A 316 4.05 -17.66 -3.18
C CYS A 316 4.03 -18.00 -1.68
N MET A 317 2.83 -18.25 -1.10
CA MET A 317 2.66 -18.65 0.30
C MET A 317 2.74 -20.14 0.42
N VAL A 318 2.15 -20.90 -0.53
CA VAL A 318 2.17 -22.37 -0.51
C VAL A 318 3.60 -22.90 -0.69
N HIS A 319 4.43 -22.16 -1.44
CA HIS A 319 5.82 -22.49 -1.69
C HIS A 319 6.61 -22.36 -0.38
N ARG A 320 6.52 -21.18 0.25
CA ARG A 320 7.17 -20.78 1.50
C ARG A 320 6.77 -21.67 2.70
N MET A 321 5.51 -22.19 2.70
CA MET A 321 4.93 -23.00 3.79
C MET A 321 5.01 -24.51 3.59
N LEU A 322 4.96 -24.99 2.32
CA LEU A 322 4.97 -26.43 2.05
C LEU A 322 6.10 -26.91 1.13
N GLY A 323 6.47 -26.09 0.14
CA GLY A 323 7.53 -26.41 -0.81
C GLY A 323 7.07 -26.65 -2.23
N SER A 324 8.03 -26.68 -3.17
CA SER A 324 7.83 -26.90 -4.61
C SER A 324 7.28 -28.28 -4.96
N LYS A 325 7.55 -29.31 -4.11
CA LYS A 325 7.16 -30.69 -4.40
C LYS A 325 6.06 -31.26 -3.48
N ALA A 326 5.98 -30.81 -2.21
CA ALA A 326 4.95 -31.29 -1.27
C ALA A 326 3.54 -30.95 -1.77
N GLY A 327 2.71 -31.99 -1.87
CA GLY A 327 1.34 -31.87 -2.33
C GLY A 327 0.34 -32.57 -1.42
N THR A 328 -0.83 -32.95 -1.98
CA THR A 328 -1.86 -33.67 -1.24
C THR A 328 -1.71 -35.14 -1.56
N GLY A 329 -1.81 -35.50 -2.84
CA GLY A 329 -1.64 -36.86 -3.33
C GLY A 329 -0.23 -37.07 -3.84
N GLY A 330 -0.14 -37.66 -5.02
CA GLY A 330 1.14 -37.88 -5.69
C GLY A 330 1.59 -36.66 -6.46
N SER A 331 0.63 -35.74 -6.74
CA SER A 331 0.81 -34.48 -7.48
C SER A 331 1.33 -33.35 -6.57
N SER A 332 1.96 -32.32 -7.19
CA SER A 332 2.49 -31.17 -6.46
C SER A 332 1.45 -30.06 -6.35
N GLY A 333 1.32 -29.53 -5.14
CA GLY A 333 0.39 -28.44 -4.83
C GLY A 333 0.82 -27.15 -5.50
N TYR A 334 2.12 -26.77 -5.29
CA TYR A 334 2.74 -25.56 -5.85
C TYR A 334 2.68 -25.50 -7.39
N HIS A 335 2.95 -26.63 -8.06
CA HIS A 335 2.94 -26.76 -9.53
C HIS A 335 1.54 -26.54 -10.15
N TYR A 336 0.48 -27.06 -9.50
CA TYR A 336 -0.90 -26.89 -9.95
C TYR A 336 -1.33 -25.45 -9.79
N LEU A 337 -1.06 -24.87 -8.60
CA LEU A 337 -1.43 -23.49 -8.33
C LEU A 337 -0.64 -22.54 -9.25
N ARG A 338 0.55 -22.99 -9.75
CA ARG A 338 1.38 -22.23 -10.70
C ARG A 338 0.71 -22.19 -12.07
N SER A 339 -0.05 -23.24 -12.42
CA SER A 339 -0.77 -23.34 -13.70
C SER A 339 -2.10 -22.55 -13.73
N THR A 340 -2.57 -22.07 -12.55
CA THR A 340 -3.80 -21.28 -12.45
C THR A 340 -3.47 -19.79 -12.67
N VAL A 341 -2.23 -19.37 -12.30
CA VAL A 341 -1.68 -18.00 -12.47
C VAL A 341 -1.20 -17.91 -13.94
N SER A 342 -2.17 -17.87 -14.87
CA SER A 342 -1.95 -17.81 -16.31
C SER A 342 -3.11 -17.07 -16.99
N ASP A 343 -3.04 -16.94 -18.33
CA ASP A 343 -4.03 -16.21 -19.12
C ASP A 343 -5.30 -17.01 -19.42
N ARG A 344 -5.27 -18.35 -19.20
CA ARG A 344 -6.45 -19.21 -19.40
C ARG A 344 -7.50 -18.97 -18.31
N TYR A 345 -7.06 -18.57 -17.10
CA TYR A 345 -7.94 -18.27 -15.99
C TYR A 345 -8.44 -16.82 -16.05
N LYS A 346 -7.87 -16.02 -16.99
CA LYS A 346 -8.28 -14.64 -17.23
C LYS A 346 -9.55 -14.64 -18.09
N VAL A 347 -10.69 -14.41 -17.44
CA VAL A 347 -12.03 -14.38 -18.04
C VAL A 347 -12.11 -13.26 -19.09
N PHE A 348 -11.63 -12.06 -18.74
CA PHE A 348 -11.67 -10.89 -19.59
C PHE A 348 -10.35 -10.69 -20.36
N VAL A 349 -9.83 -11.79 -20.89
CA VAL A 349 -8.57 -11.85 -21.63
C VAL A 349 -8.63 -11.00 -22.92
N ASP A 350 -9.80 -11.00 -23.59
CA ASP A 350 -10.05 -10.25 -24.83
C ASP A 350 -9.88 -8.76 -24.61
N LEU A 351 -10.33 -8.27 -23.43
CA LEU A 351 -10.25 -6.87 -23.05
C LEU A 351 -8.79 -6.43 -22.87
N PHE A 352 -7.92 -7.34 -22.38
CA PHE A 352 -6.49 -7.06 -22.22
C PHE A 352 -5.80 -6.93 -23.58
N ASN A 353 -6.29 -7.70 -24.57
CA ASN A 353 -5.75 -7.72 -25.92
C ASN A 353 -6.20 -6.53 -26.78
N LEU A 354 -7.10 -5.65 -26.27
CA LEU A 354 -7.54 -4.50 -27.07
C LEU A 354 -6.42 -3.53 -27.40
N SER A 355 -5.43 -3.48 -26.50
CA SER A 355 -4.24 -2.65 -26.67
C SER A 355 -3.39 -3.12 -27.84
N THR A 356 -3.47 -4.42 -28.20
CA THR A 356 -2.67 -4.95 -29.31
C THR A 356 -3.23 -4.37 -30.65
N TYR A 357 -4.49 -3.87 -30.65
CA TYR A 357 -5.11 -3.30 -31.84
C TYR A 357 -5.17 -1.79 -31.84
N LEU A 358 -4.29 -1.11 -31.07
CA LEU A 358 -4.31 0.36 -31.08
C LEU A 358 -3.61 0.89 -32.33
N ILE A 359 -4.28 1.83 -32.98
CA ILE A 359 -3.88 2.48 -34.23
C ILE A 359 -3.73 3.99 -34.02
N PRO A 360 -2.86 4.70 -34.80
CA PRO A 360 -2.75 6.17 -34.66
C PRO A 360 -4.10 6.88 -34.69
N ARG A 361 -4.27 7.88 -33.81
CA ARG A 361 -5.50 8.65 -33.57
C ARG A 361 -6.29 9.03 -34.85
N HIS A 362 -5.59 9.48 -35.91
CA HIS A 362 -6.22 9.89 -37.17
C HIS A 362 -6.79 8.72 -38.01
N TRP A 363 -6.32 7.47 -37.78
CA TRP A 363 -6.84 6.29 -38.49
C TRP A 363 -8.22 5.92 -37.96
N ILE A 364 -8.55 6.32 -36.71
CA ILE A 364 -9.82 6.01 -36.07
C ILE A 364 -10.97 6.76 -36.78
N PRO A 365 -12.01 6.02 -37.28
CA PRO A 365 -13.14 6.67 -37.97
C PRO A 365 -13.79 7.80 -37.19
N LYS A 366 -14.03 8.95 -37.84
CA LYS A 366 -14.63 10.12 -37.17
C LYS A 366 -16.11 9.88 -36.82
N MET A 367 -16.54 10.46 -35.67
CA MET A 367 -17.89 10.37 -35.09
C MET A 367 -18.96 11.23 -35.80
N ASN A 368 -20.19 10.66 -35.91
CA ASN A 368 -21.36 11.27 -36.56
C ASN A 368 -22.23 12.14 -35.60
N PRO A 369 -22.35 13.47 -35.85
CA PRO A 369 -23.18 14.31 -34.97
C PRO A 369 -24.67 14.24 -35.35
N LEU B 26 -11.03 -32.93 9.33
CA LEU B 26 -12.32 -32.28 9.11
C LEU B 26 -12.48 -31.79 7.65
N ILE B 27 -13.48 -30.92 7.42
CA ILE B 27 -13.78 -30.24 6.16
C ILE B 27 -13.64 -28.73 6.40
N TYR B 28 -13.02 -28.01 5.43
CA TYR B 28 -12.77 -26.56 5.39
C TYR B 28 -13.84 -25.74 6.11
N GLY B 29 -15.09 -25.82 5.63
CA GLY B 29 -16.23 -25.08 6.16
C GLY B 29 -16.55 -25.37 7.62
N ASN B 30 -16.42 -26.64 8.01
CA ASN B 30 -16.69 -27.12 9.37
C ASN B 30 -15.58 -26.70 10.32
N TYR B 31 -14.31 -26.79 9.86
CA TYR B 31 -13.13 -26.41 10.64
C TYR B 31 -13.18 -24.93 11.00
N LEU B 32 -13.52 -24.09 10.02
CA LEU B 32 -13.60 -22.63 10.14
C LEU B 32 -14.94 -22.15 10.69
N HIS B 33 -15.89 -23.08 10.92
CA HIS B 33 -17.23 -22.83 11.44
C HIS B 33 -17.95 -21.79 10.60
N LEU B 34 -17.93 -22.00 9.28
CA LEU B 34 -18.54 -21.08 8.33
C LEU B 34 -20.07 -21.08 8.42
N GLU B 35 -20.66 -22.11 9.10
CA GLU B 35 -22.09 -22.24 9.36
C GLU B 35 -22.55 -21.15 10.35
N LYS B 36 -21.59 -20.63 11.16
CA LYS B 36 -21.81 -19.55 12.13
C LYS B 36 -21.45 -18.23 11.46
N VAL B 37 -20.20 -18.14 10.92
CA VAL B 37 -19.61 -16.95 10.30
C VAL B 37 -20.42 -16.43 9.11
N LEU B 38 -20.75 -17.31 8.17
CA LEU B 38 -21.45 -16.89 6.95
C LEU B 38 -22.99 -16.94 7.09
N ASN B 39 -23.49 -17.07 8.33
CA ASN B 39 -24.92 -17.04 8.65
C ASN B 39 -25.20 -16.05 9.79
N ALA B 40 -24.37 -14.97 9.86
CA ALA B 40 -24.44 -13.93 10.87
C ALA B 40 -24.74 -12.54 10.26
N GLN B 41 -25.17 -12.53 9.00
CA GLN B 41 -25.45 -11.31 8.25
C GLN B 41 -26.95 -11.06 8.18
N GLU B 42 -27.47 -10.26 9.13
CA GLU B 42 -28.89 -9.92 9.21
C GLU B 42 -29.08 -8.41 9.02
N LEU B 43 -29.51 -8.03 7.80
CA LEU B 43 -29.77 -6.65 7.41
C LEU B 43 -31.03 -6.13 8.11
N GLN B 44 -30.90 -5.07 8.93
CA GLN B 44 -32.01 -4.47 9.65
C GLN B 44 -32.99 -3.75 8.73
N SER B 45 -32.52 -3.23 7.58
CA SER B 45 -33.37 -2.56 6.61
C SER B 45 -34.29 -3.59 5.94
N GLU B 46 -33.73 -4.80 5.66
CA GLU B 46 -34.43 -5.96 5.09
C GLU B 46 -35.49 -6.50 6.07
N THR B 47 -35.15 -6.55 7.38
CA THR B 47 -36.02 -6.97 8.49
C THR B 47 -37.22 -6.00 8.61
N LYS B 48 -36.96 -4.67 8.49
CA LYS B 48 -37.96 -3.61 8.55
C LYS B 48 -38.54 -3.25 7.16
N GLY B 49 -38.50 -4.20 6.23
CA GLY B 49 -39.04 -4.05 4.88
C GLY B 49 -38.08 -3.55 3.82
N ASN B 50 -37.90 -2.22 3.77
CA ASN B 50 -37.05 -1.47 2.84
C ASN B 50 -35.55 -1.90 2.86
N LYS B 51 -35.22 -3.00 2.14
CA LYS B 51 -33.84 -3.53 2.07
C LYS B 51 -32.88 -2.58 1.32
N ILE B 52 -31.81 -2.16 2.01
CA ILE B 52 -30.76 -1.28 1.46
C ILE B 52 -29.54 -2.16 1.20
N HIS B 53 -29.06 -2.17 -0.08
CA HIS B 53 -27.93 -2.99 -0.55
C HIS B 53 -26.64 -2.75 0.18
N ASP B 54 -26.25 -1.47 0.35
CA ASP B 54 -25.00 -1.10 0.99
C ASP B 54 -24.89 -1.48 2.47
N GLU B 55 -26.02 -1.84 3.12
CA GLU B 55 -26.05 -2.25 4.53
C GLU B 55 -25.21 -3.50 4.77
N HIS B 56 -25.23 -4.43 3.82
CA HIS B 56 -24.46 -5.67 3.86
C HIS B 56 -22.95 -5.37 3.93
N LEU B 57 -22.46 -4.33 3.20
CA LEU B 57 -21.05 -3.93 3.24
C LEU B 57 -20.69 -3.45 4.64
N PHE B 58 -21.59 -2.65 5.26
CA PHE B 58 -21.42 -2.13 6.61
C PHE B 58 -21.34 -3.28 7.63
N ILE B 59 -22.13 -4.35 7.45
CA ILE B 59 -22.13 -5.50 8.36
C ILE B 59 -20.77 -6.24 8.25
N ILE B 60 -20.43 -6.70 7.02
CA ILE B 60 -19.19 -7.43 6.73
C ILE B 60 -17.94 -6.68 7.23
N THR B 61 -17.83 -5.36 6.94
CA THR B 61 -16.69 -4.53 7.35
C THR B 61 -16.44 -4.63 8.83
N HIS B 62 -17.49 -4.42 9.66
CA HIS B 62 -17.38 -4.49 11.11
C HIS B 62 -17.05 -5.89 11.58
N GLN B 63 -17.65 -6.91 10.96
CA GLN B 63 -17.39 -8.30 11.31
C GLN B 63 -15.92 -8.66 11.05
N ALA B 64 -15.36 -8.15 9.93
CA ALA B 64 -13.94 -8.33 9.58
C ALA B 64 -13.07 -7.63 10.65
N TYR B 65 -13.44 -6.37 11.03
CA TYR B 65 -12.74 -5.60 12.05
C TYR B 65 -12.73 -6.36 13.38
N GLU B 66 -13.90 -6.89 13.78
CA GLU B 66 -14.01 -7.63 15.04
C GLU B 66 -13.19 -8.92 15.04
N LEU B 67 -13.13 -9.63 13.89
CA LEU B 67 -12.29 -10.82 13.79
C LEU B 67 -10.82 -10.45 14.01
N TRP B 68 -10.40 -9.30 13.45
CA TRP B 68 -9.03 -8.84 13.59
C TRP B 68 -8.73 -8.35 15.00
N PHE B 69 -9.73 -7.73 15.68
CA PHE B 69 -9.55 -7.31 17.07
C PHE B 69 -9.37 -8.54 17.97
N LYS B 70 -10.12 -9.64 17.68
CA LYS B 70 -10.02 -10.90 18.42
C LYS B 70 -8.58 -11.42 18.32
N GLN B 71 -8.04 -11.44 17.09
CA GLN B 71 -6.67 -11.87 16.82
C GLN B 71 -5.64 -10.97 17.52
N ILE B 72 -5.87 -9.63 17.51
CA ILE B 72 -4.95 -8.68 18.17
C ILE B 72 -4.90 -8.99 19.68
N LEU B 73 -6.09 -9.22 20.30
CA LEU B 73 -6.22 -9.57 21.72
C LEU B 73 -5.54 -10.90 22.04
N TRP B 74 -5.70 -11.89 21.14
CA TRP B 74 -5.07 -13.21 21.24
C TRP B 74 -3.53 -13.07 21.36
N GLU B 75 -2.94 -12.22 20.52
CA GLU B 75 -1.50 -11.97 20.50
C GLU B 75 -1.09 -11.18 21.73
N LEU B 76 -1.85 -10.11 22.03
CA LEU B 76 -1.60 -9.21 23.15
C LEU B 76 -1.61 -9.93 24.50
N ASP B 77 -2.62 -10.79 24.75
CA ASP B 77 -2.72 -11.56 25.98
C ASP B 77 -1.58 -12.57 26.13
N SER B 78 -1.15 -13.20 25.01
CA SER B 78 -0.04 -14.15 25.03
C SER B 78 1.28 -13.44 25.34
N VAL B 79 1.45 -12.21 24.83
CA VAL B 79 2.63 -11.37 25.06
C VAL B 79 2.65 -10.95 26.54
N ARG B 80 1.49 -10.51 27.06
CA ARG B 80 1.32 -10.08 28.46
C ARG B 80 1.69 -11.20 29.44
N GLU B 81 1.27 -12.45 29.16
CA GLU B 81 1.57 -13.57 30.04
C GLU B 81 3.06 -13.95 30.02
N ILE B 82 3.78 -13.77 28.88
CA ILE B 82 5.22 -14.05 28.79
C ILE B 82 5.98 -13.12 29.76
N PHE B 83 5.53 -11.85 29.85
CA PHE B 83 6.06 -10.84 30.77
C PHE B 83 5.76 -11.23 32.23
N GLN B 84 4.50 -11.60 32.53
CA GLN B 84 4.02 -11.99 33.86
C GLN B 84 4.79 -13.17 34.48
N ASN B 85 5.35 -14.05 33.63
CA ASN B 85 6.18 -15.19 34.06
C ASN B 85 7.59 -14.75 34.50
N GLY B 86 7.97 -13.53 34.14
CA GLY B 86 9.26 -12.93 34.47
C GLY B 86 10.44 -13.47 33.70
N HIS B 87 10.20 -14.22 32.62
CA HIS B 87 11.28 -14.79 31.83
C HIS B 87 11.37 -14.17 30.43
N VAL B 88 10.98 -12.90 30.32
CA VAL B 88 11.03 -12.15 29.06
C VAL B 88 12.44 -11.99 28.56
N ARG B 89 13.38 -11.74 29.48
CA ARG B 89 14.81 -11.51 29.16
C ARG B 89 15.48 -12.71 28.50
N ASP B 90 14.91 -13.92 28.66
CA ASP B 90 15.39 -15.16 28.04
C ASP B 90 15.16 -15.07 26.53
N GLU B 91 16.25 -14.94 25.76
CA GLU B 91 16.30 -14.75 24.30
C GLU B 91 15.19 -15.43 23.49
N ARG B 92 14.83 -16.69 23.83
CA ARG B 92 13.78 -17.43 23.12
C ARG B 92 12.38 -16.83 23.32
N ASN B 93 12.08 -16.38 24.56
CA ASN B 93 10.82 -15.72 24.91
C ASN B 93 10.77 -14.32 24.35
N MET B 94 11.95 -13.64 24.33
CA MET B 94 12.09 -12.28 23.82
C MET B 94 11.69 -12.20 22.34
N LEU B 95 12.10 -13.20 21.55
CA LEU B 95 11.79 -13.33 20.13
C LEU B 95 10.29 -13.50 19.89
N LYS B 96 9.64 -14.36 20.70
CA LYS B 96 8.20 -14.61 20.66
C LYS B 96 7.49 -13.26 20.84
N VAL B 97 7.92 -12.45 21.85
CA VAL B 97 7.34 -11.14 22.13
C VAL B 97 7.50 -10.22 20.91
N VAL B 98 8.75 -9.94 20.51
CA VAL B 98 9.06 -9.07 19.36
C VAL B 98 8.26 -9.43 18.10
N SER B 99 8.23 -10.74 17.72
CA SER B 99 7.52 -11.23 16.54
C SER B 99 6.00 -11.02 16.61
N ARG B 100 5.39 -11.35 17.76
CA ARG B 100 3.95 -11.20 17.98
C ARG B 100 3.56 -9.72 18.05
N MET B 101 4.46 -8.87 18.58
CA MET B 101 4.26 -7.42 18.65
C MET B 101 4.32 -6.83 17.26
N HIS B 102 5.20 -7.39 16.42
CA HIS B 102 5.33 -6.97 15.04
C HIS B 102 4.07 -7.38 14.29
N ARG B 103 3.55 -8.60 14.55
CA ARG B 103 2.32 -9.12 13.94
C ARG B 103 1.15 -8.16 14.17
N VAL B 104 0.99 -7.65 15.42
CA VAL B 104 -0.07 -6.72 15.80
C VAL B 104 0.07 -5.46 14.96
N SER B 105 1.32 -5.02 14.75
CA SER B 105 1.67 -3.86 13.94
C SER B 105 1.20 -4.10 12.50
N VAL B 106 1.45 -5.30 11.95
CA VAL B 106 1.06 -5.74 10.61
C VAL B 106 -0.48 -5.81 10.45
N ILE B 107 -1.20 -6.35 11.47
CA ILE B 107 -2.66 -6.42 11.48
C ILE B 107 -3.24 -5.02 11.47
N LEU B 108 -2.75 -4.14 12.37
CA LEU B 108 -3.20 -2.75 12.46
C LEU B 108 -2.96 -1.98 11.15
N LYS B 109 -1.81 -2.22 10.49
CA LYS B 109 -1.47 -1.62 9.21
C LYS B 109 -2.56 -1.94 8.19
N LEU B 110 -3.02 -3.20 8.16
CA LEU B 110 -4.10 -3.67 7.28
C LEU B 110 -5.46 -3.07 7.68
N LEU B 111 -5.73 -3.01 8.98
CA LEU B 111 -6.97 -2.47 9.53
C LEU B 111 -7.19 -0.98 9.16
N VAL B 112 -6.08 -0.21 8.99
CA VAL B 112 -6.09 1.20 8.58
C VAL B 112 -6.48 1.25 7.08
N GLN B 113 -5.90 0.33 6.28
CA GLN B 113 -6.18 0.18 4.85
C GLN B 113 -7.60 -0.32 4.60
N GLN B 114 -8.22 -1.01 5.57
CA GLN B 114 -9.58 -1.54 5.46
C GLN B 114 -10.64 -0.43 5.36
N PHE B 115 -10.30 0.81 5.75
CA PHE B 115 -11.20 1.96 5.65
C PHE B 115 -11.53 2.27 4.21
N SER B 116 -10.56 2.01 3.31
CA SER B 116 -10.69 2.20 1.86
C SER B 116 -11.89 1.42 1.25
N ILE B 117 -12.33 0.31 1.91
CA ILE B 117 -13.50 -0.48 1.49
C ILE B 117 -14.75 0.35 1.73
N LEU B 118 -14.86 0.96 2.92
CA LEU B 118 -16.01 1.79 3.29
C LEU B 118 -16.04 3.14 2.57
N GLU B 119 -14.93 3.52 1.90
CA GLU B 119 -14.84 4.74 1.09
C GLU B 119 -15.66 4.56 -0.19
N THR B 120 -15.95 3.31 -0.58
CA THR B 120 -16.75 2.97 -1.75
C THR B 120 -18.24 3.20 -1.51
N MET B 121 -18.64 3.32 -0.23
CA MET B 121 -20.01 3.59 0.16
C MET B 121 -20.23 5.11 0.16
N THR B 122 -21.28 5.56 -0.53
CA THR B 122 -21.61 6.99 -0.63
C THR B 122 -22.34 7.44 0.63
N ALA B 123 -22.25 8.75 0.94
CA ALA B 123 -22.91 9.35 2.10
C ALA B 123 -24.43 9.17 2.00
N LEU B 124 -24.99 9.29 0.77
CA LEU B 124 -26.42 9.13 0.45
C LEU B 124 -26.93 7.72 0.73
N ASP B 125 -26.24 6.69 0.19
CA ASP B 125 -26.56 5.28 0.37
C ASP B 125 -26.40 4.83 1.83
N PHE B 126 -25.51 5.50 2.57
CA PHE B 126 -25.31 5.20 3.97
C PHE B 126 -26.52 5.62 4.77
N ASN B 127 -27.00 6.86 4.54
CA ASN B 127 -28.14 7.43 5.27
C ASN B 127 -29.46 6.70 5.03
N ASP B 128 -29.55 5.92 3.95
CA ASP B 128 -30.73 5.11 3.63
C ASP B 128 -30.96 4.00 4.66
N PHE B 129 -29.88 3.52 5.33
CA PHE B 129 -29.97 2.48 6.36
C PHE B 129 -29.59 2.97 7.78
N ARG B 130 -28.92 4.15 7.90
CA ARG B 130 -28.46 4.77 9.15
C ARG B 130 -29.51 4.70 10.27
N GLU B 131 -30.78 5.02 9.92
CA GLU B 131 -31.95 5.04 10.81
C GLU B 131 -32.23 3.69 11.48
N TYR B 132 -32.04 2.58 10.75
CA TYR B 132 -32.28 1.22 11.22
C TYR B 132 -31.22 0.74 12.24
N LEU B 133 -30.05 1.41 12.27
CA LEU B 133 -28.92 1.06 13.16
C LEU B 133 -29.12 1.53 14.61
N SER B 134 -29.86 2.64 14.82
CA SER B 134 -30.15 3.24 16.13
C SER B 134 -30.93 2.26 17.05
N PRO B 135 -30.62 2.20 18.37
CA PRO B 135 -29.66 3.01 19.14
C PRO B 135 -28.25 2.40 19.35
N ALA B 136 -27.88 1.36 18.56
CA ALA B 136 -26.58 0.69 18.67
C ALA B 136 -25.43 1.69 18.41
N SER B 137 -24.40 1.67 19.28
CA SER B 137 -23.26 2.59 19.25
C SER B 137 -21.91 1.90 19.07
N GLY B 138 -20.92 2.67 18.61
CA GLY B 138 -19.55 2.20 18.45
C GLY B 138 -18.91 1.90 19.79
N PHE B 139 -19.40 2.59 20.85
CA PHE B 139 -18.94 2.43 22.23
C PHE B 139 -19.36 1.09 22.83
N GLN B 140 -20.15 0.29 22.06
CA GLN B 140 -20.61 -1.05 22.46
C GLN B 140 -19.69 -2.14 21.82
N SER B 141 -18.49 -1.72 21.33
CA SER B 141 -17.49 -2.63 20.78
C SER B 141 -16.58 -3.03 21.93
N LEU B 142 -16.95 -4.14 22.60
CA LEU B 142 -16.23 -4.67 23.74
C LEU B 142 -14.77 -4.92 23.43
N GLN B 143 -14.49 -5.58 22.29
CA GLN B 143 -13.14 -5.92 21.88
C GLN B 143 -12.22 -4.71 21.75
N PHE B 144 -12.72 -3.59 21.18
CA PHE B 144 -11.94 -2.36 21.04
C PHE B 144 -11.56 -1.77 22.39
N ARG B 145 -12.52 -1.78 23.33
CA ARG B 145 -12.38 -1.28 24.69
C ARG B 145 -11.36 -2.12 25.47
N LEU B 146 -11.46 -3.47 25.34
CA LEU B 146 -10.53 -4.41 25.98
C LEU B 146 -9.12 -4.19 25.45
N LEU B 147 -9.01 -4.01 24.12
CA LEU B 147 -7.76 -3.76 23.42
C LEU B 147 -7.10 -2.49 23.94
N GLU B 148 -7.89 -1.41 24.14
CA GLU B 148 -7.39 -0.14 24.67
C GLU B 148 -6.90 -0.33 26.11
N ASN B 149 -7.71 -0.98 26.97
CA ASN B 149 -7.40 -1.21 28.38
C ASN B 149 -6.17 -2.09 28.59
N LYS B 150 -6.05 -3.18 27.81
CA LYS B 150 -4.93 -4.11 27.90
C LYS B 150 -3.60 -3.49 27.49
N ILE B 151 -3.61 -2.50 26.56
CA ILE B 151 -2.39 -1.81 26.15
C ILE B 151 -1.96 -0.87 27.26
N GLY B 152 -2.89 -0.07 27.76
CA GLY B 152 -2.61 0.88 28.83
C GLY B 152 -3.22 2.25 28.65
N VAL B 153 -4.40 2.31 28.01
CA VAL B 153 -5.13 3.57 27.85
C VAL B 153 -5.82 3.79 29.20
N LEU B 154 -5.39 4.84 29.91
CA LEU B 154 -5.89 5.12 31.25
C LEU B 154 -7.25 5.82 31.27
N GLN B 155 -8.19 5.26 32.05
CA GLN B 155 -9.59 5.69 32.23
C GLN B 155 -9.72 7.12 32.78
N ASN B 156 -8.81 7.49 33.70
CA ASN B 156 -8.78 8.81 34.35
C ASN B 156 -8.58 9.92 33.31
N MET B 157 -7.62 9.73 32.40
CA MET B 157 -7.33 10.69 31.33
C MET B 157 -7.99 10.25 29.99
N ARG B 158 -9.21 9.70 30.09
CA ARG B 158 -10.04 9.28 28.96
C ARG B 158 -11.14 10.33 28.82
N VAL B 159 -11.25 10.95 27.62
CA VAL B 159 -12.24 12.00 27.31
C VAL B 159 -13.70 11.41 27.32
N PRO B 160 -14.64 11.96 28.15
CA PRO B 160 -16.02 11.43 28.18
C PRO B 160 -16.94 12.04 27.11
N TYR B 161 -17.84 11.21 26.53
CA TYR B 161 -18.80 11.62 25.50
C TYR B 161 -20.22 11.71 26.06
N ASN B 162 -20.95 12.80 25.71
CA ASN B 162 -22.34 13.12 26.10
C ASN B 162 -22.57 13.00 27.64
N ARG B 163 -21.55 13.44 28.44
CA ARG B 163 -21.49 13.38 29.92
C ARG B 163 -21.64 11.93 30.47
N ARG B 164 -21.42 10.94 29.59
CA ARG B 164 -21.52 9.51 29.85
C ARG B 164 -20.14 8.85 29.82
N HIS B 165 -19.86 7.99 30.83
CA HIS B 165 -18.61 7.25 31.01
C HIS B 165 -18.53 6.08 30.00
N TYR B 166 -17.31 5.60 29.68
CA TYR B 166 -17.04 4.55 28.69
C TYR B 166 -17.63 3.16 29.05
N ARG B 167 -17.76 2.86 30.36
CA ARG B 167 -18.23 1.57 30.90
C ARG B 167 -19.75 1.46 31.12
N ASP B 168 -20.51 2.56 30.93
CA ASP B 168 -21.98 2.59 31.10
C ASP B 168 -22.73 1.90 29.94
N ASN B 169 -22.08 1.82 28.75
CA ASN B 169 -22.63 1.17 27.54
C ASN B 169 -22.71 -0.34 27.75
N PHE B 170 -21.74 -0.89 28.51
CA PHE B 170 -21.61 -2.32 28.84
C PHE B 170 -22.26 -2.59 30.18
N LYS B 171 -23.36 -3.32 30.15
CA LYS B 171 -24.07 -3.65 31.37
C LYS B 171 -24.36 -5.16 31.45
N GLY B 172 -23.42 -5.91 32.03
CA GLY B 172 -23.57 -7.35 32.20
C GLY B 172 -22.28 -8.08 32.47
N GLU B 173 -22.16 -9.32 31.98
CA GLU B 173 -20.96 -10.15 32.06
C GLU B 173 -19.76 -9.50 31.33
N GLU B 174 -20.10 -8.69 30.31
CA GLU B 174 -19.16 -7.90 29.51
C GLU B 174 -18.49 -6.85 30.43
N ASN B 175 -19.26 -6.22 31.34
CA ASN B 175 -18.78 -5.22 32.30
C ASN B 175 -17.82 -5.88 33.29
N GLU B 176 -18.06 -7.16 33.63
CA GLU B 176 -17.22 -7.97 34.52
C GLU B 176 -15.85 -8.25 33.87
N LEU B 177 -15.87 -8.63 32.57
CA LEU B 177 -14.69 -8.91 31.76
C LEU B 177 -13.88 -7.62 31.48
N LEU B 178 -14.57 -6.48 31.35
CA LEU B 178 -13.94 -5.18 31.10
C LEU B 178 -13.27 -4.62 32.35
N LEU B 179 -13.75 -5.05 33.53
CA LEU B 179 -13.21 -4.65 34.82
C LEU B 179 -11.86 -5.35 35.02
N LYS B 180 -11.77 -6.62 34.61
CA LYS B 180 -10.57 -7.45 34.67
C LYS B 180 -9.42 -6.77 33.91
N SER B 181 -9.69 -6.26 32.68
CA SER B 181 -8.73 -5.58 31.82
C SER B 181 -8.14 -4.30 32.44
N GLU B 182 -8.92 -3.64 33.32
CA GLU B 182 -8.52 -2.43 34.05
C GLU B 182 -7.61 -2.81 35.23
N GLN B 183 -8.02 -3.85 35.98
CA GLN B 183 -7.34 -4.36 37.17
C GLN B 183 -6.01 -5.04 36.84
N GLU B 184 -6.03 -6.04 35.94
CA GLU B 184 -4.87 -6.82 35.53
C GLU B 184 -3.73 -5.93 35.00
N LYS B 185 -2.49 -6.45 35.05
CA LYS B 185 -1.30 -5.74 34.58
C LYS B 185 -1.40 -5.47 33.07
N THR B 186 -1.34 -4.18 32.69
CA THR B 186 -1.38 -3.74 31.29
C THR B 186 -0.02 -3.95 30.65
N LEU B 187 0.04 -3.90 29.32
CA LEU B 187 1.25 -4.05 28.53
C LEU B 187 2.28 -2.97 28.89
N LEU B 188 1.81 -1.73 29.18
CA LEU B 188 2.68 -0.62 29.60
C LEU B 188 3.31 -0.92 30.98
N GLU B 189 2.48 -1.35 31.96
CA GLU B 189 2.90 -1.72 33.32
C GLU B 189 4.01 -2.80 33.24
N LEU B 190 3.82 -3.82 32.38
CA LEU B 190 4.74 -4.93 32.19
C LEU B 190 6.04 -4.54 31.48
N VAL B 191 5.96 -3.63 30.49
CA VAL B 191 7.11 -3.12 29.74
C VAL B 191 7.95 -2.23 30.66
N GLU B 192 7.27 -1.40 31.51
CA GLU B 192 7.88 -0.53 32.52
C GLU B 192 8.77 -1.38 33.44
N ALA B 193 8.19 -2.47 34.00
CA ALA B 193 8.83 -3.43 34.89
C ALA B 193 10.11 -4.00 34.28
N TRP B 194 10.04 -4.41 33.00
CA TRP B 194 11.14 -4.95 32.21
C TRP B 194 12.20 -3.88 31.97
N LEU B 195 11.78 -2.64 31.68
CA LEU B 195 12.68 -1.51 31.42
C LEU B 195 13.47 -1.09 32.64
N GLU B 196 12.85 -1.24 33.83
CA GLU B 196 13.45 -0.92 35.13
C GLU B 196 14.65 -1.84 35.42
N ARG B 197 14.55 -3.11 34.99
CA ARG B 197 15.54 -4.16 35.21
C ARG B 197 16.62 -4.24 34.11
N THR B 198 16.84 -3.14 33.36
CA THR B 198 17.84 -3.06 32.30
C THR B 198 19.28 -3.05 32.88
N PRO B 199 20.16 -3.97 32.42
CA PRO B 199 21.54 -3.98 32.92
C PRO B 199 22.36 -2.78 32.43
N GLY B 200 23.11 -2.17 33.35
CA GLY B 200 23.96 -1.01 33.08
C GLY B 200 23.57 0.23 33.84
N LEU B 201 22.32 0.25 34.37
CA LEU B 201 21.75 1.37 35.12
C LEU B 201 22.30 1.44 36.55
N GLU B 202 22.91 0.32 37.03
CA GLU B 202 23.51 0.14 38.37
C GLU B 202 24.55 1.24 38.66
N PRO B 203 24.36 2.06 39.73
CA PRO B 203 25.30 3.16 40.01
C PRO B 203 26.71 2.71 40.40
N HIS B 204 26.81 1.50 40.99
CA HIS B 204 28.09 0.92 41.42
C HIS B 204 28.69 0.02 40.33
N GLY B 205 27.85 -0.40 39.36
CA GLY B 205 28.23 -1.22 38.22
C GLY B 205 28.77 -0.41 37.08
N PHE B 206 28.01 -0.35 35.95
CA PHE B 206 28.41 0.43 34.76
C PHE B 206 28.15 1.93 34.98
N ASN B 207 27.04 2.27 35.70
CA ASN B 207 26.58 3.64 35.99
C ASN B 207 26.44 4.45 34.71
N PHE B 208 25.39 4.14 33.94
CA PHE B 208 25.07 4.79 32.68
C PHE B 208 24.62 6.23 32.91
N TRP B 209 23.62 6.41 33.80
CA TRP B 209 23.02 7.70 34.17
C TRP B 209 24.04 8.71 34.67
N GLY B 210 25.02 8.22 35.42
CA GLY B 210 26.12 9.02 35.94
C GLY B 210 27.00 9.50 34.80
N LYS B 211 27.62 8.54 34.09
CA LYS B 211 28.49 8.75 32.93
C LYS B 211 27.88 9.67 31.87
N LEU B 212 26.57 9.49 31.58
CA LEU B 212 25.81 10.29 30.63
C LEU B 212 25.69 11.77 31.09
N GLU B 213 25.25 12.00 32.35
CA GLU B 213 25.09 13.33 32.96
C GLU B 213 26.36 14.17 32.81
N LYS B 214 27.53 13.52 33.07
CA LYS B 214 28.84 14.15 33.00
C LYS B 214 29.21 14.54 31.56
N ASN B 215 29.14 13.61 30.59
CA ASN B 215 29.49 13.85 29.19
C ASN B 215 28.63 14.92 28.51
N ILE B 216 27.33 15.01 28.90
CA ILE B 216 26.33 15.96 28.40
C ILE B 216 26.59 17.36 28.93
N THR B 217 26.70 17.51 30.28
CA THR B 217 26.97 18.81 30.95
C THR B 217 28.23 19.39 30.34
N ARG B 218 29.27 18.55 30.19
CA ARG B 218 30.55 18.91 29.56
C ARG B 218 30.39 19.19 28.05
N GLY B 219 29.49 18.47 27.38
CA GLY B 219 29.23 18.67 25.95
C GLY B 219 28.52 19.99 25.67
N LEU B 220 27.62 20.39 26.58
CA LEU B 220 26.87 21.64 26.46
C LEU B 220 27.74 22.84 26.80
N GLU B 221 28.70 22.68 27.73
CA GLU B 221 29.64 23.74 28.10
C GLU B 221 30.48 24.10 26.88
N GLU B 222 30.87 23.06 26.11
CA GLU B 222 31.61 23.08 24.85
C GLU B 222 30.79 23.80 23.79
N GLU B 223 29.47 23.53 23.79
CA GLU B 223 28.50 24.07 22.85
C GLU B 223 28.14 25.56 23.10
N PHE B 224 27.90 25.98 24.37
CA PHE B 224 27.55 27.36 24.75
C PHE B 224 28.67 28.35 24.43
N ILE B 225 29.91 27.95 24.76
CA ILE B 225 31.13 28.72 24.49
C ILE B 225 31.32 28.81 22.96
N ARG B 226 31.05 27.71 22.22
CA ARG B 226 31.19 27.67 20.76
C ARG B 226 30.18 28.56 20.03
N ILE B 227 28.94 28.69 20.55
CA ILE B 227 27.90 29.54 19.94
C ILE B 227 28.16 31.03 20.26
N GLN B 228 28.98 31.28 21.29
CA GLN B 228 29.43 32.60 21.73
C GLN B 228 30.67 33.02 20.91
N ALA B 229 31.57 32.04 20.57
CA ALA B 229 32.80 32.20 19.76
C ALA B 229 32.45 32.31 18.24
N LYS B 230 31.29 32.94 17.97
CA LYS B 230 30.74 33.22 16.64
C LYS B 230 30.35 34.69 16.59
N GLU B 231 30.56 35.30 15.41
CA GLU B 231 30.28 36.71 15.08
C GLU B 231 28.87 37.14 15.49
N GLU B 232 28.75 38.35 16.07
CA GLU B 232 27.46 38.86 16.52
C GLU B 232 26.55 39.21 15.32
N SER B 233 25.70 38.24 14.94
CA SER B 233 24.74 38.32 13.83
C SER B 233 23.29 38.26 14.34
N GLU B 234 22.31 38.32 13.41
CA GLU B 234 20.86 38.21 13.66
C GLU B 234 20.57 36.77 14.14
N GLU B 235 21.32 35.80 13.58
CA GLU B 235 21.31 34.36 13.81
C GLU B 235 21.61 34.00 15.28
N LYS B 236 22.47 34.78 15.94
CA LYS B 236 22.91 34.55 17.32
C LYS B 236 21.83 34.77 18.38
N GLU B 237 21.01 35.85 18.29
CA GLU B 237 19.90 36.14 19.23
C GLU B 237 18.89 34.97 19.28
N GLU B 238 18.81 34.23 18.16
CA GLU B 238 17.97 33.05 17.90
C GLU B 238 18.66 31.78 18.42
N GLN B 239 19.97 31.65 18.17
CA GLN B 239 20.78 30.51 18.59
C GLN B 239 20.98 30.46 20.10
N VAL B 240 21.13 31.64 20.76
CA VAL B 240 21.29 31.78 22.22
C VAL B 240 20.00 31.32 22.88
N ALA B 241 18.85 31.77 22.34
CA ALA B 241 17.51 31.42 22.81
C ALA B 241 17.20 29.93 22.58
N GLU B 242 17.79 29.32 21.52
CA GLU B 242 17.67 27.90 21.17
C GLU B 242 18.45 27.08 22.17
N PHE B 243 19.58 27.62 22.60
CA PHE B 243 20.44 26.99 23.58
C PHE B 243 19.73 26.87 24.92
N GLN B 244 19.10 27.97 25.42
CA GLN B 244 18.36 27.98 26.70
C GLN B 244 17.22 26.97 26.74
N LYS B 245 16.65 26.60 25.56
CA LYS B 245 15.62 25.59 25.44
C LYS B 245 16.22 24.19 25.25
N GLN B 246 17.32 24.05 24.44
CA GLN B 246 18.01 22.76 24.26
C GLN B 246 18.66 22.30 25.56
N LYS B 247 19.35 23.22 26.27
CA LYS B 247 19.99 23.01 27.57
C LYS B 247 18.94 22.57 28.58
N GLU B 248 17.77 23.26 28.59
CA GLU B 248 16.63 22.98 29.46
C GLU B 248 16.13 21.55 29.26
N VAL B 249 15.87 21.17 27.99
CA VAL B 249 15.39 19.85 27.59
C VAL B 249 16.39 18.76 28.00
N LEU B 250 17.67 18.92 27.59
CA LEU B 250 18.72 17.95 27.84
C LEU B 250 19.06 17.75 29.32
N LEU B 251 18.98 18.82 30.14
CA LEU B 251 19.28 18.69 31.57
C LEU B 251 18.07 18.27 32.41
N SER B 252 16.83 18.63 31.97
CA SER B 252 15.57 18.26 32.65
C SER B 252 15.42 16.74 32.71
N LEU B 253 16.24 16.05 31.92
CA LEU B 253 16.34 14.62 31.84
C LEU B 253 16.88 14.07 33.17
N PHE B 254 17.77 14.84 33.82
CA PHE B 254 18.41 14.48 35.07
C PHE B 254 17.65 15.02 36.31
N ASP B 255 16.63 15.89 36.08
CA ASP B 255 15.75 16.45 37.13
C ASP B 255 14.60 15.48 37.35
N GLU B 256 14.69 14.66 38.41
CA GLU B 256 13.66 13.67 38.72
C GLU B 256 12.35 14.29 39.20
N LYS B 257 12.39 15.48 39.82
CA LYS B 257 11.17 16.15 40.32
C LYS B 257 10.26 16.59 39.19
N ARG B 258 10.86 17.05 38.07
CA ARG B 258 10.13 17.45 36.88
C ARG B 258 9.38 16.23 36.33
N HIS B 259 10.08 15.06 36.27
CA HIS B 259 9.57 13.77 35.80
C HIS B 259 8.39 13.29 36.65
N GLU B 260 8.47 13.52 37.97
CA GLU B 260 7.43 13.15 38.94
C GLU B 260 6.19 14.07 38.83
N HIS B 261 6.39 15.34 38.44
CA HIS B 261 5.32 16.32 38.24
C HIS B 261 4.60 16.04 36.91
N LEU B 262 5.37 15.69 35.86
CA LEU B 262 4.82 15.38 34.54
C LEU B 262 4.06 14.06 34.52
N LEU B 263 4.39 13.12 35.44
CA LEU B 263 3.72 11.82 35.60
C LEU B 263 2.30 11.99 36.17
N SER B 264 2.17 12.87 37.18
CA SER B 264 0.90 13.19 37.83
C SER B 264 -0.05 13.91 36.87
N LYS B 265 0.51 14.75 35.96
CA LYS B 265 -0.23 15.49 34.95
C LYS B 265 -0.75 14.58 33.82
N GLY B 266 -0.06 13.45 33.60
CA GLY B 266 -0.41 12.50 32.55
C GLY B 266 0.48 12.63 31.33
N GLU B 267 1.34 13.68 31.31
CA GLU B 267 2.28 13.99 30.24
C GLU B 267 3.41 12.94 30.06
N ARG B 268 3.65 12.09 31.09
CA ARG B 268 4.62 10.99 31.09
C ARG B 268 3.97 9.75 31.73
N ARG B 269 4.24 8.55 31.16
CA ARG B 269 3.63 7.30 31.62
C ARG B 269 4.59 6.35 32.34
N LEU B 270 5.83 6.22 31.82
CA LEU B 270 6.87 5.36 32.38
C LEU B 270 7.52 6.00 33.60
N SER B 271 7.96 5.14 34.55
CA SER B 271 8.68 5.54 35.75
C SER B 271 10.08 6.07 35.36
N TYR B 272 10.77 6.81 36.26
CA TYR B 272 12.09 7.37 35.96
C TYR B 272 13.14 6.34 35.61
N ARG B 273 13.14 5.19 36.33
CA ARG B 273 14.10 4.11 36.04
C ARG B 273 13.81 3.43 34.70
N ALA B 274 12.50 3.32 34.33
CA ALA B 274 12.07 2.74 33.05
C ALA B 274 12.58 3.63 31.91
N LEU B 275 12.45 4.97 32.06
CA LEU B 275 12.92 5.97 31.11
C LEU B 275 14.43 5.86 30.87
N GLN B 276 15.21 5.54 31.94
CA GLN B 276 16.66 5.37 31.88
C GLN B 276 17.01 4.13 31.05
N GLY B 277 16.29 3.03 31.27
CA GLY B 277 16.45 1.78 30.54
C GLY B 277 16.16 1.96 29.07
N ALA B 278 15.04 2.66 28.76
CA ALA B 278 14.62 2.98 27.39
C ALA B 278 15.69 3.78 26.65
N LEU B 279 16.27 4.80 27.32
CA LEU B 279 17.35 5.63 26.75
C LEU B 279 18.62 4.85 26.50
N MET B 280 18.87 3.84 27.33
CA MET B 280 20.05 3.01 27.18
C MET B 280 19.97 2.15 25.94
N ILE B 281 18.80 1.51 25.74
CA ILE B 281 18.53 0.67 24.57
C ILE B 281 18.58 1.56 23.32
N TYR B 282 17.95 2.75 23.39
CA TYR B 282 17.88 3.73 22.31
C TYR B 282 19.26 4.19 21.83
N PHE B 283 20.22 4.41 22.75
CA PHE B 283 21.59 4.83 22.38
C PHE B 283 22.44 3.66 21.90
N TYR B 284 22.35 2.51 22.60
CA TYR B 284 23.12 1.31 22.28
C TYR B 284 22.36 0.32 21.36
N ARG B 285 21.45 0.85 20.50
CA ARG B 285 20.62 0.06 19.55
C ARG B 285 21.46 -0.77 18.57
N GLU B 286 22.66 -0.29 18.22
CA GLU B 286 23.60 -0.96 17.30
C GLU B 286 24.37 -2.09 18.01
N GLU B 287 24.36 -2.11 19.36
CA GLU B 287 25.03 -3.16 20.14
C GLU B 287 24.29 -4.47 20.06
N PRO B 288 25.01 -5.62 20.03
CA PRO B 288 24.32 -6.92 19.93
C PRO B 288 23.36 -7.23 21.07
N ARG B 289 23.67 -6.80 22.29
CA ARG B 289 22.84 -7.03 23.47
C ARG B 289 21.54 -6.23 23.43
N PHE B 290 21.53 -5.09 22.73
CA PHE B 290 20.36 -4.22 22.67
C PHE B 290 19.63 -4.15 21.30
N GLN B 291 19.94 -5.04 20.33
CA GLN B 291 19.26 -5.05 19.02
C GLN B 291 17.79 -5.47 19.12
N VAL B 292 17.54 -6.64 19.75
CA VAL B 292 16.22 -7.23 19.95
C VAL B 292 15.39 -6.38 20.95
N PRO B 293 15.92 -5.93 22.12
CA PRO B 293 15.10 -5.05 22.99
C PRO B 293 14.64 -3.77 22.29
N PHE B 294 15.48 -3.24 21.36
CA PHE B 294 15.14 -2.05 20.57
C PHE B 294 14.02 -2.34 19.59
N GLN B 295 14.08 -3.53 18.92
CA GLN B 295 13.05 -4.00 17.99
C GLN B 295 11.70 -3.99 18.71
N LEU B 296 11.66 -4.48 19.99
CA LEU B 296 10.44 -4.46 20.79
C LEU B 296 9.94 -3.02 20.98
N LEU B 297 10.85 -2.10 21.39
CA LEU B 297 10.51 -0.68 21.59
C LEU B 297 9.93 -0.08 20.32
N THR B 298 10.53 -0.42 19.16
CA THR B 298 10.10 0.00 17.83
C THR B 298 8.66 -0.47 17.59
N SER B 299 8.37 -1.76 17.83
CA SER B 299 7.04 -2.36 17.68
C SER B 299 6.00 -1.71 18.58
N LEU B 300 6.38 -1.30 19.80
CA LEU B 300 5.48 -0.65 20.75
C LEU B 300 5.10 0.73 20.25
N MET B 301 6.05 1.41 19.59
CA MET B 301 5.84 2.73 18.98
C MET B 301 5.01 2.62 17.72
N ASP B 302 5.30 1.58 16.90
CA ASP B 302 4.56 1.25 15.68
C ASP B 302 3.10 0.91 16.01
N ILE B 303 2.84 0.19 17.13
CA ILE B 303 1.48 -0.13 17.55
C ILE B 303 0.72 1.14 17.88
N ASP B 304 1.39 2.08 18.57
CA ASP B 304 0.79 3.34 19.00
C ASP B 304 0.50 4.32 17.87
N SER B 305 1.40 4.38 16.88
CA SER B 305 1.26 5.23 15.71
C SER B 305 0.07 4.75 14.89
N LEU B 306 -0.05 3.42 14.68
CA LEU B 306 -1.13 2.78 13.92
C LEU B 306 -2.47 2.85 14.63
N MET B 307 -2.46 2.84 15.97
CA MET B 307 -3.67 2.97 16.76
C MET B 307 -4.24 4.36 16.54
N THR B 308 -3.32 5.35 16.39
CA THR B 308 -3.64 6.74 16.13
C THR B 308 -4.16 6.90 14.71
N LYS B 309 -3.42 6.36 13.70
CA LYS B 309 -3.80 6.38 12.29
C LYS B 309 -5.18 5.74 12.09
N TRP B 310 -5.52 4.68 12.89
CA TRP B 310 -6.83 4.03 12.84
C TRP B 310 -7.89 5.02 13.31
N ARG B 311 -7.64 5.71 14.45
CA ARG B 311 -8.54 6.70 15.06
C ARG B 311 -8.77 7.89 14.12
N TYR B 312 -7.69 8.35 13.47
CA TYR B 312 -7.69 9.45 12.50
C TYR B 312 -8.52 9.06 11.27
N ASN B 313 -8.24 7.89 10.66
CA ASN B 313 -8.98 7.40 9.49
C ASN B 313 -10.45 7.13 9.81
N HIS B 314 -10.77 6.87 11.08
CA HIS B 314 -12.14 6.66 11.55
C HIS B 314 -12.86 8.01 11.67
N VAL B 315 -12.13 9.05 12.14
CA VAL B 315 -12.64 10.42 12.30
C VAL B 315 -13.07 10.96 10.93
N CYS B 316 -12.25 10.75 9.89
CA CYS B 316 -12.54 11.19 8.54
C CYS B 316 -13.79 10.51 8.00
N MET B 317 -13.94 9.20 8.30
CA MET B 317 -15.08 8.38 7.90
C MET B 317 -16.37 8.89 8.54
N VAL B 318 -16.30 9.26 9.82
CA VAL B 318 -17.47 9.75 10.54
C VAL B 318 -17.84 11.20 10.08
N HIS B 319 -16.86 11.97 9.58
CA HIS B 319 -17.11 13.32 9.04
C HIS B 319 -17.81 13.23 7.67
N ARG B 320 -17.36 12.32 6.79
CA ARG B 320 -17.91 12.10 5.44
C ARG B 320 -19.36 11.60 5.45
N MET B 321 -19.69 10.74 6.43
CA MET B 321 -20.99 10.10 6.55
C MET B 321 -22.04 10.88 7.35
N LEU B 322 -21.63 11.48 8.50
CA LEU B 322 -22.57 12.17 9.39
C LEU B 322 -22.45 13.71 9.39
N GLY B 323 -21.22 14.21 9.43
CA GLY B 323 -20.94 15.64 9.46
C GLY B 323 -20.29 16.08 10.76
N SER B 324 -19.74 17.30 10.75
CA SER B 324 -19.05 17.93 11.89
C SER B 324 -20.00 18.43 13.01
N LYS B 325 -21.34 18.34 12.81
CA LYS B 325 -22.34 18.77 13.79
C LYS B 325 -23.22 17.61 14.31
N ALA B 326 -23.52 16.60 13.45
CA ALA B 326 -24.34 15.44 13.80
C ALA B 326 -23.66 14.57 14.85
N GLY B 327 -24.38 14.32 15.95
CA GLY B 327 -23.91 13.53 17.08
C GLY B 327 -25.02 12.72 17.72
N THR B 328 -25.03 12.64 19.07
CA THR B 328 -26.04 11.90 19.83
C THR B 328 -26.66 12.79 20.93
N GLY B 329 -27.87 13.27 20.66
CA GLY B 329 -28.70 14.10 21.53
C GLY B 329 -28.10 15.40 22.05
N GLY B 330 -27.11 15.92 21.33
CA GLY B 330 -26.43 17.16 21.70
C GLY B 330 -25.13 17.38 20.95
N SER B 331 -23.98 17.21 21.67
CA SER B 331 -22.63 17.39 21.13
C SER B 331 -22.33 16.44 19.98
N SER B 332 -21.59 16.95 18.99
CA SER B 332 -21.17 16.23 17.79
C SER B 332 -20.24 15.06 18.14
N GLY B 333 -20.44 13.92 17.46
CA GLY B 333 -19.62 12.73 17.63
C GLY B 333 -18.23 12.98 17.08
N TYR B 334 -18.16 13.72 15.95
CA TYR B 334 -16.94 14.12 15.24
C TYR B 334 -15.97 14.91 16.13
N HIS B 335 -16.49 15.73 17.08
CA HIS B 335 -15.66 16.52 17.97
C HIS B 335 -15.16 15.73 19.19
N TYR B 336 -15.85 14.63 19.56
CA TYR B 336 -15.37 13.78 20.65
C TYR B 336 -14.22 12.91 20.14
N LEU B 337 -14.41 12.32 18.95
CA LEU B 337 -13.45 11.44 18.29
C LEU B 337 -12.19 12.22 17.85
N ARG B 338 -12.32 13.54 17.55
CA ARG B 338 -11.20 14.41 17.20
C ARG B 338 -10.24 14.58 18.40
N SER B 339 -10.80 14.54 19.63
CA SER B 339 -10.03 14.63 20.87
C SER B 339 -9.40 13.28 21.27
N THR B 340 -9.73 12.16 20.57
CA THR B 340 -9.15 10.82 20.81
C THR B 340 -7.90 10.62 19.96
N VAL B 341 -7.75 11.40 18.87
CA VAL B 341 -6.59 11.41 17.98
C VAL B 341 -5.62 12.46 18.55
N SER B 342 -5.02 12.16 19.75
CA SER B 342 -4.11 13.02 20.51
C SER B 342 -2.96 12.24 21.16
N ASP B 343 -1.96 12.96 21.72
CA ASP B 343 -0.85 12.33 22.43
C ASP B 343 -1.26 11.74 23.81
N ARG B 344 -2.46 12.16 24.32
CA ARG B 344 -3.01 11.65 25.58
C ARG B 344 -3.43 10.17 25.46
N TYR B 345 -3.84 9.77 24.25
CA TYR B 345 -4.25 8.39 23.98
C TYR B 345 -3.03 7.52 23.59
N LYS B 346 -1.86 8.16 23.36
CA LYS B 346 -0.59 7.48 23.05
C LYS B 346 0.02 6.93 24.35
N VAL B 347 -0.13 5.62 24.56
CA VAL B 347 0.35 4.88 25.73
C VAL B 347 1.88 4.96 25.89
N PHE B 348 2.61 4.64 24.81
CA PHE B 348 4.06 4.64 24.77
C PHE B 348 4.62 5.98 24.31
N VAL B 349 4.05 7.08 24.86
CA VAL B 349 4.38 8.48 24.56
C VAL B 349 5.84 8.79 24.92
N ASP B 350 6.34 8.19 26.02
CA ASP B 350 7.69 8.37 26.50
C ASP B 350 8.71 7.89 25.46
N LEU B 351 8.41 6.74 24.82
CA LEU B 351 9.26 6.16 23.77
C LEU B 351 9.39 7.09 22.57
N PHE B 352 8.32 7.84 22.25
CA PHE B 352 8.35 8.82 21.15
C PHE B 352 9.26 10.00 21.48
N ASN B 353 9.30 10.39 22.77
CA ASN B 353 10.08 11.51 23.26
C ASN B 353 11.58 11.21 23.43
N LEU B 354 12.00 9.93 23.34
CA LEU B 354 13.41 9.55 23.43
C LEU B 354 14.27 10.36 22.44
N SER B 355 13.74 10.60 21.22
CA SER B 355 14.40 11.37 20.15
C SER B 355 14.68 12.82 20.54
N THR B 356 13.92 13.39 21.50
CA THR B 356 14.12 14.79 21.94
C THR B 356 15.43 14.93 22.77
N TYR B 357 15.93 13.79 23.28
CA TYR B 357 17.15 13.70 24.08
C TYR B 357 18.34 13.08 23.31
N LEU B 358 18.30 13.08 21.96
CA LEU B 358 19.45 12.54 21.22
C LEU B 358 20.60 13.52 21.25
N ILE B 359 21.78 12.98 21.56
CA ILE B 359 23.05 13.69 21.71
C ILE B 359 24.08 13.19 20.70
N PRO B 360 25.06 14.03 20.26
CA PRO B 360 26.09 13.53 19.34
C PRO B 360 26.73 12.23 19.81
N ARG B 361 27.02 11.34 18.85
CA ARG B 361 27.59 10.01 19.09
C ARG B 361 28.74 9.98 20.16
N HIS B 362 29.70 10.94 20.12
CA HIS B 362 30.82 10.98 21.09
C HIS B 362 30.42 11.17 22.55
N TRP B 363 29.33 11.92 22.80
CA TRP B 363 28.78 12.20 24.14
C TRP B 363 28.22 10.94 24.81
N ILE B 364 27.89 9.90 24.02
CA ILE B 364 27.36 8.66 24.56
C ILE B 364 28.48 7.86 25.27
N PRO B 365 28.31 7.51 26.58
CA PRO B 365 29.35 6.71 27.27
C PRO B 365 29.67 5.42 26.52
N LYS B 366 30.94 5.05 26.43
CA LYS B 366 31.37 3.89 25.64
C LYS B 366 31.55 2.60 26.47
N MET B 367 32.24 1.60 25.87
CA MET B 367 32.64 0.30 26.45
C MET B 367 34.09 -0.04 25.99
N ASN B 368 34.69 -1.13 26.54
CA ASN B 368 36.05 -1.59 26.22
C ASN B 368 36.04 -3.03 25.73
N LEU C 26 25.23 25.43 3.23
CA LEU C 26 24.76 25.70 1.87
C LEU C 26 23.22 25.91 1.87
N ILE C 27 22.63 26.25 0.68
CA ILE C 27 21.19 26.47 0.44
C ILE C 27 20.59 25.20 -0.19
N TYR C 28 19.37 24.80 0.28
CA TYR C 28 18.58 23.64 -0.15
C TYR C 28 18.78 23.26 -1.63
N GLY C 29 18.44 24.18 -2.54
CA GLY C 29 18.54 23.99 -3.98
C GLY C 29 19.93 23.70 -4.49
N ASN C 30 20.94 24.37 -3.92
CA ASN C 30 22.35 24.22 -4.27
C ASN C 30 22.91 22.91 -3.73
N TYR C 31 22.56 22.54 -2.48
CA TYR C 31 22.98 21.30 -1.84
C TYR C 31 22.50 20.09 -2.63
N LEU C 32 21.22 20.11 -3.06
CA LEU C 32 20.56 19.06 -3.82
C LEU C 32 20.75 19.18 -5.31
N HIS C 33 21.53 20.18 -5.74
CA HIS C 33 21.86 20.44 -7.14
C HIS C 33 20.64 20.44 -8.04
N LEU C 34 19.61 21.19 -7.60
CA LEU C 34 18.33 21.29 -8.31
C LEU C 34 18.47 22.02 -9.64
N GLU C 35 19.58 22.76 -9.83
CA GLU C 35 19.91 23.45 -11.08
C GLU C 35 20.19 22.44 -12.21
N LYS C 36 20.59 21.20 -11.83
CA LYS C 36 20.86 20.10 -12.74
C LYS C 36 19.59 19.25 -12.84
N VAL C 37 19.07 18.79 -11.68
CA VAL C 37 17.90 17.92 -11.54
C VAL C 37 16.62 18.50 -12.17
N LEU C 38 16.29 19.75 -11.83
CA LEU C 38 15.06 20.34 -12.31
C LEU C 38 15.22 21.11 -13.63
N ASN C 39 16.36 20.89 -14.31
CA ASN C 39 16.65 21.47 -15.64
C ASN C 39 17.10 20.37 -16.61
N ALA C 40 16.58 19.14 -16.41
CA ALA C 40 16.91 17.95 -17.19
C ALA C 40 15.68 17.37 -17.90
N GLN C 41 14.60 18.15 -17.96
CA GLN C 41 13.34 17.73 -18.56
C GLN C 41 13.16 18.34 -19.96
N GLU C 42 13.56 17.59 -21.00
CA GLU C 42 13.47 18.04 -22.39
C GLU C 42 12.53 17.11 -23.18
N LEU C 43 11.30 17.60 -23.42
CA LEU C 43 10.26 16.89 -24.17
C LEU C 43 10.61 16.84 -25.66
N GLN C 44 10.78 15.62 -26.21
CA GLN C 44 11.11 15.42 -27.63
C GLN C 44 9.97 15.81 -28.56
N SER C 45 8.71 15.70 -28.11
CA SER C 45 7.54 16.08 -28.90
C SER C 45 7.52 17.61 -29.05
N GLU C 46 7.90 18.33 -27.97
CA GLU C 46 8.00 19.79 -27.91
C GLU C 46 9.15 20.29 -28.83
N THR C 47 10.29 19.56 -28.84
CA THR C 47 11.47 19.82 -29.67
C THR C 47 11.12 19.66 -31.16
N LYS C 48 10.33 18.62 -31.49
CA LYS C 48 9.85 18.31 -32.84
C LYS C 48 8.48 18.98 -33.17
N GLY C 49 8.17 20.09 -32.48
CA GLY C 49 6.95 20.88 -32.66
C GLY C 49 5.77 20.48 -31.80
N ASN C 50 5.03 19.41 -32.24
CA ASN C 50 3.83 18.85 -31.60
C ASN C 50 4.04 18.40 -30.14
N LYS C 51 3.98 19.34 -29.18
CA LYS C 51 4.15 19.05 -27.75
C LYS C 51 3.01 18.21 -27.17
N ILE C 52 3.36 17.03 -26.61
CA ILE C 52 2.43 16.10 -25.96
C ILE C 52 2.61 16.24 -24.44
N HIS C 53 1.52 16.57 -23.72
CA HIS C 53 1.49 16.81 -22.28
C HIS C 53 2.00 15.64 -21.44
N ASP C 54 1.48 14.43 -21.71
CA ASP C 54 1.82 13.24 -20.95
C ASP C 54 3.30 12.82 -21.06
N GLU C 55 4.06 13.37 -22.04
CA GLU C 55 5.48 13.05 -22.23
C GLU C 55 6.32 13.43 -21.02
N HIS C 56 5.97 14.55 -20.36
CA HIS C 56 6.64 15.05 -19.16
C HIS C 56 6.53 14.03 -18.01
N LEU C 57 5.37 13.35 -17.89
CA LEU C 57 5.17 12.31 -16.88
C LEU C 57 6.14 11.15 -17.13
N PHE C 58 6.26 10.74 -18.41
CA PHE C 58 7.16 9.68 -18.85
C PHE C 58 8.62 10.01 -18.51
N ILE C 59 9.04 11.29 -18.68
CA ILE C 59 10.40 11.72 -18.36
C ILE C 59 10.66 11.61 -16.85
N ILE C 60 9.84 12.31 -16.04
CA ILE C 60 9.94 12.36 -14.58
C ILE C 60 9.99 10.95 -13.96
N THR C 61 9.06 10.05 -14.38
CA THR C 61 8.97 8.68 -13.88
C THR C 61 10.29 7.94 -14.00
N HIS C 62 10.89 7.95 -15.20
CA HIS C 62 12.17 7.30 -15.44
C HIS C 62 13.29 7.95 -14.64
N GLN C 63 13.29 9.29 -14.55
CA GLN C 63 14.31 10.01 -13.78
C GLN C 63 14.26 9.62 -12.30
N ALA C 64 13.03 9.46 -11.76
CA ALA C 64 12.81 9.02 -10.38
C ALA C 64 13.35 7.58 -10.23
N TYR C 65 13.03 6.68 -11.20
CA TYR C 65 13.51 5.29 -11.20
C TYR C 65 15.03 5.26 -11.21
N GLU C 66 15.67 6.07 -12.08
CA GLU C 66 17.12 6.09 -12.18
C GLU C 66 17.78 6.61 -10.90
N LEU C 67 17.18 7.61 -10.23
CA LEU C 67 17.70 8.09 -8.96
C LEU C 67 17.66 6.95 -7.92
N TRP C 68 16.60 6.15 -7.92
CA TRP C 68 16.46 5.04 -6.99
C TRP C 68 17.41 3.89 -7.33
N PHE C 69 17.69 3.66 -8.64
CA PHE C 69 18.65 2.63 -9.05
C PHE C 69 20.06 3.04 -8.57
N LYS C 70 20.38 4.35 -8.64
CA LYS C 70 21.66 4.88 -8.19
C LYS C 70 21.83 4.58 -6.69
N GLN C 71 20.79 4.87 -5.89
CA GLN C 71 20.77 4.59 -4.46
C GLN C 71 20.88 3.10 -4.16
N ILE C 72 20.19 2.23 -4.95
CA ILE C 72 20.25 0.78 -4.77
C ILE C 72 21.70 0.31 -4.98
N LEU C 73 22.36 0.81 -6.05
CA LEU C 73 23.76 0.50 -6.38
C LEU C 73 24.72 1.00 -5.28
N TRP C 74 24.47 2.19 -4.74
CA TRP C 74 25.23 2.78 -3.64
C TRP C 74 25.24 1.85 -2.41
N GLU C 75 24.07 1.29 -2.07
CA GLU C 75 23.90 0.37 -0.95
C GLU C 75 24.54 -0.96 -1.28
N LEU C 76 24.26 -1.49 -2.49
CA LEU C 76 24.75 -2.77 -2.98
C LEU C 76 26.28 -2.85 -3.01
N ASP C 77 26.94 -1.80 -3.53
CA ASP C 77 28.41 -1.75 -3.59
C ASP C 77 29.04 -1.67 -2.21
N SER C 78 28.41 -0.93 -1.27
CA SER C 78 28.89 -0.83 0.11
C SER C 78 28.76 -2.18 0.82
N VAL C 79 27.69 -2.94 0.54
CA VAL C 79 27.44 -4.25 1.13
C VAL C 79 28.48 -5.24 0.57
N ARG C 80 28.72 -5.19 -0.77
CA ARG C 80 29.70 -6.03 -1.46
C ARG C 80 31.11 -5.86 -0.89
N GLU C 81 31.53 -4.60 -0.61
CA GLU C 81 32.86 -4.34 -0.09
C GLU C 81 33.01 -4.83 1.37
N ILE C 82 31.94 -4.83 2.19
CA ILE C 82 31.97 -5.34 3.57
C ILE C 82 32.32 -6.84 3.54
N PHE C 83 31.75 -7.57 2.56
CA PHE C 83 32.00 -8.99 2.34
C PHE C 83 33.44 -9.22 1.88
N GLN C 84 33.91 -8.43 0.88
CA GLN C 84 35.26 -8.49 0.31
C GLN C 84 36.39 -8.32 1.34
N ASN C 85 36.12 -7.59 2.44
CA ASN C 85 37.05 -7.37 3.55
C ASN C 85 37.20 -8.63 4.44
N GLY C 86 36.24 -9.54 4.32
CA GLY C 86 36.21 -10.80 5.06
C GLY C 86 35.81 -10.68 6.51
N HIS C 87 35.27 -9.52 6.91
CA HIS C 87 34.86 -9.31 8.30
C HIS C 87 33.34 -9.17 8.46
N VAL C 88 32.57 -9.83 7.57
CA VAL C 88 31.09 -9.86 7.57
C VAL C 88 30.50 -10.61 8.77
N ARG C 89 31.26 -11.57 9.33
CA ARG C 89 30.85 -12.35 10.51
C ARG C 89 30.87 -11.52 11.80
N ASP C 90 31.65 -10.41 11.82
CA ASP C 90 31.75 -9.49 12.97
C ASP C 90 30.42 -8.76 13.10
N GLU C 91 29.66 -9.09 14.17
CA GLU C 91 28.31 -8.61 14.50
C GLU C 91 27.99 -7.17 14.07
N ARG C 92 28.92 -6.21 14.26
CA ARG C 92 28.73 -4.80 13.88
C ARG C 92 28.61 -4.60 12.36
N ASN C 93 29.44 -5.32 11.59
CA ASN C 93 29.44 -5.29 10.12
C ASN C 93 28.24 -6.06 9.58
N MET C 94 27.85 -7.15 10.28
CA MET C 94 26.71 -7.99 9.92
C MET C 94 25.41 -7.19 9.90
N LEU C 95 25.24 -6.32 10.92
CA LEU C 95 24.09 -5.44 11.08
C LEU C 95 24.01 -4.42 9.95
N LYS C 96 25.16 -3.81 9.58
CA LYS C 96 25.27 -2.86 8.46
C LYS C 96 24.74 -3.55 7.20
N VAL C 97 25.17 -4.82 6.95
CA VAL C 97 24.73 -5.57 5.78
C VAL C 97 23.22 -5.79 5.82
N VAL C 98 22.70 -6.46 6.86
CA VAL C 98 21.27 -6.75 7.03
C VAL C 98 20.40 -5.48 6.85
N SER C 99 20.76 -4.37 7.52
CA SER C 99 20.03 -3.10 7.44
C SER C 99 20.00 -2.48 6.04
N ARG C 100 21.16 -2.44 5.37
CA ARG C 100 21.28 -1.90 4.01
C ARG C 100 20.57 -2.80 2.99
N MET C 101 20.57 -4.12 3.24
CA MET C 101 19.87 -5.10 2.40
C MET C 101 18.38 -4.94 2.55
N HIS C 102 17.95 -4.62 3.77
CA HIS C 102 16.56 -4.37 4.06
C HIS C 102 16.14 -3.07 3.37
N ARG C 103 17.01 -2.04 3.40
CA ARG C 103 16.77 -0.75 2.75
C ARG C 103 16.49 -0.93 1.25
N VAL C 104 17.29 -1.78 0.56
CA VAL C 104 17.13 -2.08 -0.86
C VAL C 104 15.76 -2.70 -1.08
N SER C 105 15.34 -3.58 -0.15
CA SER C 105 14.05 -4.24 -0.15
C SER C 105 12.94 -3.17 -0.07
N VAL C 106 13.10 -2.17 0.82
CA VAL C 106 12.18 -1.05 1.02
C VAL C 106 12.09 -0.14 -0.23
N ILE C 107 13.24 0.18 -0.87
CA ILE C 107 13.31 0.98 -2.09
C ILE C 107 12.58 0.25 -3.22
N LEU C 108 12.88 -1.05 -3.41
CA LEU C 108 12.26 -1.88 -4.44
C LEU C 108 10.73 -1.96 -4.26
N LYS C 109 10.28 -2.09 -2.98
CA LYS C 109 8.87 -2.13 -2.63
C LYS C 109 8.17 -0.87 -3.15
N LEU C 110 8.82 0.30 -2.98
CA LEU C 110 8.32 1.59 -3.47
C LEU C 110 8.35 1.67 -5.00
N LEU C 111 9.40 1.09 -5.64
CA LEU C 111 9.57 1.11 -7.09
C LEU C 111 8.51 0.31 -7.83
N VAL C 112 7.98 -0.70 -7.14
CA VAL C 112 6.90 -1.53 -7.66
C VAL C 112 5.60 -0.69 -7.64
N GLN C 113 5.39 0.06 -6.53
CA GLN C 113 4.25 0.95 -6.32
C GLN C 113 4.32 2.16 -7.26
N GLN C 114 5.53 2.53 -7.74
CA GLN C 114 5.72 3.66 -8.63
C GLN C 114 5.08 3.46 -10.01
N PHE C 115 4.76 2.21 -10.36
CA PHE C 115 4.10 1.89 -11.64
C PHE C 115 2.69 2.46 -11.69
N SER C 116 2.04 2.59 -10.51
CA SER C 116 0.72 3.16 -10.32
C SER C 116 0.62 4.61 -10.86
N ILE C 117 1.76 5.35 -10.92
CA ILE C 117 1.85 6.72 -11.46
C ILE C 117 1.62 6.64 -12.98
N LEU C 118 2.31 5.69 -13.64
CA LEU C 118 2.23 5.51 -15.07
C LEU C 118 0.90 4.85 -15.53
N GLU C 119 0.12 4.32 -14.56
CA GLU C 119 -1.21 3.74 -14.80
C GLU C 119 -2.20 4.87 -15.13
N THR C 120 -1.87 6.11 -14.71
CA THR C 120 -2.70 7.29 -14.96
C THR C 120 -2.58 7.77 -16.42
N MET C 121 -1.56 7.28 -17.13
CA MET C 121 -1.35 7.60 -18.54
C MET C 121 -2.14 6.62 -19.38
N THR C 122 -2.95 7.13 -20.32
CA THR C 122 -3.78 6.31 -21.21
C THR C 122 -2.94 5.77 -22.35
N ALA C 123 -3.35 4.63 -22.92
CA ALA C 123 -2.66 4.00 -24.05
C ALA C 123 -2.59 4.95 -25.25
N LEU C 124 -3.71 5.71 -25.49
CA LEU C 124 -3.87 6.69 -26.56
C LEU C 124 -2.90 7.86 -26.46
N ASP C 125 -2.83 8.48 -25.26
CA ASP C 125 -1.95 9.62 -24.96
C ASP C 125 -0.48 9.21 -24.99
N PHE C 126 -0.21 7.93 -24.71
CA PHE C 126 1.14 7.40 -24.76
C PHE C 126 1.63 7.33 -26.19
N ASN C 127 0.79 6.83 -27.11
CA ASN C 127 1.13 6.66 -28.52
C ASN C 127 1.33 7.98 -29.27
N ASP C 128 0.80 9.09 -28.73
CA ASP C 128 0.96 10.43 -29.30
C ASP C 128 2.41 10.90 -29.27
N PHE C 129 3.23 10.39 -28.30
CA PHE C 129 4.65 10.74 -28.17
C PHE C 129 5.60 9.56 -28.40
N ARG C 130 5.09 8.31 -28.39
CA ARG C 130 5.85 7.06 -28.58
C ARG C 130 6.87 7.14 -29.74
N GLU C 131 6.42 7.71 -30.88
CA GLU C 131 7.18 7.92 -32.12
C GLU C 131 8.45 8.76 -31.92
N TYR C 132 8.39 9.80 -31.06
CA TYR C 132 9.50 10.71 -30.78
C TYR C 132 10.59 10.07 -29.92
N LEU C 133 10.27 8.95 -29.25
CA LEU C 133 11.19 8.23 -28.37
C LEU C 133 12.21 7.35 -29.13
N SER C 134 11.84 6.84 -30.32
CA SER C 134 12.67 5.99 -31.18
C SER C 134 13.97 6.72 -31.61
N PRO C 135 15.14 6.04 -31.64
CA PRO C 135 15.38 4.61 -31.40
C PRO C 135 15.82 4.21 -29.98
N ALA C 136 15.67 5.11 -28.99
CA ALA C 136 16.04 4.85 -27.59
C ALA C 136 15.28 3.65 -27.01
N SER C 137 16.02 2.74 -26.35
CA SER C 137 15.51 1.49 -25.79
C SER C 137 15.70 1.37 -24.26
N GLY C 138 14.85 0.52 -23.65
CA GLY C 138 14.87 0.21 -22.22
C GLY C 138 16.09 -0.57 -21.84
N PHE C 139 16.77 -1.15 -22.86
CA PHE C 139 18.03 -1.91 -22.75
C PHE C 139 19.22 -0.99 -22.49
N GLN C 140 19.08 0.31 -22.85
CA GLN C 140 20.11 1.35 -22.71
C GLN C 140 20.17 1.95 -21.28
N SER C 141 19.52 1.27 -20.30
CA SER C 141 19.53 1.64 -18.90
C SER C 141 20.71 0.95 -18.25
N LEU C 142 21.85 1.67 -18.23
CA LEU C 142 23.11 1.19 -17.68
C LEU C 142 22.94 0.75 -16.22
N GLN C 143 22.30 1.59 -15.41
CA GLN C 143 22.09 1.33 -13.98
C GLN C 143 21.36 0.03 -13.71
N PHE C 144 20.31 -0.28 -14.49
CA PHE C 144 19.54 -1.51 -14.32
C PHE C 144 20.37 -2.75 -14.62
N ARG C 145 21.20 -2.67 -15.68
CA ARG C 145 22.10 -3.72 -16.14
C ARG C 145 23.18 -3.96 -15.09
N LEU C 146 23.78 -2.89 -14.54
CA LEU C 146 24.80 -2.96 -13.49
C LEU C 146 24.21 -3.62 -12.24
N LEU C 147 22.99 -3.20 -11.88
CA LEU C 147 22.24 -3.72 -10.74
C LEU C 147 22.02 -5.22 -10.88
N GLU C 148 21.64 -5.70 -12.09
CA GLU C 148 21.44 -7.11 -12.38
C GLU C 148 22.75 -7.87 -12.24
N ASN C 149 23.84 -7.36 -12.87
CA ASN C 149 25.17 -7.98 -12.86
C ASN C 149 25.78 -8.06 -11.47
N LYS C 150 25.68 -6.98 -10.68
CA LYS C 150 26.23 -6.93 -9.33
C LYS C 150 25.53 -7.88 -8.37
N ILE C 151 24.22 -8.19 -8.59
CA ILE C 151 23.49 -9.13 -7.74
C ILE C 151 23.96 -10.56 -8.09
N GLY C 152 24.00 -10.88 -9.37
CA GLY C 152 24.43 -12.19 -9.82
C GLY C 152 23.62 -12.78 -10.96
N VAL C 153 23.02 -11.93 -11.81
CA VAL C 153 22.27 -12.40 -12.98
C VAL C 153 23.35 -12.77 -14.02
N LEU C 154 23.49 -14.06 -14.29
CA LEU C 154 24.52 -14.57 -15.18
C LEU C 154 24.18 -14.45 -16.67
N GLN C 155 25.18 -14.03 -17.48
CA GLN C 155 25.08 -13.85 -18.95
C GLN C 155 24.81 -15.18 -19.67
N ASN C 156 25.28 -16.30 -19.08
CA ASN C 156 25.12 -17.69 -19.56
C ASN C 156 23.65 -18.13 -19.59
N MET C 157 22.84 -17.58 -18.65
CA MET C 157 21.41 -17.88 -18.48
C MET C 157 20.49 -16.69 -18.80
N ARG C 158 20.98 -15.77 -19.65
CA ARG C 158 20.22 -14.60 -20.06
C ARG C 158 19.52 -14.90 -21.38
N VAL C 159 18.20 -14.67 -21.41
CA VAL C 159 17.40 -14.82 -22.62
C VAL C 159 17.74 -13.68 -23.62
N PRO C 160 18.17 -13.98 -24.88
CA PRO C 160 18.50 -12.87 -25.80
C PRO C 160 17.31 -12.30 -26.56
N TYR C 161 17.28 -10.96 -26.75
CA TYR C 161 16.23 -10.23 -27.47
C TYR C 161 16.71 -9.81 -28.85
N ASN C 162 15.93 -10.16 -29.91
CA ASN C 162 16.20 -9.86 -31.33
C ASN C 162 17.61 -10.38 -31.76
N ARG C 163 18.08 -11.46 -31.06
CA ARG C 163 19.38 -12.12 -31.19
C ARG C 163 20.55 -11.13 -31.01
N ARG C 164 20.38 -10.21 -30.03
CA ARG C 164 21.31 -9.16 -29.66
C ARG C 164 21.56 -9.26 -28.15
N HIS C 165 22.82 -9.47 -27.75
CA HIS C 165 23.20 -9.54 -26.34
C HIS C 165 23.07 -8.17 -25.69
N TYR C 166 22.79 -8.16 -24.37
CA TYR C 166 22.54 -6.95 -23.58
C TYR C 166 23.69 -5.92 -23.63
N ARG C 167 24.95 -6.39 -23.75
CA ARG C 167 26.15 -5.55 -23.79
C ARG C 167 26.35 -4.78 -25.10
N ASP C 168 25.77 -5.30 -26.21
CA ASP C 168 25.84 -4.70 -27.56
C ASP C 168 25.23 -3.28 -27.60
N ASN C 169 24.19 -3.05 -26.79
CA ASN C 169 23.46 -1.78 -26.66
C ASN C 169 24.28 -0.66 -25.99
N PHE C 170 25.50 -0.99 -25.51
CA PHE C 170 26.42 -0.05 -24.86
C PHE C 170 27.73 0.11 -25.63
N LYS C 171 28.41 1.24 -25.39
CA LYS C 171 29.68 1.58 -26.02
C LYS C 171 30.52 2.49 -25.13
N GLY C 172 31.83 2.47 -25.36
CA GLY C 172 32.78 3.31 -24.66
C GLY C 172 32.96 2.98 -23.20
N GLU C 173 33.01 4.06 -22.38
CA GLU C 173 33.21 4.05 -20.92
C GLU C 173 32.17 3.19 -20.23
N GLU C 174 30.91 3.26 -20.71
CA GLU C 174 29.77 2.50 -20.18
C GLU C 174 30.00 1.01 -20.34
N ASN C 175 30.43 0.57 -21.54
CA ASN C 175 30.74 -0.82 -21.86
C ASN C 175 31.91 -1.35 -21.01
N GLU C 176 32.86 -0.45 -20.68
CA GLU C 176 34.04 -0.76 -19.86
C GLU C 176 33.61 -0.99 -18.40
N LEU C 177 32.72 -0.13 -17.88
CA LEU C 177 32.16 -0.18 -16.52
C LEU C 177 31.23 -1.39 -16.34
N LEU C 178 30.53 -1.77 -17.42
CA LEU C 178 29.61 -2.91 -17.42
C LEU C 178 30.37 -4.24 -17.42
N LEU C 179 31.62 -4.23 -17.95
CA LEU C 179 32.48 -5.41 -17.99
C LEU C 179 33.02 -5.69 -16.59
N LYS C 180 33.35 -4.62 -15.84
CA LYS C 180 33.82 -4.68 -14.46
C LYS C 180 32.81 -5.40 -13.57
N SER C 181 31.50 -5.06 -13.72
CA SER C 181 30.40 -5.66 -12.94
C SER C 181 30.24 -7.17 -13.16
N GLU C 182 30.64 -7.66 -14.35
CA GLU C 182 30.63 -9.08 -14.73
C GLU C 182 31.82 -9.80 -14.09
N GLN C 183 33.01 -9.18 -14.20
CA GLN C 183 34.28 -9.70 -13.70
C GLN C 183 34.35 -9.75 -12.18
N GLU C 184 34.11 -8.59 -11.52
CA GLU C 184 34.15 -8.43 -10.05
C GLU C 184 33.22 -9.40 -9.34
N LYS C 185 33.52 -9.68 -8.06
CA LYS C 185 32.73 -10.59 -7.23
C LYS C 185 31.31 -10.05 -7.06
N THR C 186 30.31 -10.85 -7.47
CA THR C 186 28.88 -10.53 -7.37
C THR C 186 28.43 -10.79 -5.93
N LEU C 187 27.25 -10.26 -5.56
CA LEU C 187 26.64 -10.43 -4.25
C LEU C 187 26.38 -11.92 -3.95
N LEU C 188 25.98 -12.72 -4.98
CA LEU C 188 25.77 -14.15 -4.86
C LEU C 188 27.10 -14.86 -4.54
N GLU C 189 28.17 -14.56 -5.32
CA GLU C 189 29.52 -15.11 -5.13
C GLU C 189 30.01 -14.87 -3.70
N LEU C 190 29.79 -13.64 -3.18
CA LEU C 190 30.18 -13.21 -1.84
C LEU C 190 29.36 -13.87 -0.72
N VAL C 191 28.05 -14.05 -0.94
CA VAL C 191 27.13 -14.70 0.00
C VAL C 191 27.46 -16.19 0.06
N GLU C 192 27.76 -16.81 -1.10
CA GLU C 192 28.17 -18.21 -1.26
C GLU C 192 29.40 -18.46 -0.36
N ALA C 193 30.45 -17.61 -0.51
CA ALA C 193 31.71 -17.62 0.23
C ALA C 193 31.47 -17.60 1.75
N TRP C 194 30.57 -16.71 2.21
CA TRP C 194 30.16 -16.55 3.59
C TRP C 194 29.40 -17.78 4.08
N LEU C 195 28.52 -18.34 3.23
CA LEU C 195 27.71 -19.52 3.55
C LEU C 195 28.55 -20.77 3.71
N GLU C 196 29.66 -20.86 2.93
CA GLU C 196 30.60 -21.99 2.96
C GLU C 196 31.33 -22.05 4.31
N ARG C 197 31.61 -20.88 4.92
CA ARG C 197 32.32 -20.71 6.18
C ARG C 197 31.42 -20.73 7.42
N THR C 198 30.21 -21.34 7.31
CA THR C 198 29.24 -21.43 8.40
C THR C 198 29.74 -22.42 9.48
N PRO C 199 29.80 -21.98 10.77
CA PRO C 199 30.24 -22.91 11.82
C PRO C 199 29.20 -24.01 12.11
N GLY C 200 29.68 -25.24 12.23
CA GLY C 200 28.84 -26.41 12.50
C GLY C 200 28.86 -27.45 11.39
N LEU C 201 29.32 -27.05 10.19
CA LEU C 201 29.40 -27.92 9.01
C LEU C 201 30.59 -28.88 9.08
N GLU C 202 31.57 -28.58 9.98
CA GLU C 202 32.81 -29.33 10.23
C GLU C 202 32.51 -30.81 10.56
N PRO C 203 33.02 -31.78 9.76
CA PRO C 203 32.70 -33.19 10.03
C PRO C 203 33.26 -33.75 11.34
N HIS C 204 34.37 -33.16 11.81
CA HIS C 204 35.03 -33.55 13.06
C HIS C 204 34.54 -32.72 14.25
N GLY C 205 33.91 -31.58 13.95
CA GLY C 205 33.34 -30.66 14.93
C GLY C 205 31.94 -31.04 15.34
N PHE C 206 30.94 -30.22 14.94
CA PHE C 206 29.51 -30.49 15.22
C PHE C 206 28.95 -31.55 14.28
N ASN C 207 29.40 -31.54 13.00
CA ASN C 207 28.98 -32.44 11.91
C ASN C 207 27.46 -32.41 11.73
N PHE C 208 26.98 -31.30 11.17
CA PHE C 208 25.55 -31.07 10.91
C PHE C 208 25.03 -32.01 9.83
N TRP C 209 25.68 -32.02 8.64
CA TRP C 209 25.32 -32.82 7.47
C TRP C 209 25.29 -34.31 7.72
N GLY C 210 26.19 -34.78 8.58
CA GLY C 210 26.26 -36.17 9.00
C GLY C 210 25.05 -36.50 9.84
N LYS C 211 24.92 -35.80 11.00
CA LYS C 211 23.80 -35.92 11.95
C LYS C 211 22.45 -35.85 11.24
N LEU C 212 22.31 -34.89 10.29
CA LEU C 212 21.10 -34.65 9.49
C LEU C 212 20.79 -35.84 8.59
N GLU C 213 21.80 -36.37 7.87
CA GLU C 213 21.64 -37.51 6.97
C GLU C 213 21.11 -38.73 7.70
N LYS C 214 21.69 -39.06 8.87
CA LYS C 214 21.31 -40.21 9.70
C LYS C 214 19.87 -40.05 10.19
N ASN C 215 19.55 -38.87 10.75
CA ASN C 215 18.23 -38.52 11.28
C ASN C 215 17.12 -38.58 10.23
N ILE C 216 17.38 -38.10 9.00
CA ILE C 216 16.38 -38.13 7.91
C ILE C 216 16.11 -39.58 7.48
N THR C 217 17.17 -40.43 7.45
CA THR C 217 17.06 -41.85 7.09
C THR C 217 16.18 -42.58 8.10
N ARG C 218 16.54 -42.47 9.41
CA ARG C 218 15.81 -43.08 10.53
C ARG C 218 14.39 -42.55 10.64
N GLY C 219 14.23 -41.24 10.39
CA GLY C 219 12.94 -40.55 10.42
C GLY C 219 11.97 -41.10 9.40
N LEU C 220 12.46 -41.27 8.14
CA LEU C 220 11.67 -41.81 7.03
C LEU C 220 11.27 -43.27 7.30
N GLU C 221 12.20 -44.05 7.91
CA GLU C 221 11.99 -45.44 8.28
C GLU C 221 10.80 -45.55 9.22
N GLU C 222 10.79 -44.74 10.31
CA GLU C 222 9.72 -44.68 11.31
C GLU C 222 8.37 -44.34 10.71
N GLU C 223 8.31 -43.42 9.72
CA GLU C 223 7.07 -43.02 9.03
C GLU C 223 6.53 -44.16 8.15
N PHE C 224 7.44 -44.90 7.47
CA PHE C 224 7.11 -46.04 6.61
C PHE C 224 6.49 -47.22 7.37
N ILE C 225 6.95 -47.45 8.61
CA ILE C 225 6.44 -48.50 9.51
C ILE C 225 5.00 -48.18 9.92
N ARG C 226 4.69 -46.88 10.14
CA ARG C 226 3.35 -46.42 10.52
C ARG C 226 2.41 -46.47 9.31
N ILE C 227 2.90 -46.13 8.09
CA ILE C 227 2.13 -46.17 6.84
C ILE C 227 1.85 -47.64 6.46
N GLN C 228 2.91 -48.46 6.39
CA GLN C 228 2.78 -49.89 6.11
C GLN C 228 2.46 -50.61 7.43
N ALA C 229 1.17 -50.57 7.81
CA ALA C 229 0.61 -51.17 9.01
C ALA C 229 -0.87 -51.49 8.77
N LYS C 230 -1.13 -52.42 7.81
CA LYS C 230 -2.46 -52.89 7.39
C LYS C 230 -3.36 -51.75 6.84
N GLU C 231 -4.69 -51.99 6.76
CA GLU C 231 -5.74 -51.07 6.27
C GLU C 231 -5.53 -50.67 4.80
N GLU C 232 -5.50 -51.69 3.91
CA GLU C 232 -5.29 -51.52 2.47
C GLU C 232 -6.53 -50.86 1.83
N SER C 233 -6.60 -49.52 1.94
CA SER C 233 -7.70 -48.70 1.43
C SER C 233 -7.25 -47.80 0.27
N GLU C 234 -8.15 -46.91 -0.22
CA GLU C 234 -7.85 -45.98 -1.31
C GLU C 234 -6.85 -44.91 -0.84
N GLU C 235 -7.10 -44.31 0.35
CA GLU C 235 -6.28 -43.27 1.00
C GLU C 235 -4.84 -43.75 1.28
N LYS C 236 -4.68 -45.03 1.72
CA LYS C 236 -3.39 -45.67 2.07
C LYS C 236 -2.41 -45.72 0.90
N GLU C 237 -2.92 -45.95 -0.33
CA GLU C 237 -2.12 -46.05 -1.55
C GLU C 237 -1.57 -44.69 -2.00
N GLU C 238 -2.38 -43.62 -1.84
CA GLU C 238 -1.99 -42.24 -2.14
C GLU C 238 -0.97 -41.77 -1.12
N GLN C 239 -1.10 -42.24 0.16
CA GLN C 239 -0.19 -41.94 1.26
C GLN C 239 1.20 -42.57 1.04
N VAL C 240 1.24 -43.72 0.32
CA VAL C 240 2.47 -44.44 -0.06
C VAL C 240 3.13 -43.66 -1.19
N ALA C 241 2.31 -43.24 -2.18
CA ALA C 241 2.72 -42.47 -3.34
C ALA C 241 3.38 -41.15 -2.91
N GLU C 242 2.76 -40.45 -1.91
CA GLU C 242 3.28 -39.21 -1.34
C GLU C 242 4.56 -39.47 -0.51
N PHE C 243 4.62 -40.60 0.26
CA PHE C 243 5.80 -40.97 1.05
C PHE C 243 6.99 -41.20 0.13
N GLN C 244 6.76 -41.96 -0.95
CA GLN C 244 7.76 -42.28 -1.95
C GLN C 244 8.28 -41.04 -2.63
N LYS C 245 7.41 -40.07 -2.93
CA LYS C 245 7.80 -38.79 -3.56
C LYS C 245 8.64 -37.93 -2.60
N GLN C 246 8.23 -37.84 -1.32
CA GLN C 246 8.92 -37.05 -0.29
C GLN C 246 10.28 -37.67 0.04
N LYS C 247 10.34 -39.02 0.12
CA LYS C 247 11.56 -39.79 0.39
C LYS C 247 12.59 -39.49 -0.68
N GLU C 248 12.17 -39.48 -1.96
CA GLU C 248 12.98 -39.19 -3.13
C GLU C 248 13.65 -37.81 -3.03
N VAL C 249 12.85 -36.74 -2.83
CA VAL C 249 13.30 -35.34 -2.74
C VAL C 249 14.24 -35.11 -1.55
N LEU C 250 13.87 -35.60 -0.35
CA LEU C 250 14.65 -35.44 0.86
C LEU C 250 16.01 -36.14 0.78
N LEU C 251 16.07 -37.32 0.14
CA LEU C 251 17.30 -38.09 0.00
C LEU C 251 18.21 -37.53 -1.09
N SER C 252 17.61 -37.06 -2.21
CA SER C 252 18.33 -36.46 -3.34
C SER C 252 19.11 -35.18 -2.93
N LEU C 253 18.88 -34.71 -1.69
CA LEU C 253 19.55 -33.55 -1.11
C LEU C 253 21.01 -33.90 -0.80
N PHE C 254 21.25 -35.13 -0.33
CA PHE C 254 22.58 -35.62 0.06
C PHE C 254 23.42 -36.13 -1.13
N ASP C 255 22.81 -36.21 -2.35
CA ASP C 255 23.48 -36.60 -3.60
C ASP C 255 24.20 -35.35 -4.18
N GLU C 256 25.50 -35.16 -3.82
CA GLU C 256 26.33 -34.04 -4.26
C GLU C 256 26.51 -34.02 -5.78
N LYS C 257 26.49 -35.22 -6.41
CA LYS C 257 26.61 -35.47 -7.84
C LYS C 257 25.46 -34.80 -8.59
N ARG C 258 24.22 -34.93 -8.04
CA ARG C 258 22.99 -34.35 -8.58
C ARG C 258 23.08 -32.83 -8.53
N HIS C 259 23.55 -32.28 -7.40
CA HIS C 259 23.73 -30.86 -7.17
C HIS C 259 24.66 -30.25 -8.21
N GLU C 260 25.82 -30.88 -8.46
CA GLU C 260 26.79 -30.39 -9.45
C GLU C 260 26.29 -30.48 -10.89
N HIS C 261 25.36 -31.41 -11.15
CA HIS C 261 24.74 -31.53 -12.48
C HIS C 261 23.72 -30.40 -12.64
N LEU C 262 22.98 -30.08 -11.57
CA LEU C 262 21.99 -29.00 -11.59
C LEU C 262 22.63 -27.62 -11.66
N LEU C 263 23.85 -27.47 -11.10
CA LEU C 263 24.62 -26.22 -11.12
C LEU C 263 25.06 -25.87 -12.54
N SER C 264 25.53 -26.88 -13.30
CA SER C 264 26.00 -26.75 -14.68
C SER C 264 24.84 -26.41 -15.63
N LYS C 265 23.64 -26.94 -15.34
CA LYS C 265 22.41 -26.68 -16.09
C LYS C 265 21.88 -25.26 -15.80
N GLY C 266 22.25 -24.73 -14.62
CA GLY C 266 21.84 -23.41 -14.15
C GLY C 266 20.65 -23.46 -13.20
N GLU C 267 20.08 -24.66 -12.99
CA GLU C 267 18.92 -24.90 -12.11
C GLU C 267 19.19 -24.62 -10.62
N ARG C 268 20.48 -24.55 -10.23
CA ARG C 268 20.96 -24.22 -8.90
C ARG C 268 22.14 -23.25 -9.06
N ARG C 269 22.35 -22.34 -8.09
CA ARG C 269 23.41 -21.32 -8.18
C ARG C 269 24.50 -21.45 -7.14
N LEU C 270 24.11 -21.78 -5.89
CA LEU C 270 25.04 -21.93 -4.77
C LEU C 270 25.76 -23.27 -4.81
N SER C 271 27.00 -23.29 -4.31
CA SER C 271 27.83 -24.50 -4.20
C SER C 271 27.20 -25.43 -3.15
N TYR C 272 27.58 -26.73 -3.17
CA TYR C 272 27.03 -27.71 -2.24
C TYR C 272 27.26 -27.33 -0.77
N ARG C 273 28.47 -26.82 -0.41
CA ARG C 273 28.78 -26.40 0.98
C ARG C 273 27.99 -25.16 1.40
N ALA C 274 27.73 -24.23 0.44
CA ALA C 274 26.94 -23.03 0.68
C ALA C 274 25.50 -23.43 1.01
N LEU C 275 24.95 -24.41 0.26
CA LEU C 275 23.61 -24.96 0.45
C LEU C 275 23.46 -25.56 1.85
N GLN C 276 24.52 -26.19 2.37
CA GLN C 276 24.56 -26.79 3.70
C GLN C 276 24.47 -25.71 4.80
N GLY C 277 25.23 -24.63 4.61
CA GLY C 277 25.24 -23.49 5.51
C GLY C 277 23.89 -22.82 5.56
N ALA C 278 23.27 -22.61 4.38
CA ALA C 278 21.94 -22.02 4.22
C ALA C 278 20.88 -22.85 4.96
N LEU C 279 20.93 -24.19 4.84
CA LEU C 279 20.01 -25.10 5.52
C LEU C 279 20.18 -25.08 7.01
N MET C 280 21.40 -24.85 7.48
CA MET C 280 21.70 -24.79 8.90
C MET C 280 21.06 -23.56 9.54
N ILE C 281 21.23 -22.39 8.88
CA ILE C 281 20.65 -21.12 9.32
C ILE C 281 19.12 -21.25 9.29
N TYR C 282 18.58 -21.83 8.20
CA TYR C 282 17.15 -22.05 7.97
C TYR C 282 16.48 -22.88 9.08
N PHE C 283 17.16 -23.95 9.55
CA PHE C 283 16.63 -24.82 10.61
C PHE C 283 16.81 -24.21 12.01
N TYR C 284 17.99 -23.61 12.26
CA TYR C 284 18.32 -22.99 13.54
C TYR C 284 18.03 -21.47 13.58
N ARG C 285 17.03 -21.00 12.79
CA ARG C 285 16.60 -19.58 12.70
C ARG C 285 16.15 -18.99 14.05
N GLU C 286 15.59 -19.85 14.95
CA GLU C 286 15.12 -19.52 16.29
C GLU C 286 16.30 -19.35 17.27
N GLU C 287 17.50 -19.87 16.92
CA GLU C 287 18.69 -19.77 17.76
C GLU C 287 19.25 -18.36 17.76
N PRO C 288 19.78 -17.88 18.91
CA PRO C 288 20.34 -16.52 18.96
C PRO C 288 21.53 -16.30 18.02
N ARG C 289 22.33 -17.33 17.79
CA ARG C 289 23.48 -17.25 16.90
C ARG C 289 23.08 -17.15 15.41
N PHE C 290 21.89 -17.66 15.05
CA PHE C 290 21.39 -17.70 13.68
C PHE C 290 20.21 -16.77 13.36
N GLN C 291 19.85 -15.83 14.26
CA GLN C 291 18.76 -14.89 14.00
C GLN C 291 19.10 -13.86 12.91
N VAL C 292 20.24 -13.16 13.07
CA VAL C 292 20.73 -12.12 12.15
C VAL C 292 21.16 -12.76 10.80
N PRO C 293 21.94 -13.88 10.75
CA PRO C 293 22.24 -14.48 9.44
C PRO C 293 20.99 -14.85 8.64
N PHE C 294 19.92 -15.28 9.35
CA PHE C 294 18.63 -15.62 8.74
C PHE C 294 17.95 -14.38 8.16
N GLN C 295 17.98 -13.25 8.92
CA GLN C 295 17.44 -11.96 8.50
C GLN C 295 18.07 -11.58 7.16
N LEU C 296 19.41 -11.78 7.01
CA LEU C 296 20.12 -11.51 5.75
C LEU C 296 19.55 -12.39 4.63
N LEU C 297 19.41 -13.71 4.87
CA LEU C 297 18.86 -14.66 3.90
C LEU C 297 17.46 -14.24 3.48
N THR C 298 16.65 -13.78 4.45
CA THR C 298 15.30 -13.28 4.22
C THR C 298 15.34 -12.08 3.29
N SER C 299 16.19 -11.05 3.61
CA SER C 299 16.39 -9.84 2.80
C SER C 299 16.83 -10.14 1.36
N LEU C 300 17.67 -11.17 1.17
CA LEU C 300 18.16 -11.61 -0.14
C LEU C 300 16.99 -12.17 -0.97
N MET C 301 16.12 -12.95 -0.30
CA MET C 301 14.94 -13.54 -0.92
C MET C 301 13.93 -12.44 -1.25
N ASP C 302 13.75 -11.47 -0.34
CA ASP C 302 12.86 -10.31 -0.53
C ASP C 302 13.28 -9.53 -1.77
N ILE C 303 14.60 -9.24 -1.91
CA ILE C 303 15.19 -8.54 -3.04
C ILE C 303 14.86 -9.27 -4.35
N ASP C 304 14.99 -10.59 -4.34
CA ASP C 304 14.71 -11.46 -5.49
C ASP C 304 13.23 -11.48 -5.87
N SER C 305 12.33 -11.47 -4.86
CA SER C 305 10.88 -11.46 -5.00
C SER C 305 10.43 -10.14 -5.61
N LEU C 306 10.94 -9.02 -5.05
CA LEU C 306 10.64 -7.65 -5.50
C LEU C 306 11.21 -7.34 -6.86
N MET C 307 12.36 -7.92 -7.21
CA MET C 307 12.98 -7.74 -8.52
C MET C 307 12.07 -8.39 -9.55
N THR C 308 11.41 -9.49 -9.15
CA THR C 308 10.46 -10.23 -9.99
C THR C 308 9.17 -9.42 -10.12
N LYS C 309 8.59 -8.97 -8.98
CA LYS C 309 7.38 -8.13 -8.95
C LYS C 309 7.56 -6.87 -9.79
N TRP C 310 8.79 -6.28 -9.82
CA TRP C 310 9.11 -5.11 -10.64
C TRP C 310 9.02 -5.50 -12.12
N ARG C 311 9.62 -6.64 -12.50
CA ARG C 311 9.63 -7.17 -13.88
C ARG C 311 8.22 -7.48 -14.35
N TYR C 312 7.40 -8.09 -13.46
CA TYR C 312 6.01 -8.45 -13.71
C TYR C 312 5.17 -7.19 -13.92
N ASN C 313 5.26 -6.21 -13.00
CA ASN C 313 4.53 -4.94 -13.12
C ASN C 313 4.93 -4.14 -14.36
N HIS C 314 6.17 -4.33 -14.83
CA HIS C 314 6.73 -3.73 -16.04
C HIS C 314 6.21 -4.51 -17.26
N VAL C 315 5.84 -5.81 -17.09
CA VAL C 315 5.27 -6.66 -18.16
C VAL C 315 3.81 -6.27 -18.43
N CYS C 316 3.07 -5.98 -17.35
CA CYS C 316 1.67 -5.58 -17.38
C CYS C 316 1.49 -4.23 -18.07
N MET C 317 2.43 -3.31 -17.83
CA MET C 317 2.47 -1.97 -18.39
C MET C 317 2.84 -2.02 -19.86
N VAL C 318 3.83 -2.86 -20.23
CA VAL C 318 4.26 -3.01 -21.62
C VAL C 318 3.16 -3.72 -22.44
N HIS C 319 2.20 -4.39 -21.76
CA HIS C 319 1.05 -5.08 -22.38
C HIS C 319 -0.07 -4.06 -22.63
N ARG C 320 -0.36 -3.19 -21.62
CA ARG C 320 -1.38 -2.13 -21.68
C ARG C 320 -1.10 -1.08 -22.76
N MET C 321 0.17 -0.68 -22.90
CA MET C 321 0.60 0.24 -23.96
C MET C 321 1.23 -0.68 -25.02
N LEU C 322 1.26 -0.26 -26.31
CA LEU C 322 1.85 -0.96 -27.49
C LEU C 322 1.42 -2.47 -27.73
N GLY C 323 0.64 -3.06 -26.82
CA GLY C 323 0.12 -4.41 -26.94
C GLY C 323 1.07 -5.52 -26.56
N SER C 324 0.78 -6.73 -27.04
CA SER C 324 1.55 -7.94 -26.74
C SER C 324 2.43 -8.43 -27.88
N LYS C 325 2.25 -7.86 -29.09
CA LYS C 325 2.98 -8.27 -30.29
C LYS C 325 4.10 -7.31 -30.69
N ALA C 326 3.86 -5.98 -30.58
CA ALA C 326 4.85 -4.97 -30.94
C ALA C 326 6.09 -4.98 -30.04
N GLY C 327 7.21 -4.53 -30.60
CA GLY C 327 8.52 -4.46 -29.96
C GLY C 327 9.55 -3.78 -30.84
N THR C 328 10.62 -4.51 -31.21
CA THR C 328 11.74 -4.02 -32.05
C THR C 328 12.17 -5.09 -33.06
N GLY C 329 12.22 -4.71 -34.34
CA GLY C 329 12.63 -5.54 -35.46
C GLY C 329 11.88 -6.86 -35.62
N GLY C 330 10.55 -6.78 -35.57
CA GLY C 330 9.66 -7.94 -35.69
C GLY C 330 9.71 -8.88 -34.50
N SER C 331 10.33 -8.44 -33.39
CA SER C 331 10.46 -9.24 -32.17
C SER C 331 9.52 -8.66 -31.10
N SER C 332 8.79 -9.55 -30.37
CA SER C 332 7.83 -9.15 -29.35
C SER C 332 8.48 -8.68 -28.07
N GLY C 333 8.18 -7.43 -27.71
CA GLY C 333 8.66 -6.78 -26.50
C GLY C 333 8.08 -7.44 -25.27
N TYR C 334 6.75 -7.65 -25.29
CA TYR C 334 6.01 -8.27 -24.19
C TYR C 334 6.46 -9.70 -23.90
N HIS C 335 6.56 -10.54 -24.94
CA HIS C 335 6.93 -11.95 -24.84
C HIS C 335 8.32 -12.16 -24.22
N TYR C 336 9.31 -11.31 -24.59
CA TYR C 336 10.66 -11.37 -24.05
C TYR C 336 10.67 -11.02 -22.56
N LEU C 337 10.03 -9.90 -22.20
CA LEU C 337 9.95 -9.46 -20.80
C LEU C 337 9.17 -10.46 -19.97
N ARG C 338 8.29 -11.27 -20.61
CA ARG C 338 7.52 -12.35 -19.95
C ARG C 338 8.46 -13.51 -19.58
N SER C 339 9.53 -13.72 -20.38
CA SER C 339 10.52 -14.77 -20.16
C SER C 339 11.58 -14.42 -19.08
N THR C 340 11.59 -13.12 -18.60
CA THR C 340 12.51 -12.63 -17.56
C THR C 340 11.88 -12.75 -16.15
N VAL C 341 10.55 -13.02 -16.12
CA VAL C 341 9.75 -13.20 -14.90
C VAL C 341 10.03 -14.60 -14.31
N SER C 342 10.65 -15.47 -15.11
CA SER C 342 11.01 -16.85 -14.75
C SER C 342 12.03 -16.97 -13.60
N ASP C 343 12.07 -18.19 -12.97
CA ASP C 343 12.98 -18.57 -11.87
C ASP C 343 14.46 -18.55 -12.27
N ARG C 344 14.76 -18.50 -13.58
CA ARG C 344 16.12 -18.42 -14.11
C ARG C 344 16.77 -17.06 -13.80
N TYR C 345 15.95 -16.01 -13.69
CA TYR C 345 16.43 -14.67 -13.34
C TYR C 345 16.53 -14.48 -11.82
N LYS C 346 15.95 -15.41 -11.02
CA LYS C 346 16.00 -15.40 -9.55
C LYS C 346 17.36 -15.93 -9.07
N VAL C 347 18.30 -15.01 -8.75
CA VAL C 347 19.69 -15.27 -8.34
C VAL C 347 19.75 -16.19 -7.11
N PHE C 348 19.01 -15.87 -6.06
CA PHE C 348 18.99 -16.63 -4.81
C PHE C 348 17.87 -17.69 -4.81
N VAL C 349 17.72 -18.40 -5.95
CA VAL C 349 16.73 -19.46 -6.23
C VAL C 349 16.86 -20.63 -5.22
N ASP C 350 18.10 -20.96 -4.82
CA ASP C 350 18.43 -22.03 -3.86
C ASP C 350 17.79 -21.75 -2.49
N LEU C 351 17.78 -20.46 -2.08
CA LEU C 351 17.19 -20.00 -0.82
C LEU C 351 15.67 -20.20 -0.82
N PHE C 352 15.01 -20.04 -1.98
CA PHE C 352 13.57 -20.26 -2.10
C PHE C 352 13.23 -21.74 -1.98
N ASN C 353 14.13 -22.61 -2.44
CA ASN C 353 13.95 -24.06 -2.41
C ASN C 353 14.25 -24.69 -1.05
N LEU C 354 14.79 -23.91 -0.07
CA LEU C 354 15.09 -24.41 1.29
C LEU C 354 13.84 -24.96 2.01
N SER C 355 12.65 -24.43 1.63
CA SER C 355 11.35 -24.83 2.15
C SER C 355 10.93 -26.23 1.65
N THR C 356 11.54 -26.74 0.54
CA THR C 356 11.20 -28.07 0.00
C THR C 356 11.79 -29.20 0.86
N TYR C 357 12.92 -28.92 1.57
CA TYR C 357 13.63 -29.86 2.45
C TYR C 357 13.30 -29.60 3.93
N LEU C 358 12.03 -29.24 4.18
CA LEU C 358 11.48 -28.95 5.50
C LEU C 358 11.11 -30.28 6.16
N ILE C 359 11.78 -30.58 7.29
CA ILE C 359 11.59 -31.83 8.04
C ILE C 359 10.97 -31.58 9.41
N PRO C 360 10.16 -32.54 9.97
CA PRO C 360 9.59 -32.34 11.31
C PRO C 360 10.64 -31.90 12.35
N ARG C 361 10.26 -30.97 13.23
CA ARG C 361 11.11 -30.34 14.25
C ARG C 361 12.06 -31.29 15.00
N HIS C 362 11.57 -32.50 15.40
CA HIS C 362 12.36 -33.48 16.13
C HIS C 362 13.46 -34.18 15.29
N TRP C 363 13.33 -34.17 13.94
CA TRP C 363 14.35 -34.76 13.04
C TRP C 363 15.59 -33.86 12.99
N ILE C 364 15.44 -32.55 13.30
CA ILE C 364 16.53 -31.59 13.27
C ILE C 364 17.55 -31.88 14.40
N PRO C 365 18.86 -32.08 14.06
CA PRO C 365 19.89 -32.34 15.09
C PRO C 365 19.98 -31.30 16.22
N LYS C 366 20.17 -31.75 17.49
CA LYS C 366 20.30 -30.87 18.68
C LYS C 366 21.61 -30.10 18.69
N MET C 367 21.54 -28.80 19.03
CA MET C 367 22.71 -27.92 19.09
C MET C 367 23.47 -28.01 20.42
N ASN C 368 24.76 -28.41 20.33
CA ASN C 368 25.71 -28.52 21.43
C ASN C 368 26.88 -27.52 21.21
N PRO C 369 27.59 -27.04 22.26
CA PRO C 369 28.67 -26.05 22.02
C PRO C 369 29.87 -26.56 21.18
N THR C 370 29.89 -26.17 19.88
CA THR C 370 30.94 -26.54 18.91
C THR C 370 31.22 -25.43 17.90
N LEU D 26 16.88 9.53 -30.24
CA LEU D 26 18.06 9.64 -29.38
C LEU D 26 18.36 8.31 -28.65
N ILE D 27 19.11 8.41 -27.54
CA ILE D 27 19.54 7.32 -26.64
C ILE D 27 18.98 7.60 -25.23
N TYR D 28 18.48 6.53 -24.55
CA TYR D 28 17.89 6.50 -23.21
C TYR D 28 18.46 7.55 -22.25
N GLY D 29 19.76 7.46 -21.97
CA GLY D 29 20.46 8.38 -21.08
C GLY D 29 20.43 9.83 -21.48
N ASN D 30 20.58 10.09 -22.81
CA ASN D 30 20.57 11.45 -23.39
C ASN D 30 19.17 12.03 -23.35
N TYR D 31 18.15 11.22 -23.70
CA TYR D 31 16.74 11.63 -23.70
C TYR D 31 16.31 12.07 -22.30
N LEU D 32 16.68 11.25 -21.32
CA LEU D 32 16.40 11.42 -19.91
C LEU D 32 17.40 12.33 -19.19
N HIS D 33 18.37 12.91 -19.92
CA HIS D 33 19.41 13.80 -19.41
C HIS D 33 20.04 13.28 -18.13
N LEU D 34 20.41 12.00 -18.15
CA LEU D 34 21.00 11.33 -17.00
C LEU D 34 22.38 11.87 -16.64
N GLU D 35 23.02 12.61 -17.59
CA GLU D 35 24.31 13.28 -17.39
C GLU D 35 24.17 14.42 -16.36
N LYS D 36 22.93 14.95 -16.20
CA LYS D 36 22.59 16.00 -15.25
C LYS D 36 22.06 15.34 -13.96
N VAL D 37 21.03 14.47 -14.11
CA VAL D 37 20.32 13.78 -13.04
C VAL D 37 21.23 12.91 -12.18
N LEU D 38 22.05 12.06 -12.82
CA LEU D 38 22.89 11.13 -12.07
C LEU D 38 24.29 11.69 -11.76
N ASN D 39 24.47 13.01 -11.95
CA ASN D 39 25.71 13.72 -11.64
C ASN D 39 25.39 14.97 -10.77
N ALA D 40 24.35 14.86 -9.93
CA ALA D 40 23.88 15.92 -9.05
C ALA D 40 23.92 15.51 -7.56
N GLN D 41 24.64 14.43 -7.27
CA GLN D 41 24.75 13.90 -5.92
C GLN D 41 26.09 14.27 -5.29
N GLU D 42 26.09 15.39 -4.53
CA GLU D 42 27.29 15.91 -3.86
C GLU D 42 27.10 15.87 -2.34
N LEU D 43 27.72 14.87 -1.69
CA LEU D 43 27.67 14.68 -0.24
C LEU D 43 28.52 15.75 0.46
N GLN D 44 27.89 16.58 1.31
CA GLN D 44 28.58 17.63 2.06
C GLN D 44 29.53 17.08 3.12
N SER D 45 29.24 15.90 3.68
CA SER D 45 30.09 15.26 4.68
C SER D 45 31.39 14.80 4.00
N GLU D 46 31.29 14.29 2.75
CA GLU D 46 32.39 13.84 1.89
C GLU D 46 33.27 15.04 1.47
N THR D 47 32.63 16.20 1.17
CA THR D 47 33.28 17.47 0.80
C THR D 47 34.09 18.00 1.99
N LYS D 48 33.52 17.92 3.20
CA LYS D 48 34.13 18.34 4.46
C LYS D 48 34.94 17.20 5.16
N GLY D 49 35.40 16.22 4.37
CA GLY D 49 36.21 15.09 4.83
C GLY D 49 35.44 13.85 5.24
N ASN D 50 34.92 13.86 6.50
CA ASN D 50 34.16 12.78 7.15
C ASN D 50 32.90 12.34 6.37
N LYS D 51 33.06 11.48 5.34
CA LYS D 51 31.95 10.98 4.51
C LYS D 51 31.00 10.06 5.31
N ILE D 52 29.70 10.46 5.37
CA ILE D 52 28.64 9.70 6.03
C ILE D 52 27.81 9.02 4.94
N HIS D 53 27.71 7.68 5.01
CA HIS D 53 27.01 6.84 4.02
C HIS D 53 25.54 7.19 3.82
N ASP D 54 24.79 7.32 4.93
CA ASP D 54 23.37 7.61 4.90
C ASP D 54 23.00 8.96 4.27
N GLU D 55 23.98 9.89 4.10
CA GLU D 55 23.76 11.21 3.51
C GLU D 55 23.27 11.11 2.06
N HIS D 56 23.78 10.11 1.32
CA HIS D 56 23.39 9.84 -0.07
C HIS D 56 21.90 9.50 -0.16
N LEU D 57 21.36 8.74 0.82
CA LEU D 57 19.93 8.41 0.87
C LEU D 57 19.10 9.69 1.03
N PHE D 58 19.56 10.59 1.92
CA PHE D 58 18.92 11.89 2.17
C PHE D 58 18.90 12.75 0.91
N ILE D 59 19.97 12.72 0.10
CA ILE D 59 20.05 13.48 -1.14
C ILE D 59 19.05 12.95 -2.16
N ILE D 60 19.16 11.65 -2.50
CA ILE D 60 18.30 10.96 -3.46
C ILE D 60 16.79 11.14 -3.13
N THR D 61 16.40 10.91 -1.86
CA THR D 61 15.01 11.06 -1.39
C THR D 61 14.44 12.43 -1.74
N HIS D 62 15.17 13.51 -1.40
CA HIS D 62 14.77 14.88 -1.68
C HIS D 62 14.73 15.20 -3.16
N GLN D 63 15.66 14.62 -3.94
CA GLN D 63 15.71 14.80 -5.39
C GLN D 63 14.52 14.11 -6.06
N ALA D 64 14.13 12.91 -5.57
CA ALA D 64 12.95 12.18 -6.03
C ALA D 64 11.71 13.02 -5.73
N TYR D 65 11.60 13.57 -4.48
CA TYR D 65 10.48 14.42 -4.07
C TYR D 65 10.37 15.61 -4.97
N GLU D 66 11.50 16.29 -5.25
CA GLU D 66 11.49 17.49 -6.10
C GLU D 66 11.10 17.18 -7.54
N LEU D 67 11.51 16.02 -8.09
CA LEU D 67 11.09 15.61 -9.42
C LEU D 67 9.56 15.43 -9.44
N TRP D 68 9.00 14.85 -8.37
CA TRP D 68 7.56 14.64 -8.28
C TRP D 68 6.80 15.93 -8.07
N PHE D 69 7.39 16.92 -7.33
CA PHE D 69 6.76 18.24 -7.16
C PHE D 69 6.72 18.95 -8.51
N LYS D 70 7.78 18.79 -9.34
CA LYS D 70 7.85 19.40 -10.68
C LYS D 70 6.70 18.87 -11.52
N GLN D 71 6.50 17.53 -11.50
CA GLN D 71 5.41 16.86 -12.22
C GLN D 71 4.04 17.29 -11.71
N ILE D 72 3.87 17.45 -10.37
CA ILE D 72 2.61 17.89 -9.76
C ILE D 72 2.29 19.29 -10.28
N LEU D 73 3.29 20.21 -10.29
CA LEU D 73 3.16 21.58 -10.80
C LEU D 73 2.83 21.60 -12.29
N TRP D 74 3.47 20.70 -13.08
CA TRP D 74 3.21 20.55 -14.52
C TRP D 74 1.74 20.23 -14.77
N GLU D 75 1.16 19.32 -13.97
CA GLU D 75 -0.24 18.92 -14.09
C GLU D 75 -1.15 20.05 -13.61
N LEU D 76 -0.82 20.63 -12.44
CA LEU D 76 -1.56 21.70 -11.80
C LEU D 76 -1.69 22.94 -12.67
N ASP D 77 -0.57 23.38 -13.29
CA ASP D 77 -0.57 24.55 -14.17
C ASP D 77 -1.37 24.28 -15.44
N SER D 78 -1.32 23.05 -15.98
CA SER D 78 -2.10 22.70 -17.17
C SER D 78 -3.60 22.69 -16.87
N VAL D 79 -3.98 22.23 -15.66
CA VAL D 79 -5.36 22.20 -15.20
C VAL D 79 -5.86 23.64 -15.00
N ARG D 80 -5.03 24.50 -14.36
CA ARG D 80 -5.33 25.92 -14.12
C ARG D 80 -5.60 26.67 -15.42
N GLU D 81 -4.80 26.41 -16.49
CA GLU D 81 -4.96 27.09 -17.75
C GLU D 81 -6.24 26.64 -18.48
N ILE D 82 -6.68 25.37 -18.32
CA ILE D 82 -7.93 24.87 -18.93
C ILE D 82 -9.12 25.68 -18.39
N PHE D 83 -9.09 25.98 -17.08
CA PHE D 83 -10.08 26.78 -16.40
C PHE D 83 -10.06 28.23 -16.90
N GLN D 84 -8.85 28.85 -16.96
CA GLN D 84 -8.62 30.23 -17.41
C GLN D 84 -9.15 30.52 -18.82
N ASN D 85 -9.21 29.48 -19.69
CA ASN D 85 -9.74 29.58 -21.06
C ASN D 85 -11.27 29.67 -21.07
N GLY D 86 -11.90 29.28 -19.96
CA GLY D 86 -13.34 29.31 -19.79
C GLY D 86 -14.10 28.21 -20.51
N HIS D 87 -13.38 27.18 -21.01
CA HIS D 87 -14.02 26.08 -21.72
C HIS D 87 -13.92 24.77 -20.96
N VAL D 88 -13.82 24.85 -19.63
CA VAL D 88 -13.70 23.69 -18.76
C VAL D 88 -14.98 22.84 -18.78
N ARG D 89 -16.17 23.47 -18.99
CA ARG D 89 -17.49 22.81 -19.07
C ARG D 89 -17.65 21.89 -20.29
N ASP D 90 -16.85 22.11 -21.35
CA ASP D 90 -16.83 21.29 -22.56
C ASP D 90 -16.26 19.92 -22.16
N GLU D 91 -17.13 18.89 -22.17
CA GLU D 91 -16.89 17.50 -21.75
C GLU D 91 -15.46 16.97 -22.02
N ARG D 92 -14.87 17.29 -23.18
CA ARG D 92 -13.50 16.85 -23.55
C ARG D 92 -12.43 17.48 -22.64
N ASN D 93 -12.57 18.77 -22.31
CA ASN D 93 -11.66 19.50 -21.43
C ASN D 93 -11.89 19.11 -19.99
N MET D 94 -13.16 18.81 -19.63
CA MET D 94 -13.55 18.38 -18.29
C MET D 94 -12.84 17.09 -17.89
N LEU D 95 -12.75 16.14 -18.84
CA LEU D 95 -12.09 14.85 -18.67
C LEU D 95 -10.60 15.02 -18.43
N LYS D 96 -9.94 15.91 -19.22
CA LYS D 96 -8.54 16.24 -19.07
C LYS D 96 -8.30 16.71 -17.64
N VAL D 97 -9.17 17.62 -17.12
CA VAL D 97 -9.04 18.12 -15.75
C VAL D 97 -9.16 16.99 -14.74
N VAL D 98 -10.28 16.27 -14.73
CA VAL D 98 -10.53 15.15 -13.81
C VAL D 98 -9.38 14.14 -13.78
N SER D 99 -8.91 13.69 -14.97
CA SER D 99 -7.83 12.71 -15.11
C SER D 99 -6.49 13.20 -14.53
N ARG D 100 -6.11 14.45 -14.86
CA ARG D 100 -4.88 15.06 -14.39
C ARG D 100 -4.94 15.34 -12.89
N MET D 101 -6.13 15.67 -12.37
CA MET D 101 -6.36 15.90 -10.93
C MET D 101 -6.25 14.59 -10.19
N HIS D 102 -6.70 13.51 -10.84
CA HIS D 102 -6.61 12.19 -10.27
C HIS D 102 -5.16 11.77 -10.23
N ARG D 103 -4.39 12.08 -11.31
CA ARG D 103 -2.95 11.79 -11.42
C ARG D 103 -2.18 12.42 -10.24
N VAL D 104 -2.47 13.69 -9.90
CA VAL D 104 -1.85 14.42 -8.79
C VAL D 104 -2.13 13.65 -7.50
N SER D 105 -3.37 13.16 -7.36
CA SER D 105 -3.82 12.37 -6.22
C SER D 105 -2.96 11.10 -6.14
N VAL D 106 -2.71 10.42 -7.28
CA VAL D 106 -1.89 9.22 -7.40
C VAL D 106 -0.42 9.48 -7.04
N ILE D 107 0.16 10.60 -7.53
CA ILE D 107 1.53 11.02 -7.24
C ILE D 107 1.67 11.28 -5.74
N LEU D 108 0.73 12.06 -5.15
CA LEU D 108 0.75 12.38 -3.73
C LEU D 108 0.64 11.12 -2.87
N LYS D 109 -0.19 10.16 -3.29
CA LYS D 109 -0.37 8.88 -2.61
C LYS D 109 0.98 8.18 -2.50
N LEU D 110 1.77 8.19 -3.59
CA LEU D 110 3.11 7.62 -3.63
C LEU D 110 4.11 8.40 -2.78
N LEU D 111 4.01 9.75 -2.79
CA LEU D 111 4.90 10.61 -2.01
C LEU D 111 4.75 10.42 -0.52
N VAL D 112 3.54 10.01 -0.07
CA VAL D 112 3.27 9.72 1.33
C VAL D 112 3.99 8.42 1.69
N GLN D 113 3.91 7.42 0.78
CA GLN D 113 4.56 6.12 0.91
C GLN D 113 6.08 6.23 0.82
N GLN D 114 6.60 7.29 0.18
CA GLN D 114 8.04 7.52 0.03
C GLN D 114 8.74 7.80 1.36
N PHE D 115 7.98 8.15 2.41
CA PHE D 115 8.53 8.39 3.75
C PHE D 115 9.10 7.12 4.34
N SER D 116 8.52 5.96 3.97
CA SER D 116 8.95 4.62 4.38
C SER D 116 10.44 4.34 4.02
N ILE D 117 10.98 5.01 2.98
CA ILE D 117 12.38 4.90 2.55
C ILE D 117 13.26 5.54 3.63
N LEU D 118 12.88 6.75 4.08
CA LEU D 118 13.63 7.48 5.09
C LEU D 118 13.46 6.91 6.52
N GLU D 119 12.50 5.98 6.71
CA GLU D 119 12.28 5.26 7.97
C GLU D 119 13.43 4.28 8.19
N THR D 120 14.13 3.88 7.10
CA THR D 120 15.26 2.95 7.15
C THR D 120 16.53 3.64 7.70
N MET D 121 16.54 4.98 7.71
CA MET D 121 17.64 5.76 8.25
C MET D 121 17.43 5.94 9.75
N THR D 122 18.45 5.62 10.54
CA THR D 122 18.37 5.75 12.01
C THR D 122 18.59 7.20 12.42
N ALA D 123 18.04 7.59 13.58
CA ALA D 123 18.19 8.93 14.14
C ALA D 123 19.67 9.26 14.36
N LEU D 124 20.47 8.26 14.82
CA LEU D 124 21.91 8.34 15.09
C LEU D 124 22.72 8.63 13.83
N ASP D 125 22.52 7.83 12.76
CA ASP D 125 23.19 7.98 11.46
C ASP D 125 22.80 9.29 10.77
N PHE D 126 21.60 9.79 11.05
CA PHE D 126 21.12 11.05 10.51
C PHE D 126 21.87 12.23 11.12
N ASN D 127 22.10 12.21 12.45
CA ASN D 127 22.79 13.28 13.18
C ASN D 127 24.29 13.38 12.85
N ASP D 128 24.87 12.29 12.29
CA ASP D 128 26.27 12.26 11.85
C ASP D 128 26.54 13.22 10.70
N PHE D 129 25.50 13.52 9.86
CA PHE D 129 25.62 14.45 8.73
C PHE D 129 24.76 15.73 8.87
N ARG D 130 23.79 15.74 9.82
CA ARG D 130 22.88 16.86 10.12
C ARG D 130 23.58 18.22 10.16
N GLU D 131 24.76 18.27 10.82
CA GLU D 131 25.63 19.44 11.00
C GLU D 131 26.09 20.07 9.66
N TYR D 132 26.40 19.22 8.66
CA TYR D 132 26.89 19.64 7.34
C TYR D 132 25.78 20.29 6.48
N LEU D 133 24.51 20.05 6.84
CA LEU D 133 23.33 20.55 6.12
C LEU D 133 23.00 22.02 6.39
N SER D 134 23.34 22.52 7.59
CA SER D 134 23.12 23.91 8.02
C SER D 134 23.85 24.91 7.10
N PRO D 135 23.24 26.08 6.76
CA PRO D 135 21.95 26.62 7.21
C PRO D 135 20.73 26.33 6.31
N ALA D 136 20.85 25.39 5.33
CA ALA D 136 19.76 25.02 4.41
C ALA D 136 18.51 24.54 5.17
N SER D 137 17.33 25.07 4.79
CA SER D 137 16.04 24.78 5.45
C SER D 137 15.00 24.15 4.53
N GLY D 138 13.99 23.53 5.16
CA GLY D 138 12.87 22.88 4.51
C GLY D 138 11.97 23.83 3.73
N PHE D 139 11.77 25.04 4.27
CA PHE D 139 10.97 26.07 3.58
C PHE D 139 11.86 26.96 2.68
N GLN D 140 12.86 26.33 2.04
CA GLN D 140 13.73 26.89 1.03
C GLN D 140 13.40 26.10 -0.26
N SER D 141 12.41 25.16 -0.13
CA SER D 141 11.89 24.32 -1.21
C SER D 141 10.89 25.15 -1.99
N LEU D 142 11.37 25.80 -3.05
CA LEU D 142 10.58 26.68 -3.91
C LEU D 142 9.37 25.96 -4.48
N GLN D 143 9.58 24.73 -5.00
CA GLN D 143 8.52 23.92 -5.62
C GLN D 143 7.37 23.65 -4.66
N PHE D 144 7.65 23.31 -3.39
CA PHE D 144 6.62 23.05 -2.39
C PHE D 144 5.78 24.28 -2.09
N ARG D 145 6.45 25.44 -2.01
CA ARG D 145 5.84 26.75 -1.75
C ARG D 145 4.95 27.15 -2.91
N LEU D 146 5.43 26.94 -4.17
CA LEU D 146 4.67 27.24 -5.38
C LEU D 146 3.43 26.36 -5.45
N LEU D 147 3.61 25.07 -5.11
CA LEU D 147 2.55 24.08 -5.08
C LEU D 147 1.45 24.48 -4.10
N GLU D 148 1.84 24.98 -2.90
CA GLU D 148 0.89 25.45 -1.89
C GLU D 148 0.13 26.68 -2.42
N ASN D 149 0.86 27.66 -2.97
CA ASN D 149 0.30 28.91 -3.47
C ASN D 149 -0.65 28.72 -4.64
N LYS D 150 -0.26 27.85 -5.60
CA LYS D 150 -1.07 27.56 -6.79
C LYS D 150 -2.37 26.84 -6.46
N ILE D 151 -2.40 26.04 -5.38
CA ILE D 151 -3.63 25.36 -4.95
C ILE D 151 -4.58 26.41 -4.32
N GLY D 152 -4.04 27.24 -3.43
CA GLY D 152 -4.80 28.29 -2.78
C GLY D 152 -4.55 28.48 -1.30
N VAL D 153 -3.39 28.01 -0.80
CA VAL D 153 -3.01 28.18 0.61
C VAL D 153 -2.77 29.67 0.79
N LEU D 154 -3.65 30.34 1.55
CA LEU D 154 -3.58 31.78 1.74
C LEU D 154 -2.57 32.22 2.79
N GLN D 155 -1.77 33.20 2.39
CA GLN D 155 -0.66 33.88 3.09
C GLN D 155 -1.08 34.43 4.46
N ASN D 156 -2.29 35.03 4.52
CA ASN D 156 -2.87 35.59 5.75
C ASN D 156 -3.26 34.44 6.69
N MET D 157 -3.86 33.39 6.11
CA MET D 157 -4.30 32.18 6.81
C MET D 157 -3.18 31.15 7.01
N ARG D 158 -1.91 31.61 7.14
CA ARG D 158 -0.78 30.72 7.37
C ARG D 158 0.03 31.15 8.60
N VAL D 159 0.46 30.14 9.36
CA VAL D 159 1.17 30.22 10.63
C VAL D 159 2.65 30.60 10.41
N PRO D 160 3.19 31.66 11.06
CA PRO D 160 4.61 32.02 10.84
C PRO D 160 5.59 31.26 11.76
N TYR D 161 6.76 30.88 11.21
CA TYR D 161 7.84 30.20 11.94
C TYR D 161 8.93 31.20 12.24
N ASN D 162 9.32 31.32 13.54
CA ASN D 162 10.34 32.24 14.05
C ASN D 162 9.93 33.70 13.74
N ARG D 163 8.60 34.00 13.91
CA ARG D 163 7.88 35.27 13.63
C ARG D 163 8.24 35.86 12.23
N ARG D 164 8.75 34.99 11.33
CA ARG D 164 9.19 35.27 9.96
C ARG D 164 8.13 34.76 8.95
N HIS D 165 8.06 35.42 7.78
CA HIS D 165 7.16 35.02 6.69
C HIS D 165 7.82 33.91 5.87
N TYR D 166 7.03 33.14 5.10
CA TYR D 166 7.55 32.05 4.27
C TYR D 166 8.41 32.55 3.09
N ARG D 167 8.08 33.75 2.56
CA ARG D 167 8.74 34.39 1.41
C ARG D 167 10.08 35.07 1.76
N ASP D 168 10.35 35.29 3.07
CA ASP D 168 11.58 35.92 3.55
C ASP D 168 12.83 35.01 3.38
N ASN D 169 12.63 33.68 3.32
CA ASN D 169 13.70 32.69 3.10
C ASN D 169 14.18 32.69 1.64
N PHE D 170 13.36 33.25 0.72
CA PHE D 170 13.66 33.33 -0.72
C PHE D 170 14.08 34.71 -1.14
N LYS D 171 14.94 34.75 -2.16
CA LYS D 171 15.45 36.00 -2.74
C LYS D 171 15.72 35.86 -4.23
N GLY D 172 15.75 37.01 -4.91
CA GLY D 172 16.02 37.10 -6.34
C GLY D 172 14.90 36.64 -7.25
N GLU D 173 15.28 35.90 -8.31
CA GLU D 173 14.39 35.32 -9.33
C GLU D 173 13.32 34.42 -8.70
N GLU D 174 13.70 33.67 -7.65
CA GLU D 174 12.84 32.75 -6.91
C GLU D 174 11.71 33.52 -6.23
N ASN D 175 12.06 34.63 -5.55
CA ASN D 175 11.10 35.53 -4.87
C ASN D 175 10.15 36.19 -5.88
N GLU D 176 10.63 36.44 -7.11
CA GLU D 176 9.85 37.03 -8.20
C GLU D 176 8.81 36.02 -8.71
N LEU D 177 9.22 34.75 -8.90
CA LEU D 177 8.41 33.63 -9.36
C LEU D 177 7.37 33.23 -8.30
N LEU D 178 7.76 33.35 -7.02
CA LEU D 178 6.93 33.04 -5.88
C LEU D 178 5.83 34.08 -5.68
N LEU D 179 6.04 35.32 -6.14
CA LEU D 179 5.01 36.35 -6.02
C LEU D 179 3.95 36.18 -7.09
N LYS D 180 4.35 35.66 -8.28
CA LYS D 180 3.46 35.38 -9.40
C LYS D 180 2.39 34.37 -8.98
N SER D 181 2.79 33.31 -8.25
CA SER D 181 1.90 32.26 -7.75
C SER D 181 0.81 32.81 -6.82
N GLU D 182 1.15 33.87 -6.04
CA GLU D 182 0.21 34.54 -5.11
C GLU D 182 -0.80 35.39 -5.89
N GLN D 183 -0.28 36.15 -6.86
CA GLN D 183 -1.04 37.09 -7.70
C GLN D 183 -1.98 36.40 -8.67
N GLU D 184 -1.44 35.47 -9.50
CA GLU D 184 -2.20 34.71 -10.51
C GLU D 184 -3.36 33.92 -9.90
N LYS D 185 -4.37 33.61 -10.72
CA LYS D 185 -5.56 32.86 -10.27
C LYS D 185 -5.16 31.47 -9.77
N THR D 186 -5.49 31.17 -8.49
CA THR D 186 -5.23 29.88 -7.83
C THR D 186 -6.29 28.87 -8.29
N LEU D 187 -6.03 27.58 -8.04
CA LEU D 187 -6.94 26.47 -8.36
C LEU D 187 -8.28 26.64 -7.63
N LEU D 188 -8.26 27.14 -6.39
CA LEU D 188 -9.47 27.41 -5.61
C LEU D 188 -10.30 28.51 -6.27
N GLU D 189 -9.64 29.66 -6.63
CA GLU D 189 -10.26 30.82 -7.30
C GLU D 189 -10.96 30.35 -8.60
N LEU D 190 -10.28 29.49 -9.38
CA LEU D 190 -10.77 28.95 -10.64
C LEU D 190 -11.91 27.95 -10.49
N VAL D 191 -11.85 27.09 -9.45
CA VAL D 191 -12.88 26.10 -9.14
C VAL D 191 -14.14 26.85 -8.64
N GLU D 192 -13.95 27.90 -7.81
CA GLU D 192 -15.01 28.77 -7.29
C GLU D 192 -15.78 29.36 -8.48
N ALA D 193 -15.06 29.96 -9.47
CA ALA D 193 -15.58 30.55 -10.69
C ALA D 193 -16.44 29.58 -11.48
N TRP D 194 -15.98 28.34 -11.63
CA TRP D 194 -16.66 27.24 -12.31
C TRP D 194 -17.88 26.82 -11.54
N LEU D 195 -17.79 26.76 -10.20
CA LEU D 195 -18.88 26.37 -9.31
C LEU D 195 -20.01 27.37 -9.33
N GLU D 196 -19.67 28.66 -9.50
CA GLU D 196 -20.62 29.77 -9.56
C GLU D 196 -21.52 29.65 -10.81
N ARG D 197 -20.95 29.15 -11.92
CA ARG D 197 -21.60 29.00 -13.22
C ARG D 197 -22.32 27.65 -13.39
N THR D 198 -22.65 26.95 -12.29
CA THR D 198 -23.35 25.66 -12.31
C THR D 198 -24.79 25.80 -12.79
N PRO D 199 -25.22 25.04 -13.83
CA PRO D 199 -26.61 25.14 -14.30
C PRO D 199 -27.62 24.58 -13.29
N GLY D 200 -28.72 25.31 -13.08
CA GLY D 200 -29.79 24.96 -12.16
C GLY D 200 -29.94 25.90 -10.98
N LEU D 201 -28.90 26.72 -10.71
CA LEU D 201 -28.88 27.71 -9.63
C LEU D 201 -29.74 28.94 -9.98
N GLU D 202 -30.05 29.13 -11.29
CA GLU D 202 -30.83 30.23 -11.87
C GLU D 202 -32.21 30.33 -11.22
N PRO D 203 -32.54 31.52 -10.67
CA PRO D 203 -33.80 31.68 -9.93
C PRO D 203 -35.08 31.69 -10.76
N HIS D 204 -34.96 31.79 -12.09
CA HIS D 204 -36.05 31.76 -13.06
C HIS D 204 -35.91 30.53 -14.00
N GLY D 205 -34.82 29.79 -13.76
CA GLY D 205 -34.48 28.53 -14.41
C GLY D 205 -34.99 27.38 -13.57
N PHE D 206 -34.09 26.46 -13.16
CA PHE D 206 -34.49 25.32 -12.34
C PHE D 206 -34.76 25.75 -10.89
N ASN D 207 -34.08 26.82 -10.43
CA ASN D 207 -34.13 27.37 -9.07
C ASN D 207 -33.91 26.27 -8.04
N PHE D 208 -32.66 25.82 -7.94
CA PHE D 208 -32.27 24.75 -7.04
C PHE D 208 -32.30 25.22 -5.60
N TRP D 209 -31.64 26.37 -5.32
CA TRP D 209 -31.56 26.95 -3.98
C TRP D 209 -32.92 27.27 -3.38
N GLY D 210 -33.83 27.80 -4.20
CA GLY D 210 -35.20 28.08 -3.79
C GLY D 210 -35.91 26.80 -3.40
N LYS D 211 -35.99 25.85 -4.37
CA LYS D 211 -36.60 24.54 -4.19
C LYS D 211 -36.05 23.84 -2.95
N LEU D 212 -34.72 23.93 -2.72
CA LEU D 212 -34.06 23.31 -1.58
C LEU D 212 -34.60 23.83 -0.28
N GLU D 213 -34.53 25.17 -0.07
CA GLU D 213 -34.98 25.92 1.09
C GLU D 213 -36.41 25.56 1.47
N LYS D 214 -37.34 25.47 0.47
CA LYS D 214 -38.75 25.11 0.66
C LYS D 214 -38.88 23.69 1.16
N ASN D 215 -38.18 22.75 0.48
CA ASN D 215 -38.14 21.33 0.81
C ASN D 215 -37.56 21.10 2.23
N ILE D 216 -36.50 21.85 2.61
CA ILE D 216 -35.90 21.71 3.95
C ILE D 216 -36.88 22.20 5.03
N THR D 217 -37.62 23.29 4.74
CA THR D 217 -38.62 23.83 5.67
C THR D 217 -39.73 22.81 5.91
N ARG D 218 -40.36 22.32 4.82
CA ARG D 218 -41.43 21.33 4.84
C ARG D 218 -40.98 20.00 5.46
N GLY D 219 -39.76 19.61 5.12
CA GLY D 219 -39.14 18.38 5.62
C GLY D 219 -38.99 18.39 7.12
N LEU D 220 -38.46 19.51 7.65
CA LEU D 220 -38.26 19.69 9.09
C LEU D 220 -39.60 19.69 9.83
N GLU D 221 -40.64 20.28 9.20
CA GLU D 221 -42.01 20.36 9.73
C GLU D 221 -42.55 18.95 9.96
N GLU D 222 -42.44 18.07 8.94
CA GLU D 222 -42.87 16.67 8.99
C GLU D 222 -42.10 15.87 10.04
N GLU D 223 -40.78 16.12 10.14
CA GLU D 223 -39.87 15.54 11.10
C GLU D 223 -40.25 15.97 12.53
N PHE D 224 -40.77 17.20 12.67
CA PHE D 224 -41.20 17.75 13.96
C PHE D 224 -42.47 17.12 14.48
N ILE D 225 -43.53 17.02 13.65
CA ILE D 225 -44.79 16.40 14.07
C ILE D 225 -44.60 14.90 14.32
N ARG D 226 -43.57 14.31 13.71
CA ARG D 226 -43.20 12.91 13.93
C ARG D 226 -42.62 12.80 15.36
N ILE D 227 -41.75 13.75 15.75
CA ILE D 227 -41.13 13.77 17.09
C ILE D 227 -42.17 14.21 18.16
N GLN D 228 -43.12 15.10 17.79
CA GLN D 228 -44.17 15.60 18.68
C GLN D 228 -45.20 14.54 19.05
N ALA D 229 -45.70 13.79 18.06
CA ALA D 229 -46.67 12.71 18.28
C ALA D 229 -46.06 11.49 19.00
N LYS D 230 -44.70 11.37 18.98
CA LYS D 230 -43.94 10.27 19.61
C LYS D 230 -44.19 10.26 21.13
N GLU D 231 -44.34 9.05 21.71
CA GLU D 231 -44.61 8.84 23.13
C GLU D 231 -43.50 9.44 24.01
N GLU D 232 -43.86 10.49 24.79
CA GLU D 232 -43.01 11.30 25.68
C GLU D 232 -42.08 10.50 26.58
N SER D 233 -40.80 10.50 26.24
CA SER D 233 -39.75 9.76 26.93
C SER D 233 -38.49 10.62 27.07
N GLU D 234 -37.37 9.97 27.48
CA GLU D 234 -36.04 10.57 27.60
C GLU D 234 -35.51 10.81 26.18
N GLU D 235 -35.69 9.80 25.29
CA GLU D 235 -35.28 9.84 23.88
C GLU D 235 -36.14 10.82 23.10
N LYS D 236 -37.38 11.12 23.57
CA LYS D 236 -38.29 12.09 22.94
C LYS D 236 -37.76 13.52 23.14
N GLU D 237 -37.24 13.81 24.34
CA GLU D 237 -36.68 15.11 24.70
C GLU D 237 -35.25 15.23 24.16
N GLU D 238 -34.51 14.10 24.09
CA GLU D 238 -33.15 14.00 23.56
C GLU D 238 -33.17 14.27 22.05
N GLN D 239 -34.23 13.79 21.36
CA GLN D 239 -34.47 13.98 19.94
C GLN D 239 -34.89 15.42 19.63
N VAL D 240 -35.62 16.09 20.55
CA VAL D 240 -36.03 17.50 20.37
C VAL D 240 -34.79 18.40 20.37
N ALA D 241 -33.86 18.17 21.32
CA ALA D 241 -32.59 18.89 21.46
C ALA D 241 -31.73 18.74 20.19
N GLU D 242 -31.70 17.51 19.61
CA GLU D 242 -30.97 17.22 18.39
C GLU D 242 -31.68 17.85 17.18
N PHE D 243 -33.04 17.81 17.15
CA PHE D 243 -33.86 18.40 16.07
C PHE D 243 -33.62 19.89 16.00
N GLN D 244 -33.67 20.56 17.15
CA GLN D 244 -33.45 22.00 17.26
C GLN D 244 -32.06 22.38 16.78
N LYS D 245 -31.02 21.57 17.09
CA LYS D 245 -29.64 21.82 16.64
C LYS D 245 -29.50 21.63 15.12
N GLN D 246 -30.10 20.56 14.56
CA GLN D 246 -30.05 20.26 13.13
C GLN D 246 -30.82 21.28 12.33
N LYS D 247 -31.99 21.72 12.85
CA LYS D 247 -32.86 22.74 12.23
C LYS D 247 -32.07 24.05 12.07
N GLU D 248 -31.34 24.43 13.13
CA GLU D 248 -30.51 25.64 13.20
C GLU D 248 -29.44 25.60 12.12
N VAL D 249 -28.73 24.43 12.04
CA VAL D 249 -27.65 24.12 11.10
C VAL D 249 -28.15 24.19 9.66
N LEU D 250 -29.22 23.43 9.35
CA LEU D 250 -29.80 23.38 8.02
C LEU D 250 -30.27 24.73 7.48
N LEU D 251 -30.91 25.53 8.32
CA LEU D 251 -31.38 26.83 7.86
C LEU D 251 -30.25 27.89 7.82
N SER D 252 -29.12 27.66 8.56
CA SER D 252 -27.93 28.55 8.59
C SER D 252 -27.27 28.66 7.20
N LEU D 253 -27.57 27.67 6.37
CA LEU D 253 -27.13 27.51 5.00
C LEU D 253 -27.78 28.58 4.11
N PHE D 254 -28.94 29.12 4.54
CA PHE D 254 -29.71 30.12 3.78
C PHE D 254 -29.47 31.57 4.27
N ASP D 255 -28.45 31.76 5.12
CA ASP D 255 -28.01 33.03 5.68
C ASP D 255 -26.72 33.44 4.94
N GLU D 256 -26.86 34.28 3.91
CA GLU D 256 -25.70 34.72 3.14
C GLU D 256 -24.76 35.65 3.90
N LYS D 257 -25.28 36.51 4.80
CA LYS D 257 -24.42 37.39 5.59
C LYS D 257 -23.54 36.60 6.55
N ARG D 258 -24.07 35.50 7.15
CA ARG D 258 -23.30 34.60 8.03
C ARG D 258 -22.12 34.04 7.24
N HIS D 259 -22.39 33.57 6.00
CA HIS D 259 -21.38 33.03 5.10
C HIS D 259 -20.28 34.06 4.83
N GLU D 260 -20.68 35.31 4.50
CA GLU D 260 -19.81 36.45 4.24
C GLU D 260 -18.90 36.78 5.43
N HIS D 261 -19.42 36.59 6.66
CA HIS D 261 -18.72 36.83 7.92
C HIS D 261 -17.72 35.72 8.18
N LEU D 262 -18.10 34.47 7.84
CA LEU D 262 -17.22 33.30 8.01
C LEU D 262 -16.08 33.30 7.00
N LEU D 263 -16.31 33.88 5.81
CA LEU D 263 -15.30 34.02 4.74
C LEU D 263 -14.18 34.96 5.17
N SER D 264 -14.53 36.09 5.81
CA SER D 264 -13.59 37.11 6.30
C SER D 264 -12.74 36.56 7.45
N LYS D 265 -13.34 35.70 8.30
CA LYS D 265 -12.67 35.04 9.42
C LYS D 265 -11.71 33.95 8.91
N GLY D 266 -11.99 33.43 7.71
CA GLY D 266 -11.21 32.37 7.06
C GLY D 266 -11.79 30.99 7.24
N GLU D 267 -12.89 30.89 8.05
CA GLU D 267 -13.58 29.64 8.36
C GLU D 267 -14.23 28.96 7.13
N ARG D 268 -14.43 29.74 6.04
CA ARG D 268 -14.96 29.28 4.76
C ARG D 268 -14.11 29.92 3.67
N ARG D 269 -13.96 29.24 2.50
CA ARG D 269 -13.12 29.73 1.40
C ARG D 269 -13.88 30.09 0.13
N LEU D 270 -14.87 29.26 -0.22
CA LEU D 270 -15.71 29.44 -1.41
C LEU D 270 -16.77 30.51 -1.18
N SER D 271 -17.14 31.24 -2.25
CA SER D 271 -18.19 32.24 -2.27
C SER D 271 -19.55 31.54 -2.08
N TYR D 272 -20.59 32.31 -1.68
CA TYR D 272 -21.91 31.74 -1.43
C TYR D 272 -22.50 30.98 -2.63
N ARG D 273 -22.37 31.54 -3.86
CA ARG D 273 -22.88 30.91 -5.08
C ARG D 273 -22.10 29.65 -5.43
N ALA D 274 -20.77 29.64 -5.13
CA ALA D 274 -19.92 28.48 -5.36
C ALA D 274 -20.37 27.33 -4.47
N LEU D 275 -20.69 27.64 -3.19
CA LEU D 275 -21.18 26.68 -2.19
C LEU D 275 -22.48 26.04 -2.65
N GLN D 276 -23.35 26.81 -3.33
CA GLN D 276 -24.64 26.33 -3.87
C GLN D 276 -24.39 25.31 -5.01
N GLY D 277 -23.45 25.64 -5.91
CA GLY D 277 -23.06 24.78 -7.00
C GLY D 277 -22.48 23.47 -6.50
N ALA D 278 -21.59 23.55 -5.50
CA ALA D 278 -20.94 22.40 -4.87
C ALA D 278 -21.96 21.45 -4.26
N LEU D 279 -22.97 22.02 -3.55
CA LEU D 279 -24.06 21.25 -2.95
C LEU D 279 -24.93 20.57 -3.99
N MET D 280 -25.09 21.21 -5.16
CA MET D 280 -25.90 20.66 -6.24
C MET D 280 -25.25 19.42 -6.82
N ILE D 281 -23.94 19.49 -7.09
CA ILE D 281 -23.16 18.37 -7.62
C ILE D 281 -23.15 17.25 -6.57
N TYR D 282 -22.92 17.60 -5.29
CA TYR D 282 -22.90 16.68 -4.15
C TYR D 282 -24.19 15.87 -4.00
N PHE D 283 -25.36 16.52 -4.19
CA PHE D 283 -26.66 15.84 -4.09
C PHE D 283 -26.99 15.04 -5.35
N TYR D 284 -26.73 15.61 -6.53
CA TYR D 284 -27.01 14.97 -7.80
C TYR D 284 -25.81 14.19 -8.37
N ARG D 285 -24.92 13.67 -7.48
CA ARG D 285 -23.70 12.89 -7.84
C ARG D 285 -24.00 11.63 -8.67
N GLU D 286 -25.16 11.00 -8.44
CA GLU D 286 -25.63 9.80 -9.15
C GLU D 286 -26.19 10.15 -10.54
N GLU D 287 -26.49 11.44 -10.80
CA GLU D 287 -27.01 11.87 -12.09
C GLU D 287 -25.94 11.85 -13.14
N PRO D 288 -26.28 11.49 -14.40
CA PRO D 288 -25.26 11.46 -15.47
C PRO D 288 -24.57 12.79 -15.74
N ARG D 289 -25.29 13.91 -15.63
CA ARG D 289 -24.72 15.23 -15.88
C ARG D 289 -23.73 15.66 -14.76
N PHE D 290 -23.89 15.08 -13.54
CA PHE D 290 -23.09 15.46 -12.37
C PHE D 290 -22.09 14.40 -11.88
N GLN D 291 -21.86 13.33 -12.66
CA GLN D 291 -20.90 12.30 -12.26
C GLN D 291 -19.45 12.81 -12.35
N VAL D 292 -19.05 13.36 -13.52
CA VAL D 292 -17.72 13.90 -13.81
C VAL D 292 -17.46 15.16 -12.93
N PRO D 293 -18.36 16.17 -12.82
CA PRO D 293 -18.07 17.30 -11.93
C PRO D 293 -17.82 16.87 -10.48
N PHE D 294 -18.51 15.81 -10.02
CA PHE D 294 -18.33 15.25 -8.69
C PHE D 294 -16.97 14.60 -8.55
N GLN D 295 -16.53 13.83 -9.58
CA GLN D 295 -15.22 13.20 -9.64
C GLN D 295 -14.14 14.26 -9.41
N LEU D 296 -14.29 15.46 -10.06
CA LEU D 296 -13.37 16.57 -9.86
C LEU D 296 -13.36 17.00 -8.39
N LEU D 297 -14.56 17.22 -7.81
CA LEU D 297 -14.69 17.62 -6.40
C LEU D 297 -14.04 16.61 -5.48
N THR D 298 -14.21 15.31 -5.78
CA THR D 298 -13.61 14.20 -5.07
C THR D 298 -12.09 14.30 -5.13
N SER D 299 -11.52 14.41 -6.34
CA SER D 299 -10.08 14.55 -6.55
C SER D 299 -9.51 15.77 -5.80
N LEU D 300 -10.21 16.91 -5.81
CA LEU D 300 -9.79 18.11 -5.08
C LEU D 300 -9.70 17.86 -3.58
N MET D 301 -10.68 17.11 -3.02
CA MET D 301 -10.73 16.73 -1.61
C MET D 301 -9.61 15.74 -1.33
N ASP D 302 -9.38 14.77 -2.26
CA ASP D 302 -8.30 13.76 -2.17
C ASP D 302 -6.95 14.46 -2.09
N ILE D 303 -6.71 15.47 -2.98
CA ILE D 303 -5.48 16.27 -3.02
C ILE D 303 -5.24 16.94 -1.67
N ASP D 304 -6.26 17.55 -1.08
CA ASP D 304 -6.23 18.22 0.22
C ASP D 304 -5.97 17.25 1.38
N SER D 305 -6.57 16.02 1.30
CA SER D 305 -6.42 14.94 2.29
C SER D 305 -4.99 14.43 2.26
N LEU D 306 -4.46 14.15 1.04
CA LEU D 306 -3.10 13.66 0.83
C LEU D 306 -2.02 14.70 1.14
N MET D 307 -2.33 15.97 0.94
CA MET D 307 -1.43 17.06 1.26
C MET D 307 -1.29 17.10 2.77
N THR D 308 -2.37 16.77 3.49
CA THR D 308 -2.41 16.71 4.95
C THR D 308 -1.63 15.48 5.43
N LYS D 309 -1.92 14.29 4.85
CA LYS D 309 -1.22 13.03 5.17
C LYS D 309 0.28 13.17 4.93
N TRP D 310 0.70 13.95 3.90
CA TRP D 310 2.12 14.22 3.60
C TRP D 310 2.70 15.03 4.75
N ARG D 311 2.00 16.10 5.20
CA ARG D 311 2.42 17.00 6.28
C ARG D 311 2.53 16.24 7.61
N TYR D 312 1.55 15.34 7.87
CA TYR D 312 1.47 14.49 9.05
C TYR D 312 2.63 13.51 9.05
N ASN D 313 2.86 12.77 7.95
CA ASN D 313 3.97 11.82 7.83
C ASN D 313 5.33 12.48 7.89
N HIS D 314 5.39 13.75 7.47
CA HIS D 314 6.61 14.55 7.54
C HIS D 314 6.84 14.96 8.99
N VAL D 315 5.76 15.27 9.73
CA VAL D 315 5.89 15.70 11.12
C VAL D 315 6.24 14.49 12.05
N CYS D 316 5.88 13.24 11.67
CA CYS D 316 6.22 12.02 12.40
C CYS D 316 7.71 11.75 12.20
N MET D 317 8.22 12.09 10.99
CA MET D 317 9.61 11.96 10.59
C MET D 317 10.47 12.95 11.38
N VAL D 318 10.06 14.25 11.44
CA VAL D 318 10.81 15.29 12.19
C VAL D 318 10.75 15.04 13.70
N HIS D 319 9.70 14.34 14.23
CA HIS D 319 9.59 14.03 15.65
C HIS D 319 10.50 12.88 16.05
N ARG D 320 10.91 12.02 15.11
CA ARG D 320 11.81 10.92 15.44
C ARG D 320 13.25 11.14 14.94
N MET D 321 13.46 12.11 14.01
CA MET D 321 14.80 12.47 13.51
C MET D 321 15.37 13.59 14.36
N LEU D 322 14.53 14.59 14.69
CA LEU D 322 14.83 15.74 15.56
C LEU D 322 13.90 15.64 16.80
N GLY D 323 13.87 16.68 17.63
CA GLY D 323 13.04 16.68 18.82
C GLY D 323 11.70 17.40 18.70
N SER D 324 10.86 17.25 19.73
CA SER D 324 9.55 17.90 19.84
C SER D 324 9.72 19.40 20.14
N LYS D 325 10.89 19.78 20.71
CA LYS D 325 11.25 21.15 21.08
C LYS D 325 12.37 21.72 20.18
N ALA D 326 13.20 20.83 19.60
CA ALA D 326 14.30 21.19 18.70
C ALA D 326 13.75 21.73 17.39
N GLY D 327 14.34 22.81 16.91
CA GLY D 327 13.95 23.46 15.67
C GLY D 327 15.04 24.33 15.07
N THR D 328 14.65 25.51 14.56
CA THR D 328 15.54 26.50 13.95
C THR D 328 15.28 27.88 14.61
N GLY D 329 16.31 28.37 15.29
CA GLY D 329 16.33 29.66 15.98
C GLY D 329 15.52 29.76 17.26
N GLY D 330 15.42 28.66 17.99
CA GLY D 330 14.69 28.59 19.26
C GLY D 330 13.20 28.39 19.08
N SER D 331 12.81 27.95 17.87
CA SER D 331 11.41 27.73 17.50
C SER D 331 10.95 26.27 17.65
N SER D 332 9.63 26.10 17.56
CA SER D 332 8.82 24.89 17.67
C SER D 332 9.37 23.63 16.96
N GLY D 333 9.68 23.73 15.66
CA GLY D 333 10.17 22.60 14.87
C GLY D 333 9.05 21.62 14.58
N TYR D 334 8.81 20.66 15.51
CA TYR D 334 7.72 19.67 15.44
C TYR D 334 6.35 20.34 15.68
N HIS D 335 6.29 21.30 16.64
CA HIS D 335 5.07 22.03 17.02
C HIS D 335 4.53 22.90 15.87
N TYR D 336 5.41 23.55 15.07
CA TYR D 336 4.98 24.38 13.93
C TYR D 336 4.40 23.51 12.83
N LEU D 337 5.10 22.41 12.48
CA LEU D 337 4.67 21.48 11.44
C LEU D 337 3.42 20.68 11.87
N ARG D 338 3.07 20.72 13.18
CA ARG D 338 1.85 20.11 13.73
C ARG D 338 0.67 21.10 13.60
N SER D 339 0.97 22.43 13.48
CA SER D 339 -0.05 23.49 13.30
C SER D 339 -0.45 23.64 11.81
N THR D 340 0.33 23.02 10.91
CA THR D 340 0.10 22.97 9.47
C THR D 340 -0.87 21.80 9.20
N VAL D 341 -0.78 20.72 10.02
CA VAL D 341 -1.67 19.54 9.98
C VAL D 341 -2.99 19.96 10.69
N SER D 342 -3.70 20.93 10.05
CA SER D 342 -4.95 21.54 10.52
C SER D 342 -5.88 21.89 9.35
N ASP D 343 -7.16 22.18 9.66
CA ASP D 343 -8.18 22.53 8.68
C ASP D 343 -7.95 23.88 8.01
N ARG D 344 -7.10 24.75 8.61
CA ARG D 344 -6.77 26.07 8.04
C ARG D 344 -5.91 25.93 6.78
N TYR D 345 -5.10 24.86 6.70
CA TYR D 345 -4.26 24.57 5.55
C TYR D 345 -5.04 23.81 4.47
N LYS D 346 -6.24 23.32 4.83
CA LYS D 346 -7.14 22.64 3.90
C LYS D 346 -7.86 23.72 3.08
N VAL D 347 -7.46 23.84 1.80
CA VAL D 347 -7.99 24.81 0.82
C VAL D 347 -9.47 24.52 0.51
N PHE D 348 -9.77 23.24 0.24
CA PHE D 348 -11.10 22.77 -0.12
C PHE D 348 -11.87 22.29 1.09
N VAL D 349 -11.82 23.13 2.16
CA VAL D 349 -12.45 22.89 3.45
C VAL D 349 -13.97 22.86 3.31
N ASP D 350 -14.54 23.74 2.46
CA ASP D 350 -15.99 23.84 2.20
C ASP D 350 -16.54 22.55 1.63
N LEU D 351 -15.75 21.89 0.76
CA LEU D 351 -16.10 20.61 0.14
C LEU D 351 -16.20 19.49 1.18
N PHE D 352 -15.34 19.52 2.20
CA PHE D 352 -15.37 18.53 3.29
C PHE D 352 -16.62 18.71 4.16
N ASN D 353 -17.06 19.97 4.33
CA ASN D 353 -18.23 20.35 5.13
C ASN D 353 -19.58 20.13 4.43
N LEU D 354 -19.58 19.78 3.12
CA LEU D 354 -20.81 19.51 2.39
C LEU D 354 -21.62 18.42 3.11
N SER D 355 -20.93 17.41 3.68
CA SER D 355 -21.54 16.30 4.42
C SER D 355 -22.35 16.75 5.65
N THR D 356 -21.97 17.90 6.25
CA THR D 356 -22.67 18.43 7.44
C THR D 356 -24.05 18.99 7.05
N TYR D 357 -24.38 19.01 5.74
CA TYR D 357 -25.65 19.51 5.20
C TYR D 357 -26.40 18.47 4.43
N LEU D 358 -26.07 17.18 4.64
CA LEU D 358 -26.80 16.12 3.92
C LEU D 358 -28.17 15.94 4.54
N ILE D 359 -29.16 15.86 3.66
CA ILE D 359 -30.58 15.74 3.98
C ILE D 359 -31.15 14.44 3.41
N PRO D 360 -32.20 13.84 4.01
CA PRO D 360 -32.78 12.61 3.44
C PRO D 360 -33.06 12.71 1.94
N ARG D 361 -32.78 11.63 1.20
CA ARG D 361 -32.89 11.54 -0.27
C ARG D 361 -34.15 12.19 -0.88
N HIS D 362 -35.34 12.00 -0.24
CA HIS D 362 -36.60 12.54 -0.74
C HIS D 362 -36.74 14.06 -0.58
N TRP D 363 -35.95 14.69 0.31
CA TRP D 363 -35.96 16.15 0.50
C TRP D 363 -35.26 16.85 -0.66
N ILE D 364 -34.36 16.15 -1.36
CA ILE D 364 -33.61 16.69 -2.48
C ILE D 364 -34.55 16.99 -3.68
N PRO D 365 -34.57 18.26 -4.18
CA PRO D 365 -35.48 18.62 -5.31
C PRO D 365 -35.34 17.73 -6.54
N LYS D 366 -36.48 17.39 -7.15
CA LYS D 366 -36.58 16.53 -8.33
C LYS D 366 -35.94 17.19 -9.58
N MET D 367 -35.09 16.44 -10.31
CA MET D 367 -34.40 16.90 -11.51
C MET D 367 -35.22 16.82 -12.82
N ASN D 368 -36.04 15.74 -12.97
CA ASN D 368 -36.93 15.45 -14.11
C ASN D 368 -37.90 14.31 -13.80
#